data_7NA3
# 
_entry.id   7NA3 
# 
_audit_conform.dict_name       mmcif_pdbx.dic 
_audit_conform.dict_version    5.392 
_audit_conform.dict_location   http://mmcif.pdb.org/dictionaries/ascii/mmcif_pdbx.dic 
# 
loop_
_database_2.database_id 
_database_2.database_code 
_database_2.pdbx_database_accession 
_database_2.pdbx_DOI 
PDB   7NA3         pdb_00007na3 10.2210/pdb7na3/pdb 
WWPDB D_1000257665 ?            ?                   
# 
loop_
_pdbx_audit_revision_history.ordinal 
_pdbx_audit_revision_history.data_content_type 
_pdbx_audit_revision_history.major_revision 
_pdbx_audit_revision_history.minor_revision 
_pdbx_audit_revision_history.revision_date 
1 'Structure model' 1 0 2021-11-10 
2 'Structure model' 1 1 2021-11-24 
3 'Structure model' 1 2 2024-05-22 
# 
_pdbx_audit_revision_details.ordinal             1 
_pdbx_audit_revision_details.revision_ordinal    1 
_pdbx_audit_revision_details.data_content_type   'Structure model' 
_pdbx_audit_revision_details.provider            repository 
_pdbx_audit_revision_details.type                'Initial release' 
_pdbx_audit_revision_details.description         ? 
_pdbx_audit_revision_details.details             ? 
# 
loop_
_pdbx_audit_revision_group.ordinal 
_pdbx_audit_revision_group.revision_ordinal 
_pdbx_audit_revision_group.data_content_type 
_pdbx_audit_revision_group.group 
1 2 'Structure model' 'Database references' 
2 3 'Structure model' 'Data collection'     
# 
loop_
_pdbx_audit_revision_category.ordinal 
_pdbx_audit_revision_category.revision_ordinal 
_pdbx_audit_revision_category.data_content_type 
_pdbx_audit_revision_category.category 
1 2 'Structure model' citation        
2 2 'Structure model' citation_author 
3 3 'Structure model' chem_comp_atom  
4 3 'Structure model' chem_comp_bond  
# 
loop_
_pdbx_audit_revision_item.ordinal 
_pdbx_audit_revision_item.revision_ordinal 
_pdbx_audit_revision_item.data_content_type 
_pdbx_audit_revision_item.item 
1 2 'Structure model' '_citation.journal_volume'          
2 2 'Structure model' '_citation.page_first'              
3 2 'Structure model' '_citation.page_last'               
4 2 'Structure model' '_citation_author.identifier_ORCID' 
# 
_pdbx_database_status.status_code                     REL 
_pdbx_database_status.status_code_sf                  REL 
_pdbx_database_status.status_code_mr                  ? 
_pdbx_database_status.entry_id                        7NA3 
_pdbx_database_status.recvd_initial_deposition_date   2021-06-19 
_pdbx_database_status.SG_entry                        N 
_pdbx_database_status.deposit_site                    RCSB 
_pdbx_database_status.process_site                    RCSB 
_pdbx_database_status.status_code_cs                  ? 
_pdbx_database_status.status_code_nmr_data            ? 
_pdbx_database_status.methods_development_category    ? 
_pdbx_database_status.pdb_format_compatible           Y 
# 
_audit_author.name               'Scapin, G.' 
_audit_author.pdbx_ordinal       1 
_audit_author.identifier_ORCID   0000-0002-0724-2286 
# 
_citation.abstract                  ? 
_citation.abstract_id_CAS           ? 
_citation.book_id_ISBN              ? 
_citation.book_publisher            ? 
_citation.book_publisher_city       ? 
_citation.book_title                ? 
_citation.coordinate_linkage        ? 
_citation.country                   US 
_citation.database_id_Medline       ? 
_citation.details                   ? 
_citation.id                        primary 
_citation.journal_abbrev            J.Med.Chem. 
_citation.journal_id_ASTM           JMCMAR 
_citation.journal_id_CSD            0151 
_citation.journal_id_ISSN           0022-2623 
_citation.journal_full              ? 
_citation.journal_issue             ? 
_citation.journal_volume            64 
_citation.language                  ? 
_citation.page_first                16213 
_citation.page_last                 16241 
_citation.title                     'Discovery of MK-4688 : an Efficient Inhibitor of the HDM2-p53 Protein-Protein Interaction.' 
_citation.year                      2021 
_citation.database_id_CSD           ? 
_citation.pdbx_database_id_DOI      10.1021/acs.jmedchem.1c01524 
_citation.pdbx_database_id_PubMed   34714078 
_citation.pdbx_database_id_patent   ? 
_citation.unpublished_flag          ? 
# 
loop_
_citation_author.citation_id 
_citation_author.name 
_citation_author.ordinal 
_citation_author.identifier_ORCID 
primary 'Reutershan, M.H.' 1  ? 
primary 'Machacek, M.R.'   2  ? 
primary 'Altman, M.D.'     3  ? 
primary 'Bogen, S.'        4  ? 
primary 'Cai, M.'          5  ? 
primary 'Cammarano, C.'    6  ? 
primary 'Chen, D.'         7  ? 
primary 'Christopher, M.'  8  ? 
primary 'Cryan, J.'        9  ? 
primary 'Daublain, P.'     10 ? 
primary 'Fradera, X.'      11 ? 
primary 'Geda, P.'         12 ? 
primary 'Goldenblatt, P.'  13 ? 
primary 'Hill, A.D.'       14 ? 
primary 'Kemper, R.A.'     15 ? 
primary 'Kutilek, V.'      16 ? 
primary 'Li, C.'           17 ? 
primary 'Martinez, M.'     18 ? 
primary 'McCoy, M.'        19 ? 
primary 'Nair, L.'         20 ? 
primary 'Pan, W.'          21 ? 
primary 'Thompson, C.F.'   22 ? 
primary 'Scapin, G.'       23 ? 
primary 'Shizuka, M.'      24 ? 
primary 'Spatz, M.L.'      25 ? 
primary 'Steinhuebel, D.'  26 ? 
primary 'Sun, B.'          27 ? 
primary 'Voss, M.E.'       28 ? 
primary 'Wang, X.'         29 ? 
primary 'Yang, L.'         30 ? 
primary 'Yeh, T.C.'        31 ? 
primary 'Dussault, I.'     32 ? 
primary 'Marshall, C.G.'   33 ? 
primary 'Trotter, B.W.'    34 ? 
# 
loop_
_entity.id 
_entity.type 
_entity.src_method 
_entity.pdbx_description 
_entity.formula_weight 
_entity.pdbx_number_of_molecules 
_entity.pdbx_ec 
_entity.pdbx_mutation 
_entity.pdbx_fragment 
_entity.details 
1 polymer     man 'Isoform 11 of E3 ubiquitin-protein ligase Mdm2' 12592.401 1  2.3.2.27 ? ? ? 
2 non-polymer syn 
;3-[4-(5-chloropyridin-3-yl)-2-[(2S)-1-methoxypropan-2-yl]-3-{(1R)-1-[(1r,4R)-4-methylcyclohexyl]ethyl}-3H-imidazo[4,5-c]pyridin-6-yl]-1,2,4-oxadiazol-5(4H)-one
;
511.016   1  ?        ? ? ? 
3 non-polymer syn 'SULFATE ION' 96.063    4  ?        ? ? ? 
4 water       nat water 18.015    11 ?        ? ? ? 
# 
_entity_name_com.entity_id   1 
_entity_name_com.name        
'Double minute 2 protein,Hdm2,Oncoprotein Mdm2,RING-type E3 ubiquitin transferase Mdm2,p53-binding protein Mdm2' 
# 
_entity_poly.entity_id                      1 
_entity_poly.type                           'polypeptide(L)' 
_entity_poly.nstd_linkage                   no 
_entity_poly.nstd_monomer                   no 
_entity_poly.pdbx_seq_one_letter_code       
;GSQIPASEQETLVRPKPLLLKLLKSVGAQKDTYTMKEVLFYLGQYIMTKRLYDEKQQHIVYCSNDLLGDLFGVPSFSVKE
HRKIYTMIYRNLVVVNQQESSDSGTSVSEN
;
_entity_poly.pdbx_seq_one_letter_code_can   
;GSQIPASEQETLVRPKPLLLKLLKSVGAQKDTYTMKEVLFYLGQYIMTKRLYDEKQQHIVYCSNDLLGDLFGVPSFSVKE
HRKIYTMIYRNLVVVNQQESSDSGTSVSEN
;
_entity_poly.pdbx_strand_id                 A 
_entity_poly.pdbx_target_identifier         ? 
# 
loop_
_pdbx_entity_nonpoly.entity_id 
_pdbx_entity_nonpoly.name 
_pdbx_entity_nonpoly.comp_id 
2 
;3-[4-(5-chloropyridin-3-yl)-2-[(2S)-1-methoxypropan-2-yl]-3-{(1R)-1-[(1r,4R)-4-methylcyclohexyl]ethyl}-3H-imidazo[4,5-c]pyridin-6-yl]-1,2,4-oxadiazol-5(4H)-one
;
1I3 
3 'SULFATE ION' SO4 
4 water HOH 
# 
loop_
_entity_poly_seq.entity_id 
_entity_poly_seq.num 
_entity_poly_seq.mon_id 
_entity_poly_seq.hetero 
1 1   GLY n 
1 2   SER n 
1 3   GLN n 
1 4   ILE n 
1 5   PRO n 
1 6   ALA n 
1 7   SER n 
1 8   GLU n 
1 9   GLN n 
1 10  GLU n 
1 11  THR n 
1 12  LEU n 
1 13  VAL n 
1 14  ARG n 
1 15  PRO n 
1 16  LYS n 
1 17  PRO n 
1 18  LEU n 
1 19  LEU n 
1 20  LEU n 
1 21  LYS n 
1 22  LEU n 
1 23  LEU n 
1 24  LYS n 
1 25  SER n 
1 26  VAL n 
1 27  GLY n 
1 28  ALA n 
1 29  GLN n 
1 30  LYS n 
1 31  ASP n 
1 32  THR n 
1 33  TYR n 
1 34  THR n 
1 35  MET n 
1 36  LYS n 
1 37  GLU n 
1 38  VAL n 
1 39  LEU n 
1 40  PHE n 
1 41  TYR n 
1 42  LEU n 
1 43  GLY n 
1 44  GLN n 
1 45  TYR n 
1 46  ILE n 
1 47  MET n 
1 48  THR n 
1 49  LYS n 
1 50  ARG n 
1 51  LEU n 
1 52  TYR n 
1 53  ASP n 
1 54  GLU n 
1 55  LYS n 
1 56  GLN n 
1 57  GLN n 
1 58  HIS n 
1 59  ILE n 
1 60  VAL n 
1 61  TYR n 
1 62  CYS n 
1 63  SER n 
1 64  ASN n 
1 65  ASP n 
1 66  LEU n 
1 67  LEU n 
1 68  GLY n 
1 69  ASP n 
1 70  LEU n 
1 71  PHE n 
1 72  GLY n 
1 73  VAL n 
1 74  PRO n 
1 75  SER n 
1 76  PHE n 
1 77  SER n 
1 78  VAL n 
1 79  LYS n 
1 80  GLU n 
1 81  HIS n 
1 82  ARG n 
1 83  LYS n 
1 84  ILE n 
1 85  TYR n 
1 86  THR n 
1 87  MET n 
1 88  ILE n 
1 89  TYR n 
1 90  ARG n 
1 91  ASN n 
1 92  LEU n 
1 93  VAL n 
1 94  VAL n 
1 95  VAL n 
1 96  ASN n 
1 97  GLN n 
1 98  GLN n 
1 99  GLU n 
1 100 SER n 
1 101 SER n 
1 102 ASP n 
1 103 SER n 
1 104 GLY n 
1 105 THR n 
1 106 SER n 
1 107 VAL n 
1 108 SER n 
1 109 GLU n 
1 110 ASN n 
# 
_entity_src_gen.entity_id                          1 
_entity_src_gen.pdbx_src_id                        1 
_entity_src_gen.pdbx_alt_source_flag               sample 
_entity_src_gen.pdbx_seq_type                      'Biological sequence' 
_entity_src_gen.pdbx_beg_seq_num                   1 
_entity_src_gen.pdbx_end_seq_num                   110 
_entity_src_gen.gene_src_common_name               Human 
_entity_src_gen.gene_src_genus                     ? 
_entity_src_gen.pdbx_gene_src_gene                 MDM2 
_entity_src_gen.gene_src_species                   ? 
_entity_src_gen.gene_src_strain                    ? 
_entity_src_gen.gene_src_tissue                    ? 
_entity_src_gen.gene_src_tissue_fraction           ? 
_entity_src_gen.gene_src_details                   ? 
_entity_src_gen.pdbx_gene_src_fragment             ? 
_entity_src_gen.pdbx_gene_src_scientific_name      'Homo sapiens' 
_entity_src_gen.pdbx_gene_src_ncbi_taxonomy_id     9606 
_entity_src_gen.pdbx_gene_src_variant              ? 
_entity_src_gen.pdbx_gene_src_cell_line            ? 
_entity_src_gen.pdbx_gene_src_atcc                 ? 
_entity_src_gen.pdbx_gene_src_organ                ? 
_entity_src_gen.pdbx_gene_src_organelle            ? 
_entity_src_gen.pdbx_gene_src_cell                 ? 
_entity_src_gen.pdbx_gene_src_cellular_location    ? 
_entity_src_gen.host_org_common_name               ? 
_entity_src_gen.pdbx_host_org_scientific_name      'Escherichia coli' 
_entity_src_gen.pdbx_host_org_ncbi_taxonomy_id     562 
_entity_src_gen.host_org_genus                     ? 
_entity_src_gen.pdbx_host_org_gene                 ? 
_entity_src_gen.pdbx_host_org_organ                ? 
_entity_src_gen.host_org_species                   ? 
_entity_src_gen.pdbx_host_org_tissue               ? 
_entity_src_gen.pdbx_host_org_tissue_fraction      ? 
_entity_src_gen.pdbx_host_org_strain               ? 
_entity_src_gen.pdbx_host_org_variant              ? 
_entity_src_gen.pdbx_host_org_cell_line            ? 
_entity_src_gen.pdbx_host_org_atcc                 ? 
_entity_src_gen.pdbx_host_org_culture_collection   ? 
_entity_src_gen.pdbx_host_org_cell                 ? 
_entity_src_gen.pdbx_host_org_organelle            ? 
_entity_src_gen.pdbx_host_org_cellular_location    ? 
_entity_src_gen.pdbx_host_org_vector_type          ? 
_entity_src_gen.pdbx_host_org_vector               ? 
_entity_src_gen.host_org_details                   ? 
_entity_src_gen.expression_system_id               ? 
_entity_src_gen.plasmid_name                       ? 
_entity_src_gen.plasmid_details                    ? 
_entity_src_gen.pdbx_description                   ? 
# 
loop_
_chem_comp.id 
_chem_comp.type 
_chem_comp.mon_nstd_flag 
_chem_comp.name 
_chem_comp.pdbx_synonyms 
_chem_comp.formula 
_chem_comp.formula_weight 
1I3 non-polymer         . 
;3-[4-(5-chloropyridin-3-yl)-2-[(2S)-1-methoxypropan-2-yl]-3-{(1R)-1-[(1r,4R)-4-methylcyclohexyl]ethyl}-3H-imidazo[4,5-c]pyridin-6-yl]-1,2,4-oxadiazol-5(4H)-one
;
? 'C26 H31 Cl N6 O3' 511.016 
ALA 'L-peptide linking' y ALANINE ? 'C3 H7 N O2'       89.093  
ARG 'L-peptide linking' y ARGININE ? 'C6 H15 N4 O2 1'   175.209 
ASN 'L-peptide linking' y ASPARAGINE ? 'C4 H8 N2 O3'      132.118 
ASP 'L-peptide linking' y 'ASPARTIC ACID' ? 'C4 H7 N O4'       133.103 
CYS 'L-peptide linking' y CYSTEINE ? 'C3 H7 N O2 S'     121.158 
GLN 'L-peptide linking' y GLUTAMINE ? 'C5 H10 N2 O3'     146.144 
GLU 'L-peptide linking' y 'GLUTAMIC ACID' ? 'C5 H9 N O4'       147.129 
GLY 'peptide linking'   y GLYCINE ? 'C2 H5 N O2'       75.067  
HIS 'L-peptide linking' y HISTIDINE ? 'C6 H10 N3 O2 1'   156.162 
HOH non-polymer         . WATER ? 'H2 O'             18.015  
ILE 'L-peptide linking' y ISOLEUCINE ? 'C6 H13 N O2'      131.173 
LEU 'L-peptide linking' y LEUCINE ? 'C6 H13 N O2'      131.173 
LYS 'L-peptide linking' y LYSINE ? 'C6 H15 N2 O2 1'   147.195 
MET 'L-peptide linking' y METHIONINE ? 'C5 H11 N O2 S'    149.211 
PHE 'L-peptide linking' y PHENYLALANINE ? 'C9 H11 N O2'      165.189 
PRO 'L-peptide linking' y PROLINE ? 'C5 H9 N O2'       115.130 
SER 'L-peptide linking' y SERINE ? 'C3 H7 N O3'       105.093 
SO4 non-polymer         . 'SULFATE ION' ? 'O4 S -2'          96.063  
THR 'L-peptide linking' y THREONINE ? 'C4 H9 N O3'       119.119 
TYR 'L-peptide linking' y TYROSINE ? 'C9 H11 N O3'      181.189 
VAL 'L-peptide linking' y VALINE ? 'C5 H11 N O2'      117.146 
# 
loop_
_pdbx_poly_seq_scheme.asym_id 
_pdbx_poly_seq_scheme.entity_id 
_pdbx_poly_seq_scheme.seq_id 
_pdbx_poly_seq_scheme.mon_id 
_pdbx_poly_seq_scheme.ndb_seq_num 
_pdbx_poly_seq_scheme.pdb_seq_num 
_pdbx_poly_seq_scheme.auth_seq_num 
_pdbx_poly_seq_scheme.pdb_mon_id 
_pdbx_poly_seq_scheme.auth_mon_id 
_pdbx_poly_seq_scheme.pdb_strand_id 
_pdbx_poly_seq_scheme.pdb_ins_code 
_pdbx_poly_seq_scheme.hetero 
A 1 1   GLY 1   16  16  GLY GLY A . n 
A 1 2   SER 2   17  17  SER SER A . n 
A 1 3   GLN 3   18  18  GLN GLN A . n 
A 1 4   ILE 4   19  19  ILE ILE A . n 
A 1 5   PRO 5   20  20  PRO PRO A . n 
A 1 6   ALA 6   21  21  ALA ALA A . n 
A 1 7   SER 7   22  22  SER SER A . n 
A 1 8   GLU 8   23  23  GLU GLU A . n 
A 1 9   GLN 9   24  24  GLN GLN A . n 
A 1 10  GLU 10  25  25  GLU GLU A . n 
A 1 11  THR 11  26  26  THR THR A . n 
A 1 12  LEU 12  27  27  LEU LEU A . n 
A 1 13  VAL 13  28  28  VAL VAL A . n 
A 1 14  ARG 14  29  29  ARG ARG A . n 
A 1 15  PRO 15  30  30  PRO PRO A . n 
A 1 16  LYS 16  31  31  LYS LYS A . n 
A 1 17  PRO 17  32  32  PRO PRO A . n 
A 1 18  LEU 18  33  33  LEU LEU A . n 
A 1 19  LEU 19  34  34  LEU LEU A . n 
A 1 20  LEU 20  35  35  LEU LEU A . n 
A 1 21  LYS 21  36  36  LYS LYS A . n 
A 1 22  LEU 22  37  37  LEU LEU A . n 
A 1 23  LEU 23  38  38  LEU LEU A . n 
A 1 24  LYS 24  39  39  LYS LYS A . n 
A 1 25  SER 25  40  40  SER SER A . n 
A 1 26  VAL 26  41  41  VAL VAL A . n 
A 1 27  GLY 27  42  42  GLY GLY A . n 
A 1 28  ALA 28  43  43  ALA ALA A . n 
A 1 29  GLN 29  44  44  GLN GLN A . n 
A 1 30  LYS 30  45  45  LYS LYS A . n 
A 1 31  ASP 31  46  46  ASP ASP A . n 
A 1 32  THR 32  47  47  THR THR A . n 
A 1 33  TYR 33  48  48  TYR TYR A . n 
A 1 34  THR 34  49  49  THR THR A . n 
A 1 35  MET 35  50  50  MET MET A . n 
A 1 36  LYS 36  51  51  LYS LYS A . n 
A 1 37  GLU 37  52  52  GLU GLU A . n 
A 1 38  VAL 38  53  53  VAL VAL A . n 
A 1 39  LEU 39  54  54  LEU LEU A . n 
A 1 40  PHE 40  55  55  PHE PHE A . n 
A 1 41  TYR 41  56  56  TYR TYR A . n 
A 1 42  LEU 42  57  57  LEU LEU A . n 
A 1 43  GLY 43  58  58  GLY GLY A . n 
A 1 44  GLN 44  59  59  GLN GLN A . n 
A 1 45  TYR 45  60  60  TYR TYR A . n 
A 1 46  ILE 46  61  61  ILE ILE A . n 
A 1 47  MET 47  62  62  MET MET A . n 
A 1 48  THR 48  63  63  THR THR A . n 
A 1 49  LYS 49  64  64  LYS LYS A . n 
A 1 50  ARG 50  65  65  ARG ARG A . n 
A 1 51  LEU 51  66  66  LEU LEU A . n 
A 1 52  TYR 52  67  67  TYR TYR A . n 
A 1 53  ASP 53  68  68  ASP ASP A . n 
A 1 54  GLU 54  69  69  GLU GLU A . n 
A 1 55  LYS 55  70  70  LYS LYS A . n 
A 1 56  GLN 56  71  71  GLN GLN A . n 
A 1 57  GLN 57  72  72  GLN GLN A . n 
A 1 58  HIS 58  73  73  HIS HIS A . n 
A 1 59  ILE 59  74  74  ILE ILE A . n 
A 1 60  VAL 60  75  75  VAL VAL A . n 
A 1 61  TYR 61  76  76  TYR TYR A . n 
A 1 62  CYS 62  77  77  CYS CYS A . n 
A 1 63  SER 63  78  78  SER SER A . n 
A 1 64  ASN 64  79  79  ASN ASN A . n 
A 1 65  ASP 65  80  80  ASP ASP A . n 
A 1 66  LEU 66  81  81  LEU LEU A . n 
A 1 67  LEU 67  82  82  LEU LEU A . n 
A 1 68  GLY 68  83  83  GLY GLY A . n 
A 1 69  ASP 69  84  84  ASP ASP A . n 
A 1 70  LEU 70  85  85  LEU LEU A . n 
A 1 71  PHE 71  86  86  PHE PHE A . n 
A 1 72  GLY 72  87  87  GLY GLY A . n 
A 1 73  VAL 73  88  88  VAL VAL A . n 
A 1 74  PRO 74  89  89  PRO PRO A . n 
A 1 75  SER 75  90  90  SER SER A . n 
A 1 76  PHE 76  91  91  PHE PHE A . n 
A 1 77  SER 77  92  92  SER SER A . n 
A 1 78  VAL 78  93  93  VAL VAL A . n 
A 1 79  LYS 79  94  94  LYS LYS A . n 
A 1 80  GLU 80  95  95  GLU GLU A . n 
A 1 81  HIS 81  96  96  HIS HIS A . n 
A 1 82  ARG 82  97  97  ARG ARG A . n 
A 1 83  LYS 83  98  98  LYS LYS A . n 
A 1 84  ILE 84  99  99  ILE ILE A . n 
A 1 85  TYR 85  100 100 TYR TYR A . n 
A 1 86  THR 86  101 101 THR THR A . n 
A 1 87  MET 87  102 102 MET MET A . n 
A 1 88  ILE 88  103 103 ILE ILE A . n 
A 1 89  TYR 89  104 104 TYR TYR A . n 
A 1 90  ARG 90  105 105 ARG ARG A . n 
A 1 91  ASN 91  106 106 ASN ASN A . n 
A 1 92  LEU 92  107 107 LEU LEU A . n 
A 1 93  VAL 93  108 108 VAL VAL A . n 
A 1 94  VAL 94  109 109 VAL VAL A . n 
A 1 95  VAL 95  110 110 VAL VAL A . n 
A 1 96  ASN 96  111 111 ASN ASN A . n 
A 1 97  GLN 97  112 ?   ?   ?   A . n 
A 1 98  GLN 98  113 ?   ?   ?   A . n 
A 1 99  GLU 99  114 ?   ?   ?   A . n 
A 1 100 SER 100 115 ?   ?   ?   A . n 
A 1 101 SER 101 116 ?   ?   ?   A . n 
A 1 102 ASP 102 117 ?   ?   ?   A . n 
A 1 103 SER 103 118 ?   ?   ?   A . n 
A 1 104 GLY 104 119 ?   ?   ?   A . n 
A 1 105 THR 105 120 ?   ?   ?   A . n 
A 1 106 SER 106 121 ?   ?   ?   A . n 
A 1 107 VAL 107 122 ?   ?   ?   A . n 
A 1 108 SER 108 123 ?   ?   ?   A . n 
A 1 109 GLU 109 124 ?   ?   ?   A . n 
A 1 110 ASN 110 125 ?   ?   ?   A . n 
# 
loop_
_pdbx_nonpoly_scheme.asym_id 
_pdbx_nonpoly_scheme.entity_id 
_pdbx_nonpoly_scheme.mon_id 
_pdbx_nonpoly_scheme.ndb_seq_num 
_pdbx_nonpoly_scheme.pdb_seq_num 
_pdbx_nonpoly_scheme.auth_seq_num 
_pdbx_nonpoly_scheme.pdb_mon_id 
_pdbx_nonpoly_scheme.auth_mon_id 
_pdbx_nonpoly_scheme.pdb_strand_id 
_pdbx_nonpoly_scheme.pdb_ins_code 
B 2 1I3 1  201 1  1I3 INX A . 
C 3 SO4 1  202 1  SO4 SO4 A . 
D 3 SO4 1  203 2  SO4 SO4 A . 
E 3 SO4 1  204 3  SO4 SO4 A . 
F 3 SO4 1  205 4  SO4 SO4 A . 
G 4 HOH 1  301 11 HOH HOH A . 
G 4 HOH 2  302 10 HOH HOH A . 
G 4 HOH 3  303 6  HOH HOH A . 
G 4 HOH 4  304 2  HOH HOH A . 
G 4 HOH 5  305 5  HOH HOH A . 
G 4 HOH 6  306 3  HOH HOH A . 
G 4 HOH 7  307 1  HOH HOH A . 
G 4 HOH 8  308 8  HOH HOH A . 
G 4 HOH 9  309 9  HOH HOH A . 
G 4 HOH 10 310 7  HOH HOH A . 
G 4 HOH 11 311 4  HOH HOH A . 
# 
loop_
_pdbx_unobs_or_zero_occ_atoms.id 
_pdbx_unobs_or_zero_occ_atoms.PDB_model_num 
_pdbx_unobs_or_zero_occ_atoms.polymer_flag 
_pdbx_unobs_or_zero_occ_atoms.occupancy_flag 
_pdbx_unobs_or_zero_occ_atoms.auth_asym_id 
_pdbx_unobs_or_zero_occ_atoms.auth_comp_id 
_pdbx_unobs_or_zero_occ_atoms.auth_seq_id 
_pdbx_unobs_or_zero_occ_atoms.PDB_ins_code 
_pdbx_unobs_or_zero_occ_atoms.auth_atom_id 
_pdbx_unobs_or_zero_occ_atoms.label_alt_id 
_pdbx_unobs_or_zero_occ_atoms.label_asym_id 
_pdbx_unobs_or_zero_occ_atoms.label_comp_id 
_pdbx_unobs_or_zero_occ_atoms.label_seq_id 
_pdbx_unobs_or_zero_occ_atoms.label_atom_id 
1  1 Y 0 A SER 17 ? OG  ? A SER 2  OG  
2  1 Y 0 A GLN 18 ? CG  ? A GLN 3  CG  
3  1 Y 0 A GLN 18 ? CD  ? A GLN 3  CD  
4  1 Y 0 A GLN 18 ? OE1 ? A GLN 3  OE1 
5  1 Y 0 A GLN 18 ? NE2 ? A GLN 3  NE2 
6  1 Y 0 A ARG 29 ? NE  ? A ARG 14 NE  
7  1 Y 0 A ARG 29 ? CZ  ? A ARG 14 CZ  
8  1 Y 0 A ARG 29 ? NH1 ? A ARG 14 NH1 
9  1 Y 0 A ARG 29 ? NH2 ? A ARG 14 NH2 
10 1 Y 0 A LYS 36 ? CD  ? A LYS 21 CD  
11 1 Y 0 A LYS 36 ? CE  ? A LYS 21 CE  
12 1 Y 0 A LYS 36 ? NZ  ? A LYS 21 NZ  
13 1 Y 0 A LYS 39 ? CE  ? A LYS 24 CE  
14 1 Y 0 A LYS 39 ? NZ  ? A LYS 24 NZ  
15 1 Y 0 A GLN 44 ? CG  ? A GLN 29 CG  
16 1 Y 0 A GLN 44 ? CD  ? A GLN 29 CD  
17 1 Y 0 A GLN 44 ? OE1 ? A GLN 29 OE1 
18 1 Y 0 A GLN 44 ? NE2 ? A GLN 29 NE2 
19 1 Y 0 A LYS 51 ? CE  ? A LYS 36 CE  
20 1 Y 0 A LYS 51 ? NZ  ? A LYS 36 NZ  
21 1 Y 0 A ASP 68 ? CG  ? A ASP 53 CG  
22 1 Y 0 A ASP 68 ? OD1 ? A ASP 53 OD1 
23 1 Y 0 A ASP 68 ? OD2 ? A ASP 53 OD2 
24 1 Y 0 A GLU 69 ? CG  ? A GLU 54 CG  
25 1 Y 0 A GLU 69 ? CD  ? A GLU 54 CD  
26 1 Y 0 A GLU 69 ? OE1 ? A GLU 54 OE1 
27 1 Y 0 A GLU 69 ? OE2 ? A GLU 54 OE2 
28 1 Y 0 A LYS 70 ? CG  ? A LYS 55 CG  
29 1 Y 0 A LYS 70 ? CD  ? A LYS 55 CD  
30 1 Y 0 A LYS 70 ? CE  ? A LYS 55 CE  
31 1 Y 0 A LYS 70 ? NZ  ? A LYS 55 NZ  
32 1 Y 0 A GLN 71 ? CG  ? A GLN 56 CG  
33 1 Y 0 A GLN 71 ? CD  ? A GLN 56 CD  
34 1 Y 0 A GLN 71 ? OE1 ? A GLN 56 OE1 
35 1 Y 0 A GLN 71 ? NE2 ? A GLN 56 NE2 
36 1 Y 0 A GLN 72 ? CG  ? A GLN 57 CG  
37 1 Y 0 A GLN 72 ? CD  ? A GLN 57 CD  
38 1 Y 0 A GLN 72 ? OE1 ? A GLN 57 OE1 
39 1 Y 0 A GLN 72 ? NE2 ? A GLN 57 NE2 
40 1 Y 0 A LEU 81 ? CG  ? A LEU 66 CG  
41 1 Y 0 A LEU 81 ? CD1 ? A LEU 66 CD1 
42 1 Y 0 A LEU 81 ? CD2 ? A LEU 66 CD2 
43 1 Y 0 A LYS 94 ? CE  ? A LYS 79 CE  
44 1 Y 0 A LYS 94 ? NZ  ? A LYS 79 NZ  
45 1 Y 0 A LYS 98 ? CD  ? A LYS 83 CD  
46 1 Y 0 A LYS 98 ? CE  ? A LYS 83 CE  
47 1 Y 0 A LYS 98 ? NZ  ? A LYS 83 NZ  
# 
loop_
_software.citation_id 
_software.classification 
_software.compiler_name 
_software.compiler_version 
_software.contact_author 
_software.contact_author_email 
_software.date 
_software.description 
_software.dependencies 
_software.hardware 
_software.language 
_software.location 
_software.mods 
_software.name 
_software.os 
_software.os_version 
_software.type 
_software.version 
_software.pdbx_ordinal 
? 'data scaling'    ? ? ? ? ? ? ? ? ? ? ? XSCALE      ? ? ? .        1 
? refinement        ? ? ? ? ? ? ? ? ? ? ? REFMAC      ? ? ? 5.5.0109 2 
? 'data extraction' ? ? ? ? ? ? ? ? ? ? ? PDB_EXTRACT ? ? ? 3.27     3 
? 'data reduction'  ? ? ? ? ? ? ? ? ? ? ? XDS         ? ? ? .        4 
? phasing           ? ? ? ? ? ? ? ? ? ? ? REFMAC      ? ? ? .        5 
# 
_cell.angle_alpha                  90.000 
_cell.angle_alpha_esd              ? 
_cell.angle_beta                   90.000 
_cell.angle_beta_esd               ? 
_cell.angle_gamma                  120.000 
_cell.angle_gamma_esd              ? 
_cell.entry_id                     7NA3 
_cell.details                      ? 
_cell.formula_units_Z              ? 
_cell.length_a                     56.467 
_cell.length_a_esd                 ? 
_cell.length_b                     56.467 
_cell.length_b_esd                 ? 
_cell.length_c                     105.166 
_cell.length_c_esd                 ? 
_cell.volume                       ? 
_cell.volume_esd                   ? 
_cell.Z_PDB                        12 
_cell.reciprocal_angle_alpha       ? 
_cell.reciprocal_angle_beta        ? 
_cell.reciprocal_angle_gamma       ? 
_cell.reciprocal_angle_alpha_esd   ? 
_cell.reciprocal_angle_beta_esd    ? 
_cell.reciprocal_angle_gamma_esd   ? 
_cell.reciprocal_length_a          ? 
_cell.reciprocal_length_b          ? 
_cell.reciprocal_length_c          ? 
_cell.reciprocal_length_a_esd      ? 
_cell.reciprocal_length_b_esd      ? 
_cell.reciprocal_length_c_esd      ? 
_cell.pdbx_unique_axis             ? 
# 
_symmetry.entry_id                         7NA3 
_symmetry.cell_setting                     ? 
_symmetry.Int_Tables_number                178 
_symmetry.space_group_name_Hall            ? 
_symmetry.space_group_name_H-M             'P 61 2 2' 
_symmetry.pdbx_full_space_group_name_H-M   ? 
# 
_exptl.absorpt_coefficient_mu     ? 
_exptl.absorpt_correction_T_max   ? 
_exptl.absorpt_correction_T_min   ? 
_exptl.absorpt_correction_type    ? 
_exptl.absorpt_process_details    ? 
_exptl.entry_id                   7NA3 
_exptl.crystals_number            1 
_exptl.details                    ? 
_exptl.method                     'X-RAY DIFFRACTION' 
_exptl.method_details             ? 
# 
_exptl_crystal.colour                      ? 
_exptl_crystal.density_diffrn              ? 
_exptl_crystal.density_Matthews            1.92 
_exptl_crystal.density_method              ? 
_exptl_crystal.density_percent_sol         36.00 
_exptl_crystal.description                 ? 
_exptl_crystal.F_000                       ? 
_exptl_crystal.id                          1 
_exptl_crystal.preparation                 ? 
_exptl_crystal.size_max                    ? 
_exptl_crystal.size_mid                    ? 
_exptl_crystal.size_min                    ? 
_exptl_crystal.size_rad                    ? 
_exptl_crystal.colour_lustre               ? 
_exptl_crystal.colour_modifier             ? 
_exptl_crystal.colour_primary              ? 
_exptl_crystal.density_meas                ? 
_exptl_crystal.density_meas_esd            ? 
_exptl_crystal.density_meas_gt             ? 
_exptl_crystal.density_meas_lt             ? 
_exptl_crystal.density_meas_temp           ? 
_exptl_crystal.density_meas_temp_esd       ? 
_exptl_crystal.density_meas_temp_gt        ? 
_exptl_crystal.density_meas_temp_lt        ? 
_exptl_crystal.pdbx_crystal_image_url      ? 
_exptl_crystal.pdbx_crystal_image_format   ? 
_exptl_crystal.pdbx_mosaicity              ? 
_exptl_crystal.pdbx_mosaicity_esd          ? 
# 
_exptl_crystal_grow.apparatus       ? 
_exptl_crystal_grow.atmosphere      ? 
_exptl_crystal_grow.crystal_id      1 
_exptl_crystal_grow.details         ? 
_exptl_crystal_grow.method          'VAPOR DIFFUSION' 
_exptl_crystal_grow.method_ref      ? 
_exptl_crystal_grow.pH              ? 
_exptl_crystal_grow.pressure        ? 
_exptl_crystal_grow.pressure_esd    ? 
_exptl_crystal_grow.seeding         ? 
_exptl_crystal_grow.seeding_ref     ? 
_exptl_crystal_grow.temp            293 
_exptl_crystal_grow.temp_details    ? 
_exptl_crystal_grow.temp_esd        ? 
_exptl_crystal_grow.time            ? 
_exptl_crystal_grow.pdbx_details    undisclosed 
_exptl_crystal_grow.pdbx_pH_range   ? 
# 
_diffrn.ambient_environment              ? 
_diffrn.ambient_temp                     100.000 
_diffrn.ambient_temp_details             ? 
_diffrn.ambient_temp_esd                 ? 
_diffrn.crystal_id                       1 
_diffrn.crystal_support                  ? 
_diffrn.crystal_treatment                ? 
_diffrn.details                          ? 
_diffrn.id                               1 
_diffrn.ambient_pressure                 ? 
_diffrn.ambient_pressure_esd             ? 
_diffrn.ambient_pressure_gt              ? 
_diffrn.ambient_pressure_lt              ? 
_diffrn.ambient_temp_gt                  ? 
_diffrn.ambient_temp_lt                  ? 
_diffrn.pdbx_serial_crystal_experiment   N 
# 
_diffrn_detector.details                      ? 
_diffrn_detector.detector                     PIXEL 
_diffrn_detector.diffrn_id                    1 
_diffrn_detector.type                         'DECTRIS PILATUS 6M' 
_diffrn_detector.area_resol_mean              ? 
_diffrn_detector.dtime                        ? 
_diffrn_detector.pdbx_frames_total            ? 
_diffrn_detector.pdbx_collection_time_total   ? 
_diffrn_detector.pdbx_collection_date         2013-05-01 
_diffrn_detector.pdbx_frequency               ? 
# 
_diffrn_radiation.collimation                      ? 
_diffrn_radiation.diffrn_id                        1 
_diffrn_radiation.filter_edge                      ? 
_diffrn_radiation.inhomogeneity                    ? 
_diffrn_radiation.monochromator                    ? 
_diffrn_radiation.polarisn_norm                    ? 
_diffrn_radiation.polarisn_ratio                   ? 
_diffrn_radiation.probe                            ? 
_diffrn_radiation.type                             ? 
_diffrn_radiation.xray_symbol                      ? 
_diffrn_radiation.wavelength_id                    1 
_diffrn_radiation.pdbx_monochromatic_or_laue_m_l   M 
_diffrn_radiation.pdbx_wavelength_list             ? 
_diffrn_radiation.pdbx_wavelength                  ? 
_diffrn_radiation.pdbx_diffrn_protocol             'SINGLE WAVELENGTH' 
_diffrn_radiation.pdbx_analyzer                    ? 
_diffrn_radiation.pdbx_scattering_type             x-ray 
# 
_diffrn_radiation_wavelength.id           1 
_diffrn_radiation_wavelength.wavelength   1.00000 
_diffrn_radiation_wavelength.wt           1.0 
# 
_diffrn_source.current                     ? 
_diffrn_source.details                     ? 
_diffrn_source.diffrn_id                   1 
_diffrn_source.power                       ? 
_diffrn_source.size                        ? 
_diffrn_source.source                      SYNCHROTRON 
_diffrn_source.target                      ? 
_diffrn_source.type                        'SLS BEAMLINE X06SA' 
_diffrn_source.voltage                     ? 
_diffrn_source.take-off_angle              ? 
_diffrn_source.pdbx_wavelength_list        1.00000 
_diffrn_source.pdbx_wavelength             ? 
_diffrn_source.pdbx_synchrotron_beamline   X06SA 
_diffrn_source.pdbx_synchrotron_site       SLS 
# 
_reflns.B_iso_Wilson_estimate                          44.412 
_reflns.entry_id                                       7NA3 
_reflns.data_reduction_details                         ? 
_reflns.data_reduction_method                          ? 
_reflns.d_resolution_high                              2.210 
_reflns.d_resolution_low                               49.000 
_reflns.details                                        ? 
_reflns.limit_h_max                                    ? 
_reflns.limit_h_min                                    ? 
_reflns.limit_k_max                                    ? 
_reflns.limit_k_min                                    ? 
_reflns.limit_l_max                                    ? 
_reflns.limit_l_min                                    ? 
_reflns.number_all                                     ? 
_reflns.number_obs                                     5379 
_reflns.observed_criterion                             ? 
_reflns.observed_criterion_F_max                       ? 
_reflns.observed_criterion_F_min                       ? 
_reflns.observed_criterion_I_max                       ? 
_reflns.observed_criterion_I_min                       ? 
_reflns.observed_criterion_sigma_F                     ? 
_reflns.observed_criterion_sigma_I                     ? 
_reflns.percent_possible_obs                           99.400 
_reflns.R_free_details                                 ? 
_reflns.Rmerge_F_all                                   ? 
_reflns.Rmerge_F_obs                                   ? 
_reflns.Friedel_coverage                               ? 
_reflns.number_gt                                      ? 
_reflns.threshold_expression                           ? 
_reflns.pdbx_redundancy                                15.000 
_reflns.pdbx_Rmerge_I_obs                              0.076 
_reflns.pdbx_Rmerge_I_all                              ? 
_reflns.pdbx_Rsym_value                                ? 
_reflns.pdbx_netI_over_av_sigmaI                       ? 
_reflns.pdbx_netI_over_sigmaI                          28.250 
_reflns.pdbx_res_netI_over_av_sigmaI_2                 ? 
_reflns.pdbx_res_netI_over_sigmaI_2                    ? 
_reflns.pdbx_chi_squared                               0.966 
_reflns.pdbx_scaling_rejects                           ? 
_reflns.pdbx_d_res_high_opt                            ? 
_reflns.pdbx_d_res_low_opt                             ? 
_reflns.pdbx_d_res_opt_method                          ? 
_reflns.phase_calculation_details                      ? 
_reflns.pdbx_Rrim_I_all                                0.079 
_reflns.pdbx_Rpim_I_all                                ? 
_reflns.pdbx_d_opt                                     ? 
_reflns.pdbx_number_measured_all                       ? 
_reflns.pdbx_diffrn_id                                 1 
_reflns.pdbx_ordinal                                   1 
_reflns.pdbx_CC_half                                   1.000 
_reflns.pdbx_CC_star                                   ? 
_reflns.pdbx_R_split                                   ? 
_reflns.pdbx_aniso_diffraction_limit_axis_1_ortho[1]   ? 
_reflns.pdbx_aniso_diffraction_limit_axis_1_ortho[2]   ? 
_reflns.pdbx_aniso_diffraction_limit_axis_1_ortho[3]   ? 
_reflns.pdbx_aniso_diffraction_limit_axis_2_ortho[1]   ? 
_reflns.pdbx_aniso_diffraction_limit_axis_2_ortho[2]   ? 
_reflns.pdbx_aniso_diffraction_limit_axis_2_ortho[3]   ? 
_reflns.pdbx_aniso_diffraction_limit_axis_3_ortho[1]   ? 
_reflns.pdbx_aniso_diffraction_limit_axis_3_ortho[2]   ? 
_reflns.pdbx_aniso_diffraction_limit_axis_3_ortho[3]   ? 
_reflns.pdbx_aniso_diffraction_limit_1                 ? 
_reflns.pdbx_aniso_diffraction_limit_2                 ? 
_reflns.pdbx_aniso_diffraction_limit_3                 ? 
_reflns.pdbx_aniso_B_tensor_eigenvector_1_ortho[1]     ? 
_reflns.pdbx_aniso_B_tensor_eigenvector_1_ortho[2]     ? 
_reflns.pdbx_aniso_B_tensor_eigenvector_1_ortho[3]     ? 
_reflns.pdbx_aniso_B_tensor_eigenvector_2_ortho[1]     ? 
_reflns.pdbx_aniso_B_tensor_eigenvector_2_ortho[2]     ? 
_reflns.pdbx_aniso_B_tensor_eigenvector_2_ortho[3]     ? 
_reflns.pdbx_aniso_B_tensor_eigenvector_3_ortho[1]     ? 
_reflns.pdbx_aniso_B_tensor_eigenvector_3_ortho[2]     ? 
_reflns.pdbx_aniso_B_tensor_eigenvector_3_ortho[3]     ? 
_reflns.pdbx_aniso_B_tensor_eigenvalue_1               ? 
_reflns.pdbx_aniso_B_tensor_eigenvalue_2               ? 
_reflns.pdbx_aniso_B_tensor_eigenvalue_3               ? 
_reflns.pdbx_orthogonalization_convention              ? 
_reflns.pdbx_percent_possible_ellipsoidal              ? 
_reflns.pdbx_percent_possible_spherical                ? 
_reflns.pdbx_percent_possible_ellipsoidal_anomalous    ? 
_reflns.pdbx_percent_possible_spherical_anomalous      ? 
_reflns.pdbx_redundancy_anomalous                      ? 
_reflns.pdbx_CC_half_anomalous                         ? 
_reflns.pdbx_absDiff_over_sigma_anomalous              ? 
_reflns.pdbx_percent_possible_anomalous                ? 
_reflns.pdbx_observed_signal_threshold                 ? 
_reflns.pdbx_signal_type                               ? 
_reflns.pdbx_signal_details                            ? 
_reflns.pdbx_signal_software_id                        ? 
# 
_reflns_shell.d_res_high                                    2.210 
_reflns_shell.d_res_low                                     2.46 
_reflns_shell.meanI_over_sigI_all                           ? 
_reflns_shell.meanI_over_sigI_obs                           5.6 
_reflns_shell.number_measured_all                           ? 
_reflns_shell.number_measured_obs                           ? 
_reflns_shell.number_possible                               ? 
_reflns_shell.number_unique_all                             ? 
_reflns_shell.number_unique_obs                             29 
_reflns_shell.percent_possible_all                          99.000 
_reflns_shell.percent_possible_obs                          ? 
_reflns_shell.Rmerge_F_all                                  ? 
_reflns_shell.Rmerge_F_obs                                  ? 
_reflns_shell.Rmerge_I_all                                  ? 
_reflns_shell.Rmerge_I_obs                                  0.586 
_reflns_shell.meanI_over_sigI_gt                            ? 
_reflns_shell.meanI_over_uI_all                             ? 
_reflns_shell.meanI_over_uI_gt                              ? 
_reflns_shell.number_measured_gt                            ? 
_reflns_shell.number_unique_gt                              ? 
_reflns_shell.percent_possible_gt                           ? 
_reflns_shell.Rmerge_F_gt                                   ? 
_reflns_shell.Rmerge_I_gt                                   ? 
_reflns_shell.pdbx_redundancy                               15.700 
_reflns_shell.pdbx_Rsym_value                               ? 
_reflns_shell.pdbx_chi_squared                              ? 
_reflns_shell.pdbx_netI_over_sigmaI_all                     ? 
_reflns_shell.pdbx_netI_over_sigmaI_obs                     ? 
_reflns_shell.pdbx_Rrim_I_all                               0.024 
_reflns_shell.pdbx_Rpim_I_all                               ? 
_reflns_shell.pdbx_rejects                                  ? 
_reflns_shell.pdbx_ordinal                                  1 
_reflns_shell.pdbx_diffrn_id                                1 
_reflns_shell.pdbx_CC_half                                  0.999 
_reflns_shell.pdbx_CC_star                                  ? 
_reflns_shell.pdbx_R_split                                  ? 
_reflns_shell.pdbx_percent_possible_ellipsoidal             ? 
_reflns_shell.pdbx_percent_possible_spherical               ? 
_reflns_shell.pdbx_percent_possible_ellipsoidal_anomalous   ? 
_reflns_shell.pdbx_percent_possible_spherical_anomalous     ? 
_reflns_shell.pdbx_redundancy_anomalous                     ? 
_reflns_shell.pdbx_CC_half_anomalous                        ? 
_reflns_shell.pdbx_absDiff_over_sigma_anomalous             ? 
_reflns_shell.pdbx_percent_possible_anomalous               ? 
# 
_refine.aniso_B[1][1]                            -0.3800 
_refine.aniso_B[1][2]                            -0.1900 
_refine.aniso_B[1][3]                            0.0000 
_refine.aniso_B[2][2]                            -0.3800 
_refine.aniso_B[2][3]                            0.0000 
_refine.aniso_B[3][3]                            0.5600 
_refine.B_iso_max                                138.310 
_refine.B_iso_mean                               55.2900 
_refine.B_iso_min                                24.430 
_refine.correlation_coeff_Fo_to_Fc               0.9450 
_refine.correlation_coeff_Fo_to_Fc_free          0.9390 
_refine.details                                  'U VALUES      : WITH TLS ADDED HYDROGENS HAVE BEEN ADDED IN THE RIDING POSITIONS' 
_refine.diff_density_max                         ? 
_refine.diff_density_max_esd                     ? 
_refine.diff_density_min                         ? 
_refine.diff_density_min_esd                     ? 
_refine.diff_density_rms                         ? 
_refine.diff_density_rms_esd                     ? 
_refine.entry_id                                 7NA3 
_refine.pdbx_refine_id                           'X-RAY DIFFRACTION' 
_refine.ls_abs_structure_details                 ? 
_refine.ls_abs_structure_Flack                   ? 
_refine.ls_abs_structure_Flack_esd               ? 
_refine.ls_abs_structure_Rogers                  ? 
_refine.ls_abs_structure_Rogers_esd              ? 
_refine.ls_d_res_high                            2.2100 
_refine.ls_d_res_low                             49.0000 
_refine.ls_extinction_coef                       ? 
_refine.ls_extinction_coef_esd                   ? 
_refine.ls_extinction_expression                 ? 
_refine.ls_extinction_method                     ? 
_refine.ls_goodness_of_fit_all                   ? 
_refine.ls_goodness_of_fit_all_esd               ? 
_refine.ls_goodness_of_fit_obs                   ? 
_refine.ls_goodness_of_fit_obs_esd               ? 
_refine.ls_hydrogen_treatment                    ? 
_refine.ls_matrix_type                           ? 
_refine.ls_number_constraints                    ? 
_refine.ls_number_parameters                     ? 
_refine.ls_number_reflns_all                     ? 
_refine.ls_number_reflns_obs                     4855 
_refine.ls_number_reflns_R_free                  524 
_refine.ls_number_reflns_R_work                  ? 
_refine.ls_number_restraints                     ? 
_refine.ls_percent_reflns_obs                    99.3500 
_refine.ls_percent_reflns_R_free                 9.7000 
_refine.ls_R_factor_all                          ? 
_refine.ls_R_factor_obs                          0.1981 
_refine.ls_R_factor_R_free                       0.2191 
_refine.ls_R_factor_R_free_error                 ? 
_refine.ls_R_factor_R_free_error_details         ? 
_refine.ls_R_factor_R_work                       0.1957 
_refine.ls_R_Fsqd_factor_obs                     ? 
_refine.ls_R_I_factor_obs                        ? 
_refine.ls_redundancy_reflns_all                 ? 
_refine.ls_redundancy_reflns_obs                 ? 
_refine.ls_restrained_S_all                      ? 
_refine.ls_restrained_S_obs                      ? 
_refine.ls_shift_over_esd_max                    ? 
_refine.ls_shift_over_esd_mean                   ? 
_refine.ls_structure_factor_coef                 ? 
_refine.ls_weighting_details                     ? 
_refine.ls_weighting_scheme                      ? 
_refine.ls_wR_factor_all                         ? 
_refine.ls_wR_factor_obs                         ? 
_refine.ls_wR_factor_R_free                      ? 
_refine.ls_wR_factor_R_work                      ? 
_refine.occupancy_max                            ? 
_refine.occupancy_min                            ? 
_refine.solvent_model_details                    'BABINET MODEL WITH MASK' 
_refine.solvent_model_param_bsol                 ? 
_refine.solvent_model_param_ksol                 ? 
_refine.pdbx_R_complete                          ? 
_refine.ls_R_factor_gt                           ? 
_refine.ls_goodness_of_fit_gt                    ? 
_refine.ls_goodness_of_fit_ref                   ? 
_refine.ls_shift_over_su_max                     ? 
_refine.ls_shift_over_su_max_lt                  ? 
_refine.ls_shift_over_su_mean                    ? 
_refine.ls_shift_over_su_mean_lt                 ? 
_refine.pdbx_ls_sigma_I                          ? 
_refine.pdbx_ls_sigma_F                          0.000 
_refine.pdbx_ls_sigma_Fsqd                       ? 
_refine.pdbx_data_cutoff_high_absF               ? 
_refine.pdbx_data_cutoff_high_rms_absF           ? 
_refine.pdbx_data_cutoff_low_absF                ? 
_refine.pdbx_isotropic_thermal_model             ? 
_refine.pdbx_ls_cross_valid_method               THROUGHOUT 
_refine.pdbx_method_to_determine_struct          'MOLECULAR REPLACEMENT' 
_refine.pdbx_starting_model                      ? 
_refine.pdbx_stereochemistry_target_values       'MAXIMUM LIKELIHOOD' 
_refine.pdbx_R_Free_selection_details            RANDOM 
_refine.pdbx_stereochem_target_val_spec_case     ? 
_refine.pdbx_overall_ESU_R                       0.3180 
_refine.pdbx_overall_ESU_R_Free                  0.2050 
_refine.pdbx_solvent_vdw_probe_radii             1.4000 
_refine.pdbx_solvent_ion_probe_radii             0.8000 
_refine.pdbx_solvent_shrinkage_radii             0.8000 
_refine.pdbx_real_space_R                        ? 
_refine.pdbx_density_correlation                 ? 
_refine.pdbx_pd_number_of_powder_patterns        ? 
_refine.pdbx_pd_number_of_points                 ? 
_refine.pdbx_pd_meas_number_of_points            ? 
_refine.pdbx_pd_proc_ls_prof_R_factor            ? 
_refine.pdbx_pd_proc_ls_prof_wR_factor           ? 
_refine.pdbx_pd_Marquardt_correlation_coeff      ? 
_refine.pdbx_pd_Fsqrd_R_factor                   ? 
_refine.pdbx_pd_ls_matrix_band_width             ? 
_refine.pdbx_overall_phase_error                 ? 
_refine.pdbx_overall_SU_R_free_Cruickshank_DPI   ? 
_refine.pdbx_overall_SU_R_free_Blow_DPI          ? 
_refine.pdbx_overall_SU_R_Blow_DPI               ? 
_refine.pdbx_TLS_residual_ADP_flag               ? 
_refine.pdbx_diffrn_id                           1 
_refine.overall_SU_B                             13.0700 
_refine.overall_SU_ML                            0.1540 
_refine.overall_SU_R_Cruickshank_DPI             ? 
_refine.overall_SU_R_free                        ? 
_refine.overall_FOM_free_R_set                   ? 
_refine.overall_FOM_work_R_set                   ? 
_refine.pdbx_average_fsc_overall                 ? 
_refine.pdbx_average_fsc_work                    ? 
_refine.pdbx_average_fsc_free                    ? 
# 
_refine_hist.pdbx_refine_id                   'X-RAY DIFFRACTION' 
_refine_hist.cycle_id                         final 
_refine_hist.details                          ? 
_refine_hist.d_res_high                       2.2100 
_refine_hist.d_res_low                        49.0000 
_refine_hist.number_atoms_solvent             11 
_refine_hist.number_atoms_total               850 
_refine_hist.number_reflns_all                ? 
_refine_hist.number_reflns_obs                ? 
_refine_hist.number_reflns_R_free             ? 
_refine_hist.number_reflns_R_work             ? 
_refine_hist.R_factor_all                     ? 
_refine_hist.R_factor_obs                     ? 
_refine_hist.R_factor_R_free                  ? 
_refine_hist.R_factor_R_work                  ? 
_refine_hist.pdbx_number_residues_total       96 
_refine_hist.pdbx_B_iso_mean_ligand           66.96 
_refine_hist.pdbx_B_iso_mean_solvent          54.80 
_refine_hist.pdbx_number_atoms_protein        783 
_refine_hist.pdbx_number_atoms_nucleic_acid   0 
_refine_hist.pdbx_number_atoms_ligand         56 
_refine_hist.pdbx_number_atoms_lipid          ? 
_refine_hist.pdbx_number_atoms_carb           ? 
_refine_hist.pdbx_pseudo_atom_details         ? 
# 
loop_
_refine_ls_restr.pdbx_refine_id 
_refine_ls_restr.criterion 
_refine_ls_restr.dev_ideal 
_refine_ls_restr.dev_ideal_target 
_refine_ls_restr.number 
_refine_ls_restr.rejects 
_refine_ls_restr.type 
_refine_ls_restr.weight 
_refine_ls_restr.pdbx_restraint_function 
'X-RAY DIFFRACTION' ? 0.015  0.022  816  ? r_bond_refined_d       ? ? 
'X-RAY DIFFRACTION' ? 0.007  0.020  544  ? r_bond_other_d         ? ? 
'X-RAY DIFFRACTION' ? 1.438  2.060  1116 ? r_angle_refined_deg    ? ? 
'X-RAY DIFFRACTION' ? 1.157  3.000  1309 ? r_angle_other_deg      ? ? 
'X-RAY DIFFRACTION' ? 5.923  5.000  97   ? r_dihedral_angle_1_deg ? ? 
'X-RAY DIFFRACTION' ? 45.688 23.333 27   ? r_dihedral_angle_2_deg ? ? 
'X-RAY DIFFRACTION' ? 13.554 15.000 127  ? r_dihedral_angle_3_deg ? ? 
'X-RAY DIFFRACTION' ? 30.504 15.000 3    ? r_dihedral_angle_4_deg ? ? 
'X-RAY DIFFRACTION' ? 0.080  0.200  127  ? r_chiral_restr         ? ? 
'X-RAY DIFFRACTION' ? 0.007  0.021  872  ? r_gen_planes_refined   ? ? 
'X-RAY DIFFRACTION' ? 0.001  0.020  157  ? r_gen_planes_other     ? ? 
# 
_refine_ls_shell.pdbx_refine_id                   'X-RAY DIFFRACTION' 
_refine_ls_shell.d_res_high                       2.2100 
_refine_ls_shell.d_res_low                        2.2670 
_refine_ls_shell.number_reflns_all                388 
_refine_ls_shell.number_reflns_obs                ? 
_refine_ls_shell.number_reflns_R_free             32 
_refine_ls_shell.number_reflns_R_work             356 
_refine_ls_shell.percent_reflns_obs               98.9800 
_refine_ls_shell.percent_reflns_R_free            ? 
_refine_ls_shell.R_factor_all                     ? 
_refine_ls_shell.R_factor_obs                     ? 
_refine_ls_shell.R_factor_R_free                  0.2480 
_refine_ls_shell.R_factor_R_free_error            0.0000 
_refine_ls_shell.R_factor_R_work                  0.2190 
_refine_ls_shell.redundancy_reflns_all            ? 
_refine_ls_shell.redundancy_reflns_obs            ? 
_refine_ls_shell.wR_factor_all                    ? 
_refine_ls_shell.wR_factor_obs                    ? 
_refine_ls_shell.wR_factor_R_free                 ? 
_refine_ls_shell.wR_factor_R_work                 ? 
_refine_ls_shell.pdbx_R_complete                  ? 
_refine_ls_shell.pdbx_total_number_of_bins_used   20 
_refine_ls_shell.pdbx_phase_error                 ? 
_refine_ls_shell.pdbx_fsc_work                    ? 
_refine_ls_shell.pdbx_fsc_free                    ? 
# 
_struct.entry_id                     7NA3 
_struct.title                        'HDM2 in complex with compound 62' 
_struct.pdbx_model_details           ? 
_struct.pdbx_formula_weight          ? 
_struct.pdbx_formula_weight_method   ? 
_struct.pdbx_model_type_details      ? 
_struct.pdbx_CASP_flag               N 
# 
_struct_keywords.entry_id        7NA3 
_struct_keywords.text            'P53, DRUG DESIGN, PROTEIN-PROTEIN INTERACTIONS, TRANSFERASE' 
_struct_keywords.pdbx_keywords   TRANSFERASE 
# 
loop_
_struct_asym.id 
_struct_asym.pdbx_blank_PDB_chainid_flag 
_struct_asym.pdbx_modified 
_struct_asym.entity_id 
_struct_asym.details 
A N N 1 ? 
B N N 2 ? 
C N N 3 ? 
D N N 3 ? 
E N N 3 ? 
F N N 3 ? 
G N N 4 ? 
# 
_struct_ref.id                         1 
_struct_ref.db_name                    UNP 
_struct_ref.db_code                    MDM2_HUMAN 
_struct_ref.pdbx_db_accession          Q00987 
_struct_ref.pdbx_db_isoform            Q00987-11 
_struct_ref.entity_id                  1 
_struct_ref.pdbx_seq_one_letter_code   
;SQIPASEQETLVRPKPLLLKLLKSVGAQKDTYTMKEVLFYLGQYIMTKRLYDEKQQHIVYCSNDLLGDLFGVPSFSVKEH
RKIYTMIYRNLVVVNQQESSDSGTSVSEN
;
_struct_ref.pdbx_align_begin           23 
# 
_struct_ref_seq.align_id                      1 
_struct_ref_seq.ref_id                        1 
_struct_ref_seq.pdbx_PDB_id_code              7NA3 
_struct_ref_seq.pdbx_strand_id                A 
_struct_ref_seq.seq_align_beg                 2 
_struct_ref_seq.pdbx_seq_align_beg_ins_code   ? 
_struct_ref_seq.seq_align_end                 110 
_struct_ref_seq.pdbx_seq_align_end_ins_code   ? 
_struct_ref_seq.pdbx_db_accession             Q00987 
_struct_ref_seq.db_align_beg                  23 
_struct_ref_seq.pdbx_db_align_beg_ins_code    ? 
_struct_ref_seq.db_align_end                  131 
_struct_ref_seq.pdbx_db_align_end_ins_code    ? 
_struct_ref_seq.pdbx_auth_seq_align_beg       17 
_struct_ref_seq.pdbx_auth_seq_align_end       125 
# 
_struct_ref_seq_dif.align_id                     1 
_struct_ref_seq_dif.pdbx_pdb_id_code             7NA3 
_struct_ref_seq_dif.mon_id                       GLY 
_struct_ref_seq_dif.pdbx_pdb_strand_id           A 
_struct_ref_seq_dif.seq_num                      1 
_struct_ref_seq_dif.pdbx_pdb_ins_code            ? 
_struct_ref_seq_dif.pdbx_seq_db_name             UNP 
_struct_ref_seq_dif.pdbx_seq_db_accession_code   Q00987 
_struct_ref_seq_dif.db_mon_id                    ? 
_struct_ref_seq_dif.pdbx_seq_db_seq_num          ? 
_struct_ref_seq_dif.details                      'expression tag' 
_struct_ref_seq_dif.pdbx_auth_seq_num            16 
_struct_ref_seq_dif.pdbx_ordinal                 1 
# 
_pdbx_struct_assembly.id                   1 
_pdbx_struct_assembly.details              author_and_software_defined_assembly 
_pdbx_struct_assembly.method_details       PISA 
_pdbx_struct_assembly.oligomeric_details   monomeric 
_pdbx_struct_assembly.oligomeric_count     1 
# 
_pdbx_struct_assembly_gen.assembly_id       1 
_pdbx_struct_assembly_gen.oper_expression   1 
_pdbx_struct_assembly_gen.asym_id_list      A,B,C,D,E,F,G 
# 
_pdbx_struct_assembly_auth_evidence.id                     1 
_pdbx_struct_assembly_auth_evidence.assembly_id            1 
_pdbx_struct_assembly_auth_evidence.experimental_support   none 
_pdbx_struct_assembly_auth_evidence.details                ? 
# 
_pdbx_struct_oper_list.id                   1 
_pdbx_struct_oper_list.type                 'identity operation' 
_pdbx_struct_oper_list.name                 1_555 
_pdbx_struct_oper_list.symmetry_operation   x,y,z 
_pdbx_struct_oper_list.matrix[1][1]         1.0000000000 
_pdbx_struct_oper_list.matrix[1][2]         0.0000000000 
_pdbx_struct_oper_list.matrix[1][3]         0.0000000000 
_pdbx_struct_oper_list.vector[1]            0.0000000000 
_pdbx_struct_oper_list.matrix[2][1]         0.0000000000 
_pdbx_struct_oper_list.matrix[2][2]         1.0000000000 
_pdbx_struct_oper_list.matrix[2][3]         0.0000000000 
_pdbx_struct_oper_list.vector[2]            0.0000000000 
_pdbx_struct_oper_list.matrix[3][1]         0.0000000000 
_pdbx_struct_oper_list.matrix[3][2]         0.0000000000 
_pdbx_struct_oper_list.matrix[3][3]         1.0000000000 
_pdbx_struct_oper_list.vector[3]            0.0000000000 
# 
loop_
_struct_conf.conf_type_id 
_struct_conf.id 
_struct_conf.pdbx_PDB_helix_id 
_struct_conf.beg_label_comp_id 
_struct_conf.beg_label_asym_id 
_struct_conf.beg_label_seq_id 
_struct_conf.pdbx_beg_PDB_ins_code 
_struct_conf.end_label_comp_id 
_struct_conf.end_label_asym_id 
_struct_conf.end_label_seq_id 
_struct_conf.pdbx_end_PDB_ins_code 
_struct_conf.beg_auth_comp_id 
_struct_conf.beg_auth_asym_id 
_struct_conf.beg_auth_seq_id 
_struct_conf.end_auth_comp_id 
_struct_conf.end_auth_asym_id 
_struct_conf.end_auth_seq_id 
_struct_conf.pdbx_PDB_helix_class 
_struct_conf.details 
_struct_conf.pdbx_PDB_helix_length 
HELX_P HELX_P1 AA1 PRO A 5  ? GLU A 10 ? PRO A 20 GLU A 25  5 ? 6  
HELX_P HELX_P2 AA2 LYS A 16 ? SER A 25 ? LYS A 31 SER A 40  1 ? 10 
HELX_P HELX_P3 AA3 MET A 35 ? LYS A 49 ? MET A 50 LYS A 64  1 ? 15 
HELX_P HELX_P4 AA4 ASP A 65 ? GLY A 72 ? ASP A 80 GLY A 87  1 ? 8  
HELX_P HELX_P5 AA5 GLU A 80 ? ARG A 90 ? GLU A 95 ARG A 105 1 ? 11 
# 
_struct_conf_type.id          HELX_P 
_struct_conf_type.criteria    ? 
_struct_conf_type.reference   ? 
# 
loop_
_struct_sheet.id 
_struct_sheet.type 
_struct_sheet.number_strands 
_struct_sheet.details 
AA1 ? 3 ? 
AA2 ? 3 ? 
# 
loop_
_struct_sheet_order.sheet_id 
_struct_sheet_order.range_id_1 
_struct_sheet_order.range_id_2 
_struct_sheet_order.offset 
_struct_sheet_order.sense 
AA1 1 2 ? anti-parallel 
AA1 2 3 ? anti-parallel 
AA2 1 2 ? anti-parallel 
AA2 2 3 ? anti-parallel 
# 
loop_
_struct_sheet_range.sheet_id 
_struct_sheet_range.id 
_struct_sheet_range.beg_label_comp_id 
_struct_sheet_range.beg_label_asym_id 
_struct_sheet_range.beg_label_seq_id 
_struct_sheet_range.pdbx_beg_PDB_ins_code 
_struct_sheet_range.end_label_comp_id 
_struct_sheet_range.end_label_asym_id 
_struct_sheet_range.end_label_seq_id 
_struct_sheet_range.pdbx_end_PDB_ins_code 
_struct_sheet_range.beg_auth_comp_id 
_struct_sheet_range.beg_auth_asym_id 
_struct_sheet_range.beg_auth_seq_id 
_struct_sheet_range.end_auth_comp_id 
_struct_sheet_range.end_auth_asym_id 
_struct_sheet_range.end_auth_seq_id 
AA1 1 TYR A 33 ? THR A 34 ? TYR A 48  THR A 49  
AA1 2 LEU A 12 ? PRO A 15 ? LEU A 27  PRO A 30  
AA1 3 LEU A 92 ? VAL A 94 ? LEU A 107 VAL A 109 
AA2 1 TYR A 52 ? ASP A 53 ? TYR A 67  ASP A 68  
AA2 2 ILE A 59 ? TYR A 61 ? ILE A 74  TYR A 76  
AA2 3 SER A 75 ? SER A 77 ? SER A 90  SER A 92  
# 
loop_
_pdbx_struct_sheet_hbond.sheet_id 
_pdbx_struct_sheet_hbond.range_id_1 
_pdbx_struct_sheet_hbond.range_id_2 
_pdbx_struct_sheet_hbond.range_1_label_atom_id 
_pdbx_struct_sheet_hbond.range_1_label_comp_id 
_pdbx_struct_sheet_hbond.range_1_label_asym_id 
_pdbx_struct_sheet_hbond.range_1_label_seq_id 
_pdbx_struct_sheet_hbond.range_1_PDB_ins_code 
_pdbx_struct_sheet_hbond.range_1_auth_atom_id 
_pdbx_struct_sheet_hbond.range_1_auth_comp_id 
_pdbx_struct_sheet_hbond.range_1_auth_asym_id 
_pdbx_struct_sheet_hbond.range_1_auth_seq_id 
_pdbx_struct_sheet_hbond.range_2_label_atom_id 
_pdbx_struct_sheet_hbond.range_2_label_comp_id 
_pdbx_struct_sheet_hbond.range_2_label_asym_id 
_pdbx_struct_sheet_hbond.range_2_label_seq_id 
_pdbx_struct_sheet_hbond.range_2_PDB_ins_code 
_pdbx_struct_sheet_hbond.range_2_auth_atom_id 
_pdbx_struct_sheet_hbond.range_2_auth_comp_id 
_pdbx_struct_sheet_hbond.range_2_auth_asym_id 
_pdbx_struct_sheet_hbond.range_2_auth_seq_id 
AA1 1 2 O TYR A 33 ? O TYR A 48 N VAL A 13 ? N VAL A 28  
AA1 2 3 N ARG A 14 ? N ARG A 29 O VAL A 93 ? O VAL A 108 
AA2 1 2 N ASP A 53 ? N ASP A 68 O ILE A 59 ? O ILE A 74  
AA2 2 3 N VAL A 60 ? N VAL A 75 O PHE A 76 ? O PHE A 91  
# 
loop_
_pdbx_validate_rmsd_bond.id 
_pdbx_validate_rmsd_bond.PDB_model_num 
_pdbx_validate_rmsd_bond.auth_atom_id_1 
_pdbx_validate_rmsd_bond.auth_asym_id_1 
_pdbx_validate_rmsd_bond.auth_comp_id_1 
_pdbx_validate_rmsd_bond.auth_seq_id_1 
_pdbx_validate_rmsd_bond.PDB_ins_code_1 
_pdbx_validate_rmsd_bond.label_alt_id_1 
_pdbx_validate_rmsd_bond.auth_atom_id_2 
_pdbx_validate_rmsd_bond.auth_asym_id_2 
_pdbx_validate_rmsd_bond.auth_comp_id_2 
_pdbx_validate_rmsd_bond.auth_seq_id_2 
_pdbx_validate_rmsd_bond.PDB_ins_code_2 
_pdbx_validate_rmsd_bond.label_alt_id_2 
_pdbx_validate_rmsd_bond.bond_value 
_pdbx_validate_rmsd_bond.bond_target_value 
_pdbx_validate_rmsd_bond.bond_deviation 
_pdbx_validate_rmsd_bond.bond_standard_deviation 
_pdbx_validate_rmsd_bond.linker_flag 
1 1 CB A SER 17 ? ? OG A SER 17 ? ? 1.511 1.418 0.093  0.013 N 
2 1 CB A GLU 69 ? ? CG A GLU 69 ? ? 1.319 1.517 -0.198 0.019 N 
3 1 CB A GLN 71 ? ? CG A GLN 71 ? ? 1.307 1.521 -0.214 0.027 N 
4 1 CD A LYS 94 ? ? CE A LYS 94 ? ? 1.352 1.508 -0.156 0.025 N 
# 
loop_
_pdbx_validate_rmsd_angle.id 
_pdbx_validate_rmsd_angle.PDB_model_num 
_pdbx_validate_rmsd_angle.auth_atom_id_1 
_pdbx_validate_rmsd_angle.auth_asym_id_1 
_pdbx_validate_rmsd_angle.auth_comp_id_1 
_pdbx_validate_rmsd_angle.auth_seq_id_1 
_pdbx_validate_rmsd_angle.PDB_ins_code_1 
_pdbx_validate_rmsd_angle.label_alt_id_1 
_pdbx_validate_rmsd_angle.auth_atom_id_2 
_pdbx_validate_rmsd_angle.auth_asym_id_2 
_pdbx_validate_rmsd_angle.auth_comp_id_2 
_pdbx_validate_rmsd_angle.auth_seq_id_2 
_pdbx_validate_rmsd_angle.PDB_ins_code_2 
_pdbx_validate_rmsd_angle.label_alt_id_2 
_pdbx_validate_rmsd_angle.auth_atom_id_3 
_pdbx_validate_rmsd_angle.auth_asym_id_3 
_pdbx_validate_rmsd_angle.auth_comp_id_3 
_pdbx_validate_rmsd_angle.auth_seq_id_3 
_pdbx_validate_rmsd_angle.PDB_ins_code_3 
_pdbx_validate_rmsd_angle.label_alt_id_3 
_pdbx_validate_rmsd_angle.angle_value 
_pdbx_validate_rmsd_angle.angle_target_value 
_pdbx_validate_rmsd_angle.angle_deviation 
_pdbx_validate_rmsd_angle.angle_standard_deviation 
_pdbx_validate_rmsd_angle.linker_flag 
1 1 CA A GLU 69 ? ? CB A GLU 69 ? ? CG A GLU 69 ? ? 130.99 113.40 17.59 2.20 N 
2 1 CA A GLN 71 ? ? CB A GLN 71 ? ? CG A GLN 71 ? ? 134.55 113.40 21.15 2.20 N 
# 
_pdbx_validate_torsion.id              1 
_pdbx_validate_torsion.PDB_model_num   1 
_pdbx_validate_torsion.auth_comp_id    GLN 
_pdbx_validate_torsion.auth_asym_id    A 
_pdbx_validate_torsion.auth_seq_id     71 
_pdbx_validate_torsion.PDB_ins_code    ? 
_pdbx_validate_torsion.label_alt_id    ? 
_pdbx_validate_torsion.phi             -169.66 
_pdbx_validate_torsion.psi             45.28 
# 
_pdbx_refine_tls.pdbx_refine_id   'X-RAY DIFFRACTION' 
_pdbx_refine_tls.id               1 
_pdbx_refine_tls.details          ? 
_pdbx_refine_tls.method           refined 
_pdbx_refine_tls.origin_x         0.2069 
_pdbx_refine_tls.origin_y         0.2324 
_pdbx_refine_tls.origin_z         0.2952 
_pdbx_refine_tls.T[1][1]          0.0250 
_pdbx_refine_tls.T[2][2]          0.0311 
_pdbx_refine_tls.T[3][3]          0.0140 
_pdbx_refine_tls.T[1][2]          0.0103 
_pdbx_refine_tls.T[1][3]          0.0080 
_pdbx_refine_tls.T[2][3]          0.0059 
_pdbx_refine_tls.L[1][1]          5.8962 
_pdbx_refine_tls.L[2][2]          4.0390 
_pdbx_refine_tls.L[3][3]          3.0389 
_pdbx_refine_tls.L[1][2]          -1.5880 
_pdbx_refine_tls.L[1][3]          0.4511 
_pdbx_refine_tls.L[2][3]          -1.1828 
_pdbx_refine_tls.S[1][1]          -0.1055 
_pdbx_refine_tls.S[2][2]          0.1083 
_pdbx_refine_tls.S[3][3]          -0.0027 
_pdbx_refine_tls.S[1][2]          -0.2448 
_pdbx_refine_tls.S[1][3]          0.1290 
_pdbx_refine_tls.S[2][3]          -0.0287 
_pdbx_refine_tls.S[2][1]          0.1011 
_pdbx_refine_tls.S[3][1]          -0.2046 
_pdbx_refine_tls.S[3][2]          -0.0271 
# 
loop_
_pdbx_refine_tls_group.pdbx_refine_id 
_pdbx_refine_tls_group.id 
_pdbx_refine_tls_group.refine_tls_id 
_pdbx_refine_tls_group.beg_auth_asym_id 
_pdbx_refine_tls_group.beg_auth_seq_id 
_pdbx_refine_tls_group.end_auth_asym_id 
_pdbx_refine_tls_group.end_auth_seq_id 
_pdbx_refine_tls_group.selection_details 
_pdbx_refine_tls_group.beg_label_asym_id 
_pdbx_refine_tls_group.beg_label_seq_id 
_pdbx_refine_tls_group.end_label_asym_id 
_pdbx_refine_tls_group.end_label_seq_id 
_pdbx_refine_tls_group.selection 
'X-RAY DIFFRACTION' 1 1 A 16  A 111 ? ? ? ? ? ? 
'X-RAY DIFFRACTION' 2 1 A 201 A 201 ? ? ? ? ? ? 
# 
_pdbx_entry_details.entry_id                 7NA3 
_pdbx_entry_details.has_ligand_of_interest   Y 
_pdbx_entry_details.compound_details         ? 
_pdbx_entry_details.source_details           ? 
_pdbx_entry_details.nonpolymer_details       ? 
_pdbx_entry_details.sequence_details         ? 
# 
loop_
_pdbx_unobs_or_zero_occ_residues.id 
_pdbx_unobs_or_zero_occ_residues.PDB_model_num 
_pdbx_unobs_or_zero_occ_residues.polymer_flag 
_pdbx_unobs_or_zero_occ_residues.occupancy_flag 
_pdbx_unobs_or_zero_occ_residues.auth_asym_id 
_pdbx_unobs_or_zero_occ_residues.auth_comp_id 
_pdbx_unobs_or_zero_occ_residues.auth_seq_id 
_pdbx_unobs_or_zero_occ_residues.PDB_ins_code 
_pdbx_unobs_or_zero_occ_residues.label_asym_id 
_pdbx_unobs_or_zero_occ_residues.label_comp_id 
_pdbx_unobs_or_zero_occ_residues.label_seq_id 
1  1 Y 1 A GLN 112 ? A GLN 97  
2  1 Y 1 A GLN 113 ? A GLN 98  
3  1 Y 1 A GLU 114 ? A GLU 99  
4  1 Y 1 A SER 115 ? A SER 100 
5  1 Y 1 A SER 116 ? A SER 101 
6  1 Y 1 A ASP 117 ? A ASP 102 
7  1 Y 1 A SER 118 ? A SER 103 
8  1 Y 1 A GLY 119 ? A GLY 104 
9  1 Y 1 A THR 120 ? A THR 105 
10 1 Y 1 A SER 121 ? A SER 106 
11 1 Y 1 A VAL 122 ? A VAL 107 
12 1 Y 1 A SER 123 ? A SER 108 
13 1 Y 1 A GLU 124 ? A GLU 109 
14 1 Y 1 A ASN 125 ? A ASN 110 
# 
loop_
_chem_comp_atom.comp_id 
_chem_comp_atom.atom_id 
_chem_comp_atom.type_symbol 
_chem_comp_atom.pdbx_aromatic_flag 
_chem_comp_atom.pdbx_stereo_config 
_chem_comp_atom.pdbx_ordinal 
1I3 C1   C  Y N 1   
1I3 C2   C  Y N 2   
1I3 C3   C  Y N 3   
1I3 C5   C  Y N 4   
1I3 C6   C  N S 5   
1I3 C7   C  N N 6   
1I3 C8   C  N N 7   
1I3 O9   O  N N 8   
1I3 C12  C  N R 9   
1I3 C15  C  N N 10  
1I3 C16  C  N N 11  
1I3 C17  C  N N 12  
1I3 C18  C  N N 13  
1I3 C19  C  N N 14  
1I3 C21  C  Y N 15  
1I3 C24  C  Y N 16  
1I3 C27  C  Y N 17  
1I3 C30  C  Y N 18  
1I3 C31  C  N N 19  
1I3 C34  C  N N 20  
1I3 N4   N  Y N 21  
1I3 C10  C  N N 22  
1I3 N11  N  Y N 23  
1I3 C13  C  N N 24  
1I3 C14  C  N N 25  
1I3 C20  C  N N 26  
1I3 C22  C  Y N 27  
1I3 N23  N  Y N 28  
1I3 C25  C  Y N 29  
1I3 N26  N  Y N 30  
1I3 C28  C  Y N 31  
1I3 CL29 CL N N 32  
1I3 N32  N  N N 33  
1I3 O33  O  N N 34  
1I3 O35  O  N N 35  
1I3 N36  N  N N 36  
1I3 H1   H  N N 37  
1I3 H2   H  N N 38  
1I3 H3   H  N N 39  
1I3 H4   H  N N 40  
1I3 H5   H  N N 41  
1I3 H6   H  N N 42  
1I3 H7   H  N N 43  
1I3 H8   H  N N 44  
1I3 H9   H  N N 45  
1I3 H10  H  N N 46  
1I3 H11  H  N N 47  
1I3 H12  H  N N 48  
1I3 H13  H  N N 49  
1I3 H14  H  N N 50  
1I3 H15  H  N N 51  
1I3 H16  H  N N 52  
1I3 H17  H  N N 53  
1I3 H18  H  N N 54  
1I3 H19  H  N N 55  
1I3 H20  H  N N 56  
1I3 H21  H  N N 57  
1I3 H22  H  N N 58  
1I3 H23  H  N N 59  
1I3 H24  H  N N 60  
1I3 H25  H  N N 61  
1I3 H26  H  N N 62  
1I3 H27  H  N N 63  
1I3 H28  H  N N 64  
1I3 H29  H  N N 65  
1I3 H30  H  N N 66  
1I3 H31  H  N N 67  
ALA N    N  N N 68  
ALA CA   C  N S 69  
ALA C    C  N N 70  
ALA O    O  N N 71  
ALA CB   C  N N 72  
ALA OXT  O  N N 73  
ALA H    H  N N 74  
ALA H2   H  N N 75  
ALA HA   H  N N 76  
ALA HB1  H  N N 77  
ALA HB2  H  N N 78  
ALA HB3  H  N N 79  
ALA HXT  H  N N 80  
ARG N    N  N N 81  
ARG CA   C  N S 82  
ARG C    C  N N 83  
ARG O    O  N N 84  
ARG CB   C  N N 85  
ARG CG   C  N N 86  
ARG CD   C  N N 87  
ARG NE   N  N N 88  
ARG CZ   C  N N 89  
ARG NH1  N  N N 90  
ARG NH2  N  N N 91  
ARG OXT  O  N N 92  
ARG H    H  N N 93  
ARG H2   H  N N 94  
ARG HA   H  N N 95  
ARG HB2  H  N N 96  
ARG HB3  H  N N 97  
ARG HG2  H  N N 98  
ARG HG3  H  N N 99  
ARG HD2  H  N N 100 
ARG HD3  H  N N 101 
ARG HE   H  N N 102 
ARG HH11 H  N N 103 
ARG HH12 H  N N 104 
ARG HH21 H  N N 105 
ARG HH22 H  N N 106 
ARG HXT  H  N N 107 
ASN N    N  N N 108 
ASN CA   C  N S 109 
ASN C    C  N N 110 
ASN O    O  N N 111 
ASN CB   C  N N 112 
ASN CG   C  N N 113 
ASN OD1  O  N N 114 
ASN ND2  N  N N 115 
ASN OXT  O  N N 116 
ASN H    H  N N 117 
ASN H2   H  N N 118 
ASN HA   H  N N 119 
ASN HB2  H  N N 120 
ASN HB3  H  N N 121 
ASN HD21 H  N N 122 
ASN HD22 H  N N 123 
ASN HXT  H  N N 124 
ASP N    N  N N 125 
ASP CA   C  N S 126 
ASP C    C  N N 127 
ASP O    O  N N 128 
ASP CB   C  N N 129 
ASP CG   C  N N 130 
ASP OD1  O  N N 131 
ASP OD2  O  N N 132 
ASP OXT  O  N N 133 
ASP H    H  N N 134 
ASP H2   H  N N 135 
ASP HA   H  N N 136 
ASP HB2  H  N N 137 
ASP HB3  H  N N 138 
ASP HD2  H  N N 139 
ASP HXT  H  N N 140 
CYS N    N  N N 141 
CYS CA   C  N R 142 
CYS C    C  N N 143 
CYS O    O  N N 144 
CYS CB   C  N N 145 
CYS SG   S  N N 146 
CYS OXT  O  N N 147 
CYS H    H  N N 148 
CYS H2   H  N N 149 
CYS HA   H  N N 150 
CYS HB2  H  N N 151 
CYS HB3  H  N N 152 
CYS HG   H  N N 153 
CYS HXT  H  N N 154 
GLN N    N  N N 155 
GLN CA   C  N S 156 
GLN C    C  N N 157 
GLN O    O  N N 158 
GLN CB   C  N N 159 
GLN CG   C  N N 160 
GLN CD   C  N N 161 
GLN OE1  O  N N 162 
GLN NE2  N  N N 163 
GLN OXT  O  N N 164 
GLN H    H  N N 165 
GLN H2   H  N N 166 
GLN HA   H  N N 167 
GLN HB2  H  N N 168 
GLN HB3  H  N N 169 
GLN HG2  H  N N 170 
GLN HG3  H  N N 171 
GLN HE21 H  N N 172 
GLN HE22 H  N N 173 
GLN HXT  H  N N 174 
GLU N    N  N N 175 
GLU CA   C  N S 176 
GLU C    C  N N 177 
GLU O    O  N N 178 
GLU CB   C  N N 179 
GLU CG   C  N N 180 
GLU CD   C  N N 181 
GLU OE1  O  N N 182 
GLU OE2  O  N N 183 
GLU OXT  O  N N 184 
GLU H    H  N N 185 
GLU H2   H  N N 186 
GLU HA   H  N N 187 
GLU HB2  H  N N 188 
GLU HB3  H  N N 189 
GLU HG2  H  N N 190 
GLU HG3  H  N N 191 
GLU HE2  H  N N 192 
GLU HXT  H  N N 193 
GLY N    N  N N 194 
GLY CA   C  N N 195 
GLY C    C  N N 196 
GLY O    O  N N 197 
GLY OXT  O  N N 198 
GLY H    H  N N 199 
GLY H2   H  N N 200 
GLY HA2  H  N N 201 
GLY HA3  H  N N 202 
GLY HXT  H  N N 203 
HIS N    N  N N 204 
HIS CA   C  N S 205 
HIS C    C  N N 206 
HIS O    O  N N 207 
HIS CB   C  N N 208 
HIS CG   C  Y N 209 
HIS ND1  N  Y N 210 
HIS CD2  C  Y N 211 
HIS CE1  C  Y N 212 
HIS NE2  N  Y N 213 
HIS OXT  O  N N 214 
HIS H    H  N N 215 
HIS H2   H  N N 216 
HIS HA   H  N N 217 
HIS HB2  H  N N 218 
HIS HB3  H  N N 219 
HIS HD1  H  N N 220 
HIS HD2  H  N N 221 
HIS HE1  H  N N 222 
HIS HE2  H  N N 223 
HIS HXT  H  N N 224 
HOH O    O  N N 225 
HOH H1   H  N N 226 
HOH H2   H  N N 227 
ILE N    N  N N 228 
ILE CA   C  N S 229 
ILE C    C  N N 230 
ILE O    O  N N 231 
ILE CB   C  N S 232 
ILE CG1  C  N N 233 
ILE CG2  C  N N 234 
ILE CD1  C  N N 235 
ILE OXT  O  N N 236 
ILE H    H  N N 237 
ILE H2   H  N N 238 
ILE HA   H  N N 239 
ILE HB   H  N N 240 
ILE HG12 H  N N 241 
ILE HG13 H  N N 242 
ILE HG21 H  N N 243 
ILE HG22 H  N N 244 
ILE HG23 H  N N 245 
ILE HD11 H  N N 246 
ILE HD12 H  N N 247 
ILE HD13 H  N N 248 
ILE HXT  H  N N 249 
LEU N    N  N N 250 
LEU CA   C  N S 251 
LEU C    C  N N 252 
LEU O    O  N N 253 
LEU CB   C  N N 254 
LEU CG   C  N N 255 
LEU CD1  C  N N 256 
LEU CD2  C  N N 257 
LEU OXT  O  N N 258 
LEU H    H  N N 259 
LEU H2   H  N N 260 
LEU HA   H  N N 261 
LEU HB2  H  N N 262 
LEU HB3  H  N N 263 
LEU HG   H  N N 264 
LEU HD11 H  N N 265 
LEU HD12 H  N N 266 
LEU HD13 H  N N 267 
LEU HD21 H  N N 268 
LEU HD22 H  N N 269 
LEU HD23 H  N N 270 
LEU HXT  H  N N 271 
LYS N    N  N N 272 
LYS CA   C  N S 273 
LYS C    C  N N 274 
LYS O    O  N N 275 
LYS CB   C  N N 276 
LYS CG   C  N N 277 
LYS CD   C  N N 278 
LYS CE   C  N N 279 
LYS NZ   N  N N 280 
LYS OXT  O  N N 281 
LYS H    H  N N 282 
LYS H2   H  N N 283 
LYS HA   H  N N 284 
LYS HB2  H  N N 285 
LYS HB3  H  N N 286 
LYS HG2  H  N N 287 
LYS HG3  H  N N 288 
LYS HD2  H  N N 289 
LYS HD3  H  N N 290 
LYS HE2  H  N N 291 
LYS HE3  H  N N 292 
LYS HZ1  H  N N 293 
LYS HZ2  H  N N 294 
LYS HZ3  H  N N 295 
LYS HXT  H  N N 296 
MET N    N  N N 297 
MET CA   C  N S 298 
MET C    C  N N 299 
MET O    O  N N 300 
MET CB   C  N N 301 
MET CG   C  N N 302 
MET SD   S  N N 303 
MET CE   C  N N 304 
MET OXT  O  N N 305 
MET H    H  N N 306 
MET H2   H  N N 307 
MET HA   H  N N 308 
MET HB2  H  N N 309 
MET HB3  H  N N 310 
MET HG2  H  N N 311 
MET HG3  H  N N 312 
MET HE1  H  N N 313 
MET HE2  H  N N 314 
MET HE3  H  N N 315 
MET HXT  H  N N 316 
PHE N    N  N N 317 
PHE CA   C  N S 318 
PHE C    C  N N 319 
PHE O    O  N N 320 
PHE CB   C  N N 321 
PHE CG   C  Y N 322 
PHE CD1  C  Y N 323 
PHE CD2  C  Y N 324 
PHE CE1  C  Y N 325 
PHE CE2  C  Y N 326 
PHE CZ   C  Y N 327 
PHE OXT  O  N N 328 
PHE H    H  N N 329 
PHE H2   H  N N 330 
PHE HA   H  N N 331 
PHE HB2  H  N N 332 
PHE HB3  H  N N 333 
PHE HD1  H  N N 334 
PHE HD2  H  N N 335 
PHE HE1  H  N N 336 
PHE HE2  H  N N 337 
PHE HZ   H  N N 338 
PHE HXT  H  N N 339 
PRO N    N  N N 340 
PRO CA   C  N S 341 
PRO C    C  N N 342 
PRO O    O  N N 343 
PRO CB   C  N N 344 
PRO CG   C  N N 345 
PRO CD   C  N N 346 
PRO OXT  O  N N 347 
PRO H    H  N N 348 
PRO HA   H  N N 349 
PRO HB2  H  N N 350 
PRO HB3  H  N N 351 
PRO HG2  H  N N 352 
PRO HG3  H  N N 353 
PRO HD2  H  N N 354 
PRO HD3  H  N N 355 
PRO HXT  H  N N 356 
SER N    N  N N 357 
SER CA   C  N S 358 
SER C    C  N N 359 
SER O    O  N N 360 
SER CB   C  N N 361 
SER OG   O  N N 362 
SER OXT  O  N N 363 
SER H    H  N N 364 
SER H2   H  N N 365 
SER HA   H  N N 366 
SER HB2  H  N N 367 
SER HB3  H  N N 368 
SER HG   H  N N 369 
SER HXT  H  N N 370 
SO4 S    S  N N 371 
SO4 O1   O  N N 372 
SO4 O2   O  N N 373 
SO4 O3   O  N N 374 
SO4 O4   O  N N 375 
THR N    N  N N 376 
THR CA   C  N S 377 
THR C    C  N N 378 
THR O    O  N N 379 
THR CB   C  N R 380 
THR OG1  O  N N 381 
THR CG2  C  N N 382 
THR OXT  O  N N 383 
THR H    H  N N 384 
THR H2   H  N N 385 
THR HA   H  N N 386 
THR HB   H  N N 387 
THR HG1  H  N N 388 
THR HG21 H  N N 389 
THR HG22 H  N N 390 
THR HG23 H  N N 391 
THR HXT  H  N N 392 
TYR N    N  N N 393 
TYR CA   C  N S 394 
TYR C    C  N N 395 
TYR O    O  N N 396 
TYR CB   C  N N 397 
TYR CG   C  Y N 398 
TYR CD1  C  Y N 399 
TYR CD2  C  Y N 400 
TYR CE1  C  Y N 401 
TYR CE2  C  Y N 402 
TYR CZ   C  Y N 403 
TYR OH   O  N N 404 
TYR OXT  O  N N 405 
TYR H    H  N N 406 
TYR H2   H  N N 407 
TYR HA   H  N N 408 
TYR HB2  H  N N 409 
TYR HB3  H  N N 410 
TYR HD1  H  N N 411 
TYR HD2  H  N N 412 
TYR HE1  H  N N 413 
TYR HE2  H  N N 414 
TYR HH   H  N N 415 
TYR HXT  H  N N 416 
VAL N    N  N N 417 
VAL CA   C  N S 418 
VAL C    C  N N 419 
VAL O    O  N N 420 
VAL CB   C  N N 421 
VAL CG1  C  N N 422 
VAL CG2  C  N N 423 
VAL OXT  O  N N 424 
VAL H    H  N N 425 
VAL H2   H  N N 426 
VAL HA   H  N N 427 
VAL HB   H  N N 428 
VAL HG11 H  N N 429 
VAL HG12 H  N N 430 
VAL HG13 H  N N 431 
VAL HG21 H  N N 432 
VAL HG22 H  N N 433 
VAL HG23 H  N N 434 
VAL HXT  H  N N 435 
# 
loop_
_chem_comp_bond.comp_id 
_chem_comp_bond.atom_id_1 
_chem_comp_bond.atom_id_2 
_chem_comp_bond.value_order 
_chem_comp_bond.pdbx_aromatic_flag 
_chem_comp_bond.pdbx_stereo_config 
_chem_comp_bond.pdbx_ordinal 
1I3 O35  C34  doub N N 1   
1I3 O33  C34  sing N N 2   
1I3 O33  N32  sing N N 3   
1I3 C34  N36  sing N N 4   
1I3 N32  C31  doub N N 5   
1I3 N36  C31  sing N N 6   
1I3 C31  C1   sing N N 7   
1I3 CL29 C28  sing N N 8   
1I3 C1   N23  doub Y N 9   
1I3 C1   C2   sing Y N 10  
1I3 N23  C22  sing Y N 11  
1I3 C30  C28  doub Y N 12  
1I3 C30  C24  sing Y N 13  
1I3 C28  C27  sing Y N 14  
1I3 C2   C3   doub Y N 15  
1I3 C24  C22  sing N N 16  
1I3 C24  C25  doub Y N 17  
1I3 C22  C21  doub Y N 18  
1I3 C27  N26  doub Y N 19  
1I3 C25  N26  sing Y N 20  
1I3 C3   C21  sing Y N 21  
1I3 C3   N4   sing Y N 22  
1I3 C21  N11  sing Y N 23  
1I3 C15  C16  sing N N 24  
1I3 C15  C14  sing N N 25  
1I3 C16  C17  sing N N 26  
1I3 N4   C5   doub Y N 27  
1I3 N11  C12  sing N N 28  
1I3 N11  C5   sing Y N 29  
1I3 C17  C18  sing N N 30  
1I3 C17  C19  sing N N 31  
1I3 C12  C14  sing N N 32  
1I3 C12  C13  sing N N 33  
1I3 C5   C6   sing N N 34  
1I3 C14  C20  sing N N 35  
1I3 C10  O9   sing N N 36  
1I3 C20  C19  sing N N 37  
1I3 O9   C8   sing N N 38  
1I3 C6   C8   sing N N 39  
1I3 C6   C7   sing N N 40  
1I3 C2   H1   sing N N 41  
1I3 C6   H2   sing N N 42  
1I3 C7   H3   sing N N 43  
1I3 C7   H4   sing N N 44  
1I3 C7   H5   sing N N 45  
1I3 C8   H6   sing N N 46  
1I3 C8   H7   sing N N 47  
1I3 C12  H8   sing N N 48  
1I3 C15  H9   sing N N 49  
1I3 C15  H10  sing N N 50  
1I3 C16  H11  sing N N 51  
1I3 C16  H12  sing N N 52  
1I3 C17  H13  sing N N 53  
1I3 C18  H14  sing N N 54  
1I3 C18  H15  sing N N 55  
1I3 C18  H16  sing N N 56  
1I3 C19  H17  sing N N 57  
1I3 C19  H18  sing N N 58  
1I3 C27  H19  sing N N 59  
1I3 C30  H20  sing N N 60  
1I3 C10  H21  sing N N 61  
1I3 C10  H22  sing N N 62  
1I3 C10  H23  sing N N 63  
1I3 C13  H24  sing N N 64  
1I3 C13  H25  sing N N 65  
1I3 C13  H26  sing N N 66  
1I3 C14  H27  sing N N 67  
1I3 C20  H28  sing N N 68  
1I3 C20  H29  sing N N 69  
1I3 C25  H30  sing N N 70  
1I3 N36  H31  sing N N 71  
ALA N    CA   sing N N 72  
ALA N    H    sing N N 73  
ALA N    H2   sing N N 74  
ALA CA   C    sing N N 75  
ALA CA   CB   sing N N 76  
ALA CA   HA   sing N N 77  
ALA C    O    doub N N 78  
ALA C    OXT  sing N N 79  
ALA CB   HB1  sing N N 80  
ALA CB   HB2  sing N N 81  
ALA CB   HB3  sing N N 82  
ALA OXT  HXT  sing N N 83  
ARG N    CA   sing N N 84  
ARG N    H    sing N N 85  
ARG N    H2   sing N N 86  
ARG CA   C    sing N N 87  
ARG CA   CB   sing N N 88  
ARG CA   HA   sing N N 89  
ARG C    O    doub N N 90  
ARG C    OXT  sing N N 91  
ARG CB   CG   sing N N 92  
ARG CB   HB2  sing N N 93  
ARG CB   HB3  sing N N 94  
ARG CG   CD   sing N N 95  
ARG CG   HG2  sing N N 96  
ARG CG   HG3  sing N N 97  
ARG CD   NE   sing N N 98  
ARG CD   HD2  sing N N 99  
ARG CD   HD3  sing N N 100 
ARG NE   CZ   sing N N 101 
ARG NE   HE   sing N N 102 
ARG CZ   NH1  sing N N 103 
ARG CZ   NH2  doub N N 104 
ARG NH1  HH11 sing N N 105 
ARG NH1  HH12 sing N N 106 
ARG NH2  HH21 sing N N 107 
ARG NH2  HH22 sing N N 108 
ARG OXT  HXT  sing N N 109 
ASN N    CA   sing N N 110 
ASN N    H    sing N N 111 
ASN N    H2   sing N N 112 
ASN CA   C    sing N N 113 
ASN CA   CB   sing N N 114 
ASN CA   HA   sing N N 115 
ASN C    O    doub N N 116 
ASN C    OXT  sing N N 117 
ASN CB   CG   sing N N 118 
ASN CB   HB2  sing N N 119 
ASN CB   HB3  sing N N 120 
ASN CG   OD1  doub N N 121 
ASN CG   ND2  sing N N 122 
ASN ND2  HD21 sing N N 123 
ASN ND2  HD22 sing N N 124 
ASN OXT  HXT  sing N N 125 
ASP N    CA   sing N N 126 
ASP N    H    sing N N 127 
ASP N    H2   sing N N 128 
ASP CA   C    sing N N 129 
ASP CA   CB   sing N N 130 
ASP CA   HA   sing N N 131 
ASP C    O    doub N N 132 
ASP C    OXT  sing N N 133 
ASP CB   CG   sing N N 134 
ASP CB   HB2  sing N N 135 
ASP CB   HB3  sing N N 136 
ASP CG   OD1  doub N N 137 
ASP CG   OD2  sing N N 138 
ASP OD2  HD2  sing N N 139 
ASP OXT  HXT  sing N N 140 
CYS N    CA   sing N N 141 
CYS N    H    sing N N 142 
CYS N    H2   sing N N 143 
CYS CA   C    sing N N 144 
CYS CA   CB   sing N N 145 
CYS CA   HA   sing N N 146 
CYS C    O    doub N N 147 
CYS C    OXT  sing N N 148 
CYS CB   SG   sing N N 149 
CYS CB   HB2  sing N N 150 
CYS CB   HB3  sing N N 151 
CYS SG   HG   sing N N 152 
CYS OXT  HXT  sing N N 153 
GLN N    CA   sing N N 154 
GLN N    H    sing N N 155 
GLN N    H2   sing N N 156 
GLN CA   C    sing N N 157 
GLN CA   CB   sing N N 158 
GLN CA   HA   sing N N 159 
GLN C    O    doub N N 160 
GLN C    OXT  sing N N 161 
GLN CB   CG   sing N N 162 
GLN CB   HB2  sing N N 163 
GLN CB   HB3  sing N N 164 
GLN CG   CD   sing N N 165 
GLN CG   HG2  sing N N 166 
GLN CG   HG3  sing N N 167 
GLN CD   OE1  doub N N 168 
GLN CD   NE2  sing N N 169 
GLN NE2  HE21 sing N N 170 
GLN NE2  HE22 sing N N 171 
GLN OXT  HXT  sing N N 172 
GLU N    CA   sing N N 173 
GLU N    H    sing N N 174 
GLU N    H2   sing N N 175 
GLU CA   C    sing N N 176 
GLU CA   CB   sing N N 177 
GLU CA   HA   sing N N 178 
GLU C    O    doub N N 179 
GLU C    OXT  sing N N 180 
GLU CB   CG   sing N N 181 
GLU CB   HB2  sing N N 182 
GLU CB   HB3  sing N N 183 
GLU CG   CD   sing N N 184 
GLU CG   HG2  sing N N 185 
GLU CG   HG3  sing N N 186 
GLU CD   OE1  doub N N 187 
GLU CD   OE2  sing N N 188 
GLU OE2  HE2  sing N N 189 
GLU OXT  HXT  sing N N 190 
GLY N    CA   sing N N 191 
GLY N    H    sing N N 192 
GLY N    H2   sing N N 193 
GLY CA   C    sing N N 194 
GLY CA   HA2  sing N N 195 
GLY CA   HA3  sing N N 196 
GLY C    O    doub N N 197 
GLY C    OXT  sing N N 198 
GLY OXT  HXT  sing N N 199 
HIS N    CA   sing N N 200 
HIS N    H    sing N N 201 
HIS N    H2   sing N N 202 
HIS CA   C    sing N N 203 
HIS CA   CB   sing N N 204 
HIS CA   HA   sing N N 205 
HIS C    O    doub N N 206 
HIS C    OXT  sing N N 207 
HIS CB   CG   sing N N 208 
HIS CB   HB2  sing N N 209 
HIS CB   HB3  sing N N 210 
HIS CG   ND1  sing Y N 211 
HIS CG   CD2  doub Y N 212 
HIS ND1  CE1  doub Y N 213 
HIS ND1  HD1  sing N N 214 
HIS CD2  NE2  sing Y N 215 
HIS CD2  HD2  sing N N 216 
HIS CE1  NE2  sing Y N 217 
HIS CE1  HE1  sing N N 218 
HIS NE2  HE2  sing N N 219 
HIS OXT  HXT  sing N N 220 
HOH O    H1   sing N N 221 
HOH O    H2   sing N N 222 
ILE N    CA   sing N N 223 
ILE N    H    sing N N 224 
ILE N    H2   sing N N 225 
ILE CA   C    sing N N 226 
ILE CA   CB   sing N N 227 
ILE CA   HA   sing N N 228 
ILE C    O    doub N N 229 
ILE C    OXT  sing N N 230 
ILE CB   CG1  sing N N 231 
ILE CB   CG2  sing N N 232 
ILE CB   HB   sing N N 233 
ILE CG1  CD1  sing N N 234 
ILE CG1  HG12 sing N N 235 
ILE CG1  HG13 sing N N 236 
ILE CG2  HG21 sing N N 237 
ILE CG2  HG22 sing N N 238 
ILE CG2  HG23 sing N N 239 
ILE CD1  HD11 sing N N 240 
ILE CD1  HD12 sing N N 241 
ILE CD1  HD13 sing N N 242 
ILE OXT  HXT  sing N N 243 
LEU N    CA   sing N N 244 
LEU N    H    sing N N 245 
LEU N    H2   sing N N 246 
LEU CA   C    sing N N 247 
LEU CA   CB   sing N N 248 
LEU CA   HA   sing N N 249 
LEU C    O    doub N N 250 
LEU C    OXT  sing N N 251 
LEU CB   CG   sing N N 252 
LEU CB   HB2  sing N N 253 
LEU CB   HB3  sing N N 254 
LEU CG   CD1  sing N N 255 
LEU CG   CD2  sing N N 256 
LEU CG   HG   sing N N 257 
LEU CD1  HD11 sing N N 258 
LEU CD1  HD12 sing N N 259 
LEU CD1  HD13 sing N N 260 
LEU CD2  HD21 sing N N 261 
LEU CD2  HD22 sing N N 262 
LEU CD2  HD23 sing N N 263 
LEU OXT  HXT  sing N N 264 
LYS N    CA   sing N N 265 
LYS N    H    sing N N 266 
LYS N    H2   sing N N 267 
LYS CA   C    sing N N 268 
LYS CA   CB   sing N N 269 
LYS CA   HA   sing N N 270 
LYS C    O    doub N N 271 
LYS C    OXT  sing N N 272 
LYS CB   CG   sing N N 273 
LYS CB   HB2  sing N N 274 
LYS CB   HB3  sing N N 275 
LYS CG   CD   sing N N 276 
LYS CG   HG2  sing N N 277 
LYS CG   HG3  sing N N 278 
LYS CD   CE   sing N N 279 
LYS CD   HD2  sing N N 280 
LYS CD   HD3  sing N N 281 
LYS CE   NZ   sing N N 282 
LYS CE   HE2  sing N N 283 
LYS CE   HE3  sing N N 284 
LYS NZ   HZ1  sing N N 285 
LYS NZ   HZ2  sing N N 286 
LYS NZ   HZ3  sing N N 287 
LYS OXT  HXT  sing N N 288 
MET N    CA   sing N N 289 
MET N    H    sing N N 290 
MET N    H2   sing N N 291 
MET CA   C    sing N N 292 
MET CA   CB   sing N N 293 
MET CA   HA   sing N N 294 
MET C    O    doub N N 295 
MET C    OXT  sing N N 296 
MET CB   CG   sing N N 297 
MET CB   HB2  sing N N 298 
MET CB   HB3  sing N N 299 
MET CG   SD   sing N N 300 
MET CG   HG2  sing N N 301 
MET CG   HG3  sing N N 302 
MET SD   CE   sing N N 303 
MET CE   HE1  sing N N 304 
MET CE   HE2  sing N N 305 
MET CE   HE3  sing N N 306 
MET OXT  HXT  sing N N 307 
PHE N    CA   sing N N 308 
PHE N    H    sing N N 309 
PHE N    H2   sing N N 310 
PHE CA   C    sing N N 311 
PHE CA   CB   sing N N 312 
PHE CA   HA   sing N N 313 
PHE C    O    doub N N 314 
PHE C    OXT  sing N N 315 
PHE CB   CG   sing N N 316 
PHE CB   HB2  sing N N 317 
PHE CB   HB3  sing N N 318 
PHE CG   CD1  doub Y N 319 
PHE CG   CD2  sing Y N 320 
PHE CD1  CE1  sing Y N 321 
PHE CD1  HD1  sing N N 322 
PHE CD2  CE2  doub Y N 323 
PHE CD2  HD2  sing N N 324 
PHE CE1  CZ   doub Y N 325 
PHE CE1  HE1  sing N N 326 
PHE CE2  CZ   sing Y N 327 
PHE CE2  HE2  sing N N 328 
PHE CZ   HZ   sing N N 329 
PHE OXT  HXT  sing N N 330 
PRO N    CA   sing N N 331 
PRO N    CD   sing N N 332 
PRO N    H    sing N N 333 
PRO CA   C    sing N N 334 
PRO CA   CB   sing N N 335 
PRO CA   HA   sing N N 336 
PRO C    O    doub N N 337 
PRO C    OXT  sing N N 338 
PRO CB   CG   sing N N 339 
PRO CB   HB2  sing N N 340 
PRO CB   HB3  sing N N 341 
PRO CG   CD   sing N N 342 
PRO CG   HG2  sing N N 343 
PRO CG   HG3  sing N N 344 
PRO CD   HD2  sing N N 345 
PRO CD   HD3  sing N N 346 
PRO OXT  HXT  sing N N 347 
SER N    CA   sing N N 348 
SER N    H    sing N N 349 
SER N    H2   sing N N 350 
SER CA   C    sing N N 351 
SER CA   CB   sing N N 352 
SER CA   HA   sing N N 353 
SER C    O    doub N N 354 
SER C    OXT  sing N N 355 
SER CB   OG   sing N N 356 
SER CB   HB2  sing N N 357 
SER CB   HB3  sing N N 358 
SER OG   HG   sing N N 359 
SER OXT  HXT  sing N N 360 
SO4 S    O1   doub N N 361 
SO4 S    O2   doub N N 362 
SO4 S    O3   sing N N 363 
SO4 S    O4   sing N N 364 
THR N    CA   sing N N 365 
THR N    H    sing N N 366 
THR N    H2   sing N N 367 
THR CA   C    sing N N 368 
THR CA   CB   sing N N 369 
THR CA   HA   sing N N 370 
THR C    O    doub N N 371 
THR C    OXT  sing N N 372 
THR CB   OG1  sing N N 373 
THR CB   CG2  sing N N 374 
THR CB   HB   sing N N 375 
THR OG1  HG1  sing N N 376 
THR CG2  HG21 sing N N 377 
THR CG2  HG22 sing N N 378 
THR CG2  HG23 sing N N 379 
THR OXT  HXT  sing N N 380 
TYR N    CA   sing N N 381 
TYR N    H    sing N N 382 
TYR N    H2   sing N N 383 
TYR CA   C    sing N N 384 
TYR CA   CB   sing N N 385 
TYR CA   HA   sing N N 386 
TYR C    O    doub N N 387 
TYR C    OXT  sing N N 388 
TYR CB   CG   sing N N 389 
TYR CB   HB2  sing N N 390 
TYR CB   HB3  sing N N 391 
TYR CG   CD1  doub Y N 392 
TYR CG   CD2  sing Y N 393 
TYR CD1  CE1  sing Y N 394 
TYR CD1  HD1  sing N N 395 
TYR CD2  CE2  doub Y N 396 
TYR CD2  HD2  sing N N 397 
TYR CE1  CZ   doub Y N 398 
TYR CE1  HE1  sing N N 399 
TYR CE2  CZ   sing Y N 400 
TYR CE2  HE2  sing N N 401 
TYR CZ   OH   sing N N 402 
TYR OH   HH   sing N N 403 
TYR OXT  HXT  sing N N 404 
VAL N    CA   sing N N 405 
VAL N    H    sing N N 406 
VAL N    H2   sing N N 407 
VAL CA   C    sing N N 408 
VAL CA   CB   sing N N 409 
VAL CA   HA   sing N N 410 
VAL C    O    doub N N 411 
VAL C    OXT  sing N N 412 
VAL CB   CG1  sing N N 413 
VAL CB   CG2  sing N N 414 
VAL CB   HB   sing N N 415 
VAL CG1  HG11 sing N N 416 
VAL CG1  HG12 sing N N 417 
VAL CG1  HG13 sing N N 418 
VAL CG2  HG21 sing N N 419 
VAL CG2  HG22 sing N N 420 
VAL CG2  HG23 sing N N 421 
VAL OXT  HXT  sing N N 422 
# 
_pdbx_entity_instance_feature.ordinal        1 
_pdbx_entity_instance_feature.comp_id        1I3 
_pdbx_entity_instance_feature.asym_id        ? 
_pdbx_entity_instance_feature.seq_num        ? 
_pdbx_entity_instance_feature.auth_comp_id   1I3 
_pdbx_entity_instance_feature.auth_asym_id   ? 
_pdbx_entity_instance_feature.auth_seq_num   ? 
_pdbx_entity_instance_feature.feature_type   'SUBJECT OF INVESTIGATION' 
_pdbx_entity_instance_feature.details        ? 
# 
_atom_sites.entry_id                    7NA3 
_atom_sites.Cartn_transf_matrix[1][1]   ? 
_atom_sites.Cartn_transf_matrix[1][2]   ? 
_atom_sites.Cartn_transf_matrix[1][3]   ? 
_atom_sites.Cartn_transf_matrix[2][1]   ? 
_atom_sites.Cartn_transf_matrix[2][2]   ? 
_atom_sites.Cartn_transf_matrix[2][3]   ? 
_atom_sites.Cartn_transf_matrix[3][1]   ? 
_atom_sites.Cartn_transf_matrix[3][2]   ? 
_atom_sites.Cartn_transf_matrix[3][3]   ? 
_atom_sites.Cartn_transf_vector[1]      ? 
_atom_sites.Cartn_transf_vector[2]      ? 
_atom_sites.Cartn_transf_vector[3]      ? 
_atom_sites.fract_transf_matrix[1][1]   -0.01181254 
_atom_sites.fract_transf_matrix[1][2]   0.00397643 
_atom_sites.fract_transf_matrix[1][3]   -0.01621146 
_atom_sites.fract_transf_matrix[2][1]   0.00826362 
_atom_sites.fract_transf_matrix[2][2]   0.00097708 
_atom_sites.fract_transf_matrix[2][3]   -0.01867939 
_atom_sites.fract_transf_matrix[3][1]   -0.00153447 
_atom_sites.fract_transf_matrix[3][2]   -0.00931167 
_atom_sites.fract_transf_matrix[3][3]   -0.00116591 
_atom_sites.fract_transf_vector[1]      0.140037 
_atom_sites.fract_transf_vector[2]      0.345935 
_atom_sites.fract_transf_vector[3]      0.021549 
_atom_sites.solution_primary            ? 
_atom_sites.solution_secondary          ? 
_atom_sites.solution_hydrogens          ? 
_atom_sites.special_details             ? 
# 
loop_
_atom_type.symbol 
C  
CL 
N  
O  
S  
# 
loop_
_atom_site.group_PDB 
_atom_site.id 
_atom_site.type_symbol 
_atom_site.label_atom_id 
_atom_site.label_alt_id 
_atom_site.label_comp_id 
_atom_site.label_asym_id 
_atom_site.label_entity_id 
_atom_site.label_seq_id 
_atom_site.pdbx_PDB_ins_code 
_atom_site.Cartn_x 
_atom_site.Cartn_y 
_atom_site.Cartn_z 
_atom_site.occupancy 
_atom_site.B_iso_or_equiv 
_atom_site.pdbx_formal_charge 
_atom_site.auth_seq_id 
_atom_site.auth_comp_id 
_atom_site.auth_asym_id 
_atom_site.auth_atom_id 
_atom_site.pdbx_PDB_model_num 
ATOM   1   N  N    . GLY A 1 1  ? -0.576  12.150  9.504   1.00 88.03  ? 16  GLY A N    1 
ATOM   2   C  CA   . GLY A 1 1  ? -0.109  11.234  10.594  1.00 89.15  ? 16  GLY A CA   1 
ATOM   3   C  C    . GLY A 1 1  ? -1.143  11.017  11.691  1.00 91.39  ? 16  GLY A C    1 
ATOM   4   O  O    . GLY A 1 1  ? -1.794  9.964   11.752  1.00 86.15  ? 16  GLY A O    1 
ATOM   5   N  N    . SER A 1 2  ? -1.271  12.024  12.563  1.00 98.48  ? 17  SER A N    1 
ATOM   6   C  CA   . SER A 1 2  ? -2.251  12.046  13.672  1.00 100.95 ? 17  SER A CA   1 
ATOM   7   C  C    . SER A 1 2  ? -3.598  12.714  13.308  1.00 100.46 ? 17  SER A C    1 
ATOM   8   O  O    . SER A 1 2  ? -4.546  12.663  14.109  1.00 102.68 ? 17  SER A O    1 
ATOM   9   C  CB   . SER A 1 2  ? -1.643  12.750  14.898  1.00 105.63 ? 17  SER A CB   1 
ATOM   10  O  OG   . SER A 1 2  ? -2.470  12.366  16.103  0.00 108.79 ? 17  SER A OG   1 
ATOM   11  N  N    . GLN A 1 3  ? -3.672  13.341  12.124  1.00 95.96  ? 18  GLN A N    1 
ATOM   12  C  CA   . GLN A 1 3  ? -4.917  13.955  11.607  1.00 93.27  ? 18  GLN A CA   1 
ATOM   13  C  C    . GLN A 1 3  ? -5.647  13.065  10.565  1.00 83.52  ? 18  GLN A C    1 
ATOM   14  O  O    . GLN A 1 3  ? -6.566  13.513  9.880   1.00 80.30  ? 18  GLN A O    1 
ATOM   15  C  CB   . GLN A 1 3  ? -4.624  15.353  11.035  1.00 96.45  ? 18  GLN A CB   1 
ATOM   16  C  CG   . GLN A 1 3  ? -3.910  16.219  12.111  0.00 101.37 ? 18  GLN A CG   1 
ATOM   17  C  CD   . GLN A 1 3  ? -3.737  17.638  11.591  0.00 104.14 ? 18  GLN A CD   1 
ATOM   18  O  OE1  . GLN A 1 3  ? -3.751  17.882  10.383  0.00 101.89 ? 18  GLN A OE1  1 
ATOM   19  N  NE2  . GLN A 1 3  ? -3.564  18.582  12.508  0.00 109.10 ? 18  GLN A NE2  1 
ATOM   20  N  N    . ILE A 1 4  ? -5.226  11.807  10.470  1.00 75.65  ? 19  ILE A N    1 
ATOM   21  C  CA   . ILE A 1 4  ? -5.926  10.775  9.715   1.00 69.94  ? 19  ILE A CA   1 
ATOM   22  C  C    . ILE A 1 4  ? -6.914  10.033  10.641  1.00 70.46  ? 19  ILE A C    1 
ATOM   23  O  O    . ILE A 1 4  ? -6.483  9.333   11.562  1.00 71.83  ? 19  ILE A O    1 
ATOM   24  C  CB   . ILE A 1 4  ? -4.914  9.794   9.113   1.00 66.37  ? 19  ILE A CB   1 
ATOM   25  C  CG1  . ILE A 1 4  ? -4.109  10.533  8.037   1.00 68.50  ? 19  ILE A CG1  1 
ATOM   26  C  CG2  . ILE A 1 4  ? -5.603  8.553   8.535   1.00 64.76  ? 19  ILE A CG2  1 
ATOM   27  C  CD1  . ILE A 1 4  ? -2.960  9.792   7.522   1.00 56.23  ? 19  ILE A CD1  1 
ATOM   28  N  N    . PRO A 1 5  ? -8.238  10.163  10.396  1.00 69.75  ? 20  PRO A N    1 
ATOM   29  C  CA   . PRO A 1 5  ? -9.193  9.481   11.278  1.00 69.66  ? 20  PRO A CA   1 
ATOM   30  C  C    . PRO A 1 5  ? -9.120  7.937   11.216  1.00 66.06  ? 20  PRO A C    1 
ATOM   31  O  O    . PRO A 1 5  ? -8.697  7.362   10.194  1.00 63.09  ? 20  PRO A O    1 
ATOM   32  C  CB   . PRO A 1 5  ? -10.537 9.971   10.750  1.00 69.70  ? 20  PRO A CB   1 
ATOM   33  C  CG   . PRO A 1 5  ? -10.297 10.106  9.280   1.00 66.71  ? 20  PRO A CG   1 
ATOM   34  C  CD   . PRO A 1 5  ? -8.925  10.731  9.218   1.00 69.53  ? 20  PRO A CD   1 
ATOM   35  N  N    . ALA A 1 6  ? -9.533  7.294   12.308  1.00 69.02  ? 21  ALA A N    1 
ATOM   36  C  CA   . ALA A 1 6  ? -9.520  5.827   12.442  1.00 68.06  ? 21  ALA A CA   1 
ATOM   37  C  C    . ALA A 1 6  ? -10.489 5.181   11.478  1.00 63.22  ? 21  ALA A C    1 
ATOM   38  O  O    . ALA A 1 6  ? -10.244 4.084   10.995  1.00 63.88  ? 21  ALA A O    1 
ATOM   39  C  CB   . ALA A 1 6  ? -9.877  5.410   13.879  1.00 73.38  ? 21  ALA A CB   1 
ATOM   40  N  N    . SER A 1 7  ? -11.582 5.881   11.199  1.00 62.97  ? 22  SER A N    1 
ATOM   41  C  CA   . SER A 1 7  ? -12.621 5.434   10.270  1.00 61.43  ? 22  SER A CA   1 
ATOM   42  C  C    . SER A 1 7  ? -12.125 5.099   8.877   1.00 57.94  ? 22  SER A C    1 
ATOM   43  O  O    . SER A 1 7  ? -12.778 4.341   8.146   1.00 56.05  ? 22  SER A O    1 
ATOM   44  C  CB   . SER A 1 7  ? -13.721 6.506   10.172  1.00 63.27  ? 22  SER A CB   1 
ATOM   45  O  OG   . SER A 1 7  ? -13.207 7.695   9.589   1.00 56.89  ? 22  SER A OG   1 
ATOM   46  N  N    . GLU A 1 8  ? -10.981 5.673   8.501   1.00 58.33  ? 23  GLU A N    1 
ATOM   47  C  CA   . GLU A 1 8  ? -10.377 5.408   7.203   1.00 56.49  ? 23  GLU A CA   1 
ATOM   48  C  C    . GLU A 1 8  ? -10.071 3.913   6.965   1.00 56.18  ? 23  GLU A C    1 
ATOM   49  O  O    . GLU A 1 8  ? -10.213 3.438   5.827   1.00 52.04  ? 23  GLU A O    1 
ATOM   50  C  CB   . GLU A 1 8  ? -9.123  6.288   7.017   1.00 56.20  ? 23  GLU A CB   1 
ATOM   51  C  CG   . GLU A 1 8  ? -8.253  5.986   5.801   1.00 49.55  ? 23  GLU A CG   1 
ATOM   52  C  CD   . GLU A 1 8  ? -8.983  6.064   4.463   1.00 53.86  ? 23  GLU A CD   1 
ATOM   53  O  OE1  . GLU A 1 8  ? -10.052 6.696   4.391   1.00 61.75  ? 23  GLU A OE1  1 
ATOM   54  O  OE2  . GLU A 1 8  ? -8.462  5.491   3.470   1.00 56.30  ? 23  GLU A OE2  1 
ATOM   55  N  N    . GLN A 1 9  ? -9.670  3.198   8.026   1.00 55.78  ? 24  GLN A N    1 
ATOM   56  C  CA   . GLN A 1 9  ? -9.415  1.732   7.981   1.00 57.03  ? 24  GLN A CA   1 
ATOM   57  C  C    . GLN A 1 9  ? -10.630 0.889   7.544   1.00 54.59  ? 24  GLN A C    1 
ATOM   58  O  O    . GLN A 1 9  ? -10.447 -0.220  7.046   1.00 53.54  ? 24  GLN A O    1 
ATOM   59  C  CB   . GLN A 1 9  ? -8.977  1.184   9.364   1.00 60.71  ? 24  GLN A CB   1 
ATOM   60  C  CG   . GLN A 1 9  ? -7.781  1.850   10.049  1.00 70.79  ? 24  GLN A CG   1 
ATOM   61  C  CD   . GLN A 1 9  ? -6.543  1.913   9.172   1.00 73.35  ? 24  GLN A CD   1 
ATOM   62  O  OE1  . GLN A 1 9  ? -6.334  2.900   8.440   1.00 76.89  ? 24  GLN A OE1  1 
ATOM   63  N  NE2  . GLN A 1 9  ? -5.717  0.863   9.232   1.00 69.16  ? 24  GLN A NE2  1 
ATOM   64  N  N    . GLU A 1 10 ? -11.844 1.395   7.793   1.00 53.34  ? 25  GLU A N    1 
ATOM   65  C  CA   . GLU A 1 10 ? -13.112 0.719   7.445   1.00 56.89  ? 25  GLU A CA   1 
ATOM   66  C  C    . GLU A 1 10 ? -13.574 0.916   5.990   1.00 53.82  ? 25  GLU A C    1 
ATOM   67  O  O    . GLU A 1 10 ? -14.521 0.266   5.559   1.00 54.24  ? 25  GLU A O    1 
ATOM   68  C  CB   . GLU A 1 10 ? -14.251 1.209   8.370   1.00 61.59  ? 25  GLU A CB   1 
ATOM   69  C  CG   . GLU A 1 10 ? -14.069 0.859   9.840   1.00 69.77  ? 25  GLU A CG   1 
ATOM   70  C  CD   . GLU A 1 10 ? -15.029 1.606   10.755  1.00 75.42  ? 25  GLU A CD   1 
ATOM   71  O  OE1  . GLU A 1 10 ? -16.160 1.989   10.365  1.00 78.76  ? 25  GLU A OE1  1 
ATOM   72  O  OE2  . GLU A 1 10 ? -14.632 1.803   11.903  1.00 90.33  ? 25  GLU A OE2  1 
ATOM   73  N  N    . THR A 1 11 ? -12.940 1.827   5.245   1.00 54.66  ? 26  THR A N    1 
ATOM   74  C  CA   . THR A 1 11 ? -13.321 2.105   3.849   1.00 50.78  ? 26  THR A CA   1 
ATOM   75  C  C    . THR A 1 11 ? -13.229 0.815   3.022   1.00 48.67  ? 26  THR A C    1 
ATOM   76  O  O    . THR A 1 11 ? -12.268 0.057   3.147   1.00 43.16  ? 26  THR A O    1 
ATOM   77  C  CB   . THR A 1 11 ? -12.405 3.179   3.213   1.00 51.71  ? 26  THR A CB   1 
ATOM   78  O  OG1  . THR A 1 11 ? -12.466 4.370   4.001   1.00 46.90  ? 26  THR A OG1  1 
ATOM   79  C  CG2  . THR A 1 11 ? -12.813 3.478   1.753   1.00 45.11  ? 26  THR A CG2  1 
ATOM   80  N  N    . LEU A 1 12 ? -14.245 0.556   2.218   1.00 47.81  ? 27  LEU A N    1 
ATOM   81  C  CA   . LEU A 1 12 ? -14.288 -0.639  1.370   1.00 50.51  ? 27  LEU A CA   1 
ATOM   82  C  C    . LEU A 1 12 ? -13.828 -0.249  -0.041  1.00 48.61  ? 27  LEU A C    1 
ATOM   83  O  O    . LEU A 1 12 ? -14.237 0.777   -0.563  1.00 47.91  ? 27  LEU A O    1 
ATOM   84  C  CB   . LEU A 1 12 ? -15.693 -1.249  1.323   1.00 50.54  ? 27  LEU A CB   1 
ATOM   85  C  CG   . LEU A 1 12 ? -16.031 -2.167  2.469   1.00 61.26  ? 27  LEU A CG   1 
ATOM   86  C  CD1  . LEU A 1 12 ? -17.549 -2.240  2.622   1.00 66.44  ? 27  LEU A CD1  1 
ATOM   87  C  CD2  . LEU A 1 12 ? -15.403 -3.552  2.245   1.00 62.25  ? 27  LEU A CD2  1 
ATOM   88  N  N    . VAL A 1 13 ? -12.992 -1.103  -0.633  1.00 46.83  ? 28  VAL A N    1 
ATOM   89  C  CA   . VAL A 1 13 ? -12.284 -0.830  -1.882  1.00 44.38  ? 28  VAL A CA   1 
ATOM   90  C  C    . VAL A 1 13 ? -12.239 -2.082  -2.774  1.00 44.83  ? 28  VAL A C    1 
ATOM   91  O  O    . VAL A 1 13 ? -12.185 -3.223  -2.263  1.00 42.40  ? 28  VAL A O    1 
ATOM   92  C  CB   . VAL A 1 13 ? -10.850 -0.320  -1.598  1.00 44.39  ? 28  VAL A CB   1 
ATOM   93  C  CG1  . VAL A 1 13 ? -10.922 1.031   -0.889  1.00 40.24  ? 28  VAL A CG1  1 
ATOM   94  C  CG2  . VAL A 1 13 ? -10.040 -1.340  -0.769  1.00 40.68  ? 28  VAL A CG2  1 
ATOM   95  N  N    . ARG A 1 14 ? -12.308 -1.863  -4.088  1.00 41.22  ? 29  ARG A N    1 
ATOM   96  C  CA   . ARG A 1 14 ? -12.023 -2.894  -5.098  1.00 44.12  ? 29  ARG A CA   1 
ATOM   97  C  C    . ARG A 1 14 ? -10.700 -2.477  -5.770  1.00 41.23  ? 29  ARG A C    1 
ATOM   98  O  O    . ARG A 1 14 ? -10.658 -1.447  -6.464  1.00 42.50  ? 29  ARG A O    1 
ATOM   99  C  CB   . ARG A 1 14 ? -13.121 -2.998  -6.162  1.00 45.81  ? 29  ARG A CB   1 
ATOM   100 C  CG   . ARG A 1 14 ? -14.439 -3.628  -5.706  1.00 56.24  ? 29  ARG A CG   1 
ATOM   101 C  CD   . ARG A 1 14 ? -15.409 -3.864  -6.874  1.00 63.09  ? 29  ARG A CD   1 
ATOM   102 N  NE   . ARG A 1 14 ? -16.468 -4.789  -6.520  0.00 66.03  ? 29  ARG A NE   1 
ATOM   103 C  CZ   . ARG A 1 14 ? -17.732 -4.434  -6.269  0.00 68.02  ? 29  ARG A CZ   1 
ATOM   104 N  NH1  . ARG A 1 14 ? -18.153 -3.171  -6.332  0.00 67.69  ? 29  ARG A NH1  1 
ATOM   105 N  NH2  . ARG A 1 14 ? -18.607 -5.377  -5.949  0.00 70.38  ? 29  ARG A NH2  1 
ATOM   106 N  N    . PRO A 1 15 ? -9.626  -3.263  -5.597  1.00 41.48  ? 30  PRO A N    1 
ATOM   107 C  CA   . PRO A 1 15 ? -8.349  -2.875  -6.225  1.00 40.98  ? 30  PRO A CA   1 
ATOM   108 C  C    . PRO A 1 15 ? -8.373  -2.952  -7.756  1.00 39.49  ? 30  PRO A C    1 
ATOM   109 O  O    . PRO A 1 15 ? -9.048  -3.813  -8.310  1.00 43.26  ? 30  PRO A O    1 
ATOM   110 C  CB   . PRO A 1 15 ? -7.345  -3.891  -5.643  1.00 42.61  ? 30  PRO A CB   1 
ATOM   111 C  CG   . PRO A 1 15 ? -8.054  -4.492  -4.447  1.00 46.72  ? 30  PRO A CG   1 
ATOM   112 C  CD   . PRO A 1 15 ? -9.485  -4.526  -4.853  1.00 45.14  ? 30  PRO A CD   1 
ATOM   113 N  N    . LYS A 1 16 ? -7.688  -2.014  -8.417  1.00 40.20  ? 31  LYS A N    1 
ATOM   114 C  CA   . LYS A 1 16 ? -7.413  -2.100  -9.859  1.00 43.38  ? 31  LYS A CA   1 
ATOM   115 C  C    . LYS A 1 16 ? -6.437  -3.262  -10.098 1.00 42.48  ? 31  LYS A C    1 
ATOM   116 O  O    . LYS A 1 16 ? -5.789  -3.704  -9.142  1.00 43.25  ? 31  LYS A O    1 
ATOM   117 C  CB   . LYS A 1 16 ? -6.800  -0.792  -10.365 1.00 45.00  ? 31  LYS A CB   1 
ATOM   118 C  CG   . LYS A 1 16 ? -7.782  0.360   -10.318 1.00 48.91  ? 31  LYS A CG   1 
ATOM   119 C  CD   . LYS A 1 16 ? -7.174  1.646   -10.806 1.00 39.62  ? 31  LYS A CD   1 
ATOM   120 C  CE   . LYS A 1 16 ? -8.128  2.805   -10.504 1.00 45.55  ? 31  LYS A CE   1 
ATOM   121 N  NZ   . LYS A 1 16 ? -7.604  4.138   -10.911 1.00 44.31  ? 31  LYS A NZ   1 
ATOM   122 N  N    . PRO A 1 17 ? -6.313  -3.744  -11.354 1.00 45.40  ? 32  PRO A N    1 
ATOM   123 C  CA   . PRO A 1 17 ? -5.621  -5.006  -11.634 1.00 46.37  ? 32  PRO A CA   1 
ATOM   124 C  C    . PRO A 1 17 ? -4.199  -5.143  -11.138 1.00 47.36  ? 32  PRO A C    1 
ATOM   125 O  O    . PRO A 1 17 ? -3.858  -6.213  -10.630 1.00 49.62  ? 32  PRO A O    1 
ATOM   126 C  CB   . PRO A 1 17 ? -5.666  -5.096  -13.171 1.00 48.27  ? 32  PRO A CB   1 
ATOM   127 C  CG   . PRO A 1 17 ? -6.918  -4.471  -13.508 1.00 50.94  ? 32  PRO A CG   1 
ATOM   128 C  CD   . PRO A 1 17 ? -7.074  -3.313  -12.548 1.00 50.75  ? 32  PRO A CD   1 
ATOM   129 N  N    . LEU A 1 18 ? -3.389  -4.087  -11.247 1.00 48.62  ? 33  LEU A N    1 
ATOM   130 C  CA   . LEU A 1 18 ? -1.988  -4.145  -10.787 1.00 48.85  ? 33  LEU A CA   1 
ATOM   131 C  C    . LEU A 1 18 ? -1.885  -4.204  -9.250  1.00 45.97  ? 33  LEU A C    1 
ATOM   132 O  O    . LEU A 1 18 ? -1.050  -4.940  -8.746  1.00 43.31  ? 33  LEU A O    1 
ATOM   133 C  CB   . LEU A 1 18 ? -1.145  -2.989  -11.352 1.00 50.66  ? 33  LEU A CB   1 
ATOM   134 C  CG   . LEU A 1 18 ? 0.373   -3.002  -11.064 1.00 58.09  ? 33  LEU A CG   1 
ATOM   135 C  CD1  . LEU A 1 18 ? 1.046   -4.207  -11.719 1.00 61.07  ? 33  LEU A CD1  1 
ATOM   136 C  CD2  . LEU A 1 18 ? 1.044   -1.713  -11.531 1.00 63.99  ? 33  LEU A CD2  1 
ATOM   137 N  N    . LEU A 1 19 ? -2.706  -3.440  -8.515  1.00 39.52  ? 34  LEU A N    1 
ATOM   138 C  CA   . LEU A 1 19 ? -2.745  -3.544  -7.053  1.00 37.84  ? 34  LEU A CA   1 
ATOM   139 C  C    . LEU A 1 19 ? -3.229  -4.940  -6.618  1.00 38.23  ? 34  LEU A C    1 
ATOM   140 O  O    . LEU A 1 19 ? -2.690  -5.526  -5.703  1.00 37.44  ? 34  LEU A O    1 
ATOM   141 C  CB   . LEU A 1 19 ? -3.611  -2.439  -6.420  1.00 39.74  ? 34  LEU A CB   1 
ATOM   142 C  CG   . LEU A 1 19 ? -3.807  -2.463  -4.890  1.00 39.70  ? 34  LEU A CG   1 
ATOM   143 C  CD1  . LEU A 1 19 ? -2.477  -2.343  -4.144  1.00 37.60  ? 34  LEU A CD1  1 
ATOM   144 C  CD2  . LEU A 1 19 ? -4.800  -1.360  -4.399  1.00 33.25  ? 34  LEU A CD2  1 
ATOM   145 N  N    . LEU A 1 20 ? -4.224  -5.463  -7.318  1.00 42.59  ? 35  LEU A N    1 
ATOM   146 C  CA   . LEU A 1 20 ? -4.725  -6.808  -7.097  1.00 45.46  ? 35  LEU A CA   1 
ATOM   147 C  C    . LEU A 1 20 ? -3.655  -7.899  -7.312  1.00 46.11  ? 35  LEU A C    1 
ATOM   148 O  O    . LEU A 1 20 ? -3.525  -8.759  -6.474  1.00 46.70  ? 35  LEU A O    1 
ATOM   149 C  CB   . LEU A 1 20 ? -5.939  -7.082  -7.992  1.00 45.76  ? 35  LEU A CB   1 
ATOM   150 C  CG   . LEU A 1 20 ? -6.707  -8.358  -7.638  1.00 59.56  ? 35  LEU A CG   1 
ATOM   151 C  CD1  . LEU A 1 20 ? -7.376  -8.202  -6.275  1.00 58.83  ? 35  LEU A CD1  1 
ATOM   152 C  CD2  . LEU A 1 20 ? -7.726  -8.744  -8.746  1.00 51.06  ? 35  LEU A CD2  1 
ATOM   153 N  N    . LYS A 1 21 ? -2.928  -7.868  -8.432  1.00 46.80  ? 36  LYS A N    1 
ATOM   154 C  CA   . LYS A 1 21 ? -1.730  -8.731  -8.657  1.00 50.11  ? 36  LYS A CA   1 
ATOM   155 C  C    . LYS A 1 21 ? -0.764  -8.738  -7.462  1.00 47.81  ? 36  LYS A C    1 
ATOM   156 O  O    . LYS A 1 21 ? -0.277  -9.774  -7.029  1.00 47.68  ? 36  LYS A O    1 
ATOM   157 C  CB   . LYS A 1 21 ? -0.958  -8.244  -9.888  1.00 51.13  ? 36  LYS A CB   1 
ATOM   158 C  CG   . LYS A 1 21 ? 0.234   -9.103  -10.304 1.00 59.72  ? 36  LYS A CG   1 
ATOM   159 C  CD   . LYS A 1 21 ? 0.678   -8.700  -11.711 0.00 59.81  ? 36  LYS A CD   1 
ATOM   160 C  CE   . LYS A 1 21 ? 1.861   -9.538  -12.161 0.00 61.87  ? 36  LYS A CE   1 
ATOM   161 N  NZ   . LYS A 1 21 ? 1.510   -10.975 -12.329 0.00 63.77  ? 36  LYS A NZ   1 
ATOM   162 N  N    . LEU A 1 22 ? -0.492  -7.549  -6.954  1.00 45.75  ? 37  LEU A N    1 
ATOM   163 C  CA   . LEU A 1 22 ? 0.420   -7.374  -5.837  1.00 47.97  ? 37  LEU A CA   1 
ATOM   164 C  C    . LEU A 1 22 ? -0.166  -8.006  -4.549  1.00 45.75  ? 37  LEU A C    1 
ATOM   165 O  O    . LEU A 1 22 ? 0.512   -8.787  -3.849  1.00 44.99  ? 37  LEU A O    1 
ATOM   166 C  CB   . LEU A 1 22 ? 0.725   -5.878  -5.705  1.00 44.78  ? 37  LEU A CB   1 
ATOM   167 C  CG   . LEU A 1 22 ? 1.957   -5.376  -4.993  1.00 55.96  ? 37  LEU A CG   1 
ATOM   168 C  CD1  . LEU A 1 22 ? 2.410   -4.039  -5.613  1.00 48.96  ? 37  LEU A CD1  1 
ATOM   169 C  CD2  . LEU A 1 22 ? 1.637   -5.253  -3.508  1.00 57.63  ? 37  LEU A CD2  1 
ATOM   170 N  N    . LEU A 1 23 ? -1.431  -7.704  -4.272  1.00 39.78  ? 38  LEU A N    1 
ATOM   171 C  CA   . LEU A 1 23 ? -2.145  -8.288  -3.118  1.00 43.60  ? 38  LEU A CA   1 
ATOM   172 C  C    . LEU A 1 23 ? -2.245  -9.833  -3.181  1.00 40.02  ? 38  LEU A C    1 
ATOM   173 O  O    . LEU A 1 23 ? -2.123  -10.506 -2.162  1.00 39.33  ? 38  LEU A O    1 
ATOM   174 C  CB   . LEU A 1 23 ? -3.563  -7.652  -2.959  1.00 45.23  ? 38  LEU A CB   1 
ATOM   175 C  CG   . LEU A 1 23 ? -3.643  -6.145  -2.602  1.00 45.90  ? 38  LEU A CG   1 
ATOM   176 C  CD1  . LEU A 1 23 ? -5.101  -5.607  -2.722  1.00 41.45  ? 38  LEU A CD1  1 
ATOM   177 C  CD2  . LEU A 1 23 ? -3.052  -5.833  -1.208  1.00 46.08  ? 38  LEU A CD2  1 
ATOM   178 N  N    . LYS A 1 24 ? -2.455  -10.375 -4.370  1.00 41.82  ? 39  LYS A N    1 
ATOM   179 C  CA   . LYS A 1 24 ? -2.519  -11.832 -4.577  1.00 46.60  ? 39  LYS A CA   1 
ATOM   180 C  C    . LYS A 1 24 ? -1.220  -12.572 -4.222  1.00 44.54  ? 39  LYS A C    1 
ATOM   181 O  O    . LYS A 1 24 ? -1.257  -13.748 -3.881  1.00 46.95  ? 39  LYS A O    1 
ATOM   182 C  CB   . LYS A 1 24 ? -2.938  -12.169 -6.014  1.00 49.30  ? 39  LYS A CB   1 
ATOM   183 C  CG   . LYS A 1 24 ? -4.434  -12.053 -6.289  1.00 58.28  ? 39  LYS A CG   1 
ATOM   184 C  CD   . LYS A 1 24 ? -4.782  -12.484 -7.729  1.00 63.26  ? 39  LYS A CD   1 
ATOM   185 C  CE   . LYS A 1 24 ? -4.012  -11.628 -8.844  0.00 62.48  ? 39  LYS A CE   1 
ATOM   186 N  NZ   . LYS A 1 24 ? -4.553  -11.886 -10.207 0.00 65.31  ? 39  LYS A NZ   1 
ATOM   187 N  N    . SER A 1 25 ? -0.082  -11.885 -4.275  1.00 44.21  ? 40  SER A N    1 
ATOM   188 C  CA   . SER A 1 25 ? 1.203   -12.463 -3.857  1.00 44.92  ? 40  SER A CA   1 
ATOM   189 C  C    . SER A 1 25 ? 1.415   -12.535 -2.318  1.00 44.49  ? 40  SER A C    1 
ATOM   190 O  O    . SER A 1 25 ? 2.362   -13.192 -1.870  1.00 42.11  ? 40  SER A O    1 
ATOM   191 C  CB   . SER A 1 25 ? 2.364   -11.685 -4.518  1.00 46.65  ? 40  SER A CB   1 
ATOM   192 O  OG   . SER A 1 25 ? 2.548   -10.443 -3.883  1.00 46.18  ? 40  SER A OG   1 
ATOM   193 N  N    . VAL A 1 26 ? 0.535   -11.892 -1.525  1.00 43.08  ? 41  VAL A N    1 
ATOM   194 C  CA   . VAL A 1 26 ? 0.620   -11.915 -0.036  1.00 47.49  ? 41  VAL A CA   1 
ATOM   195 C  C    . VAL A 1 26 ? -0.650  -12.314 0.755   1.00 50.47  ? 41  VAL A C    1 
ATOM   196 O  O    . VAL A 1 26 ? -0.550  -12.683 1.915   1.00 53.39  ? 41  VAL A O    1 
ATOM   197 C  CB   . VAL A 1 26 ? 1.120   -10.553 0.503   1.00 46.88  ? 41  VAL A CB   1 
ATOM   198 C  CG1  . VAL A 1 26 ? 2.589   -10.340 0.070   1.00 54.04  ? 41  VAL A CG1  1 
ATOM   199 C  CG2  . VAL A 1 26 ? 0.229   -9.388  0.010   1.00 45.02  ? 41  VAL A CG2  1 
ATOM   200 N  N    . GLY A 1 27 ? -1.829  -12.229 0.150   1.00 49.58  ? 42  GLY A N    1 
ATOM   201 C  CA   . GLY A 1 27 ? -3.072  -12.533 0.831   1.00 52.57  ? 42  GLY A CA   1 
ATOM   202 C  C    . GLY A 1 27 ? -4.030  -13.300 -0.043  1.00 52.71  ? 42  GLY A C    1 
ATOM   203 O  O    . GLY A 1 27 ? -3.817  -13.406 -1.241  1.00 54.44  ? 42  GLY A O    1 
ATOM   204 N  N    . ALA A 1 28 ? -5.082  -13.830 0.579   1.00 56.45  ? 43  ALA A N    1 
ATOM   205 C  CA   . ALA A 1 28 ? -6.203  -14.436 -0.131  1.00 62.66  ? 43  ALA A CA   1 
ATOM   206 C  C    . ALA A 1 28 ? -6.810  -13.451 -1.152  1.00 62.58  ? 43  ALA A C    1 
ATOM   207 O  O    . ALA A 1 28 ? -6.949  -12.257 -0.870  1.00 64.43  ? 43  ALA A O    1 
ATOM   208 C  CB   . ALA A 1 28 ? -7.285  -14.903 0.868   1.00 66.92  ? 43  ALA A CB   1 
ATOM   209 N  N    . GLN A 1 29 ? -7.147  -13.960 -2.335  1.00 64.49  ? 44  GLN A N    1 
ATOM   210 C  CA   . GLN A 1 29 ? -7.797  -13.161 -3.364  1.00 64.39  ? 44  GLN A CA   1 
ATOM   211 C  C    . GLN A 1 29 ? -9.265  -12.978 -2.988  1.00 64.33  ? 44  GLN A C    1 
ATOM   212 O  O    . GLN A 1 29 ? -9.945  -13.924 -2.565  1.00 61.51  ? 44  GLN A O    1 
ATOM   213 C  CB   . GLN A 1 29 ? -7.691  -13.831 -4.745  1.00 68.30  ? 44  GLN A CB   1 
ATOM   214 C  CG   . GLN A 1 29 ? -8.012  -12.760 -5.887  0.00 66.90  ? 44  GLN A CG   1 
ATOM   215 C  CD   . GLN A 1 29 ? -7.944  -13.349 -7.290  0.00 69.33  ? 44  GLN A CD   1 
ATOM   216 O  OE1  . GLN A 1 29 ? -8.294  -12.680 -8.262  0.00 69.10  ? 44  GLN A OE1  1 
ATOM   217 N  NE2  . GLN A 1 29 ? -7.492  -14.596 -7.405  0.00 71.20  ? 44  GLN A NE2  1 
ATOM   218 N  N    . LYS A 1 30 ? -9.733  -11.746 -3.108  1.00 61.53  ? 45  LYS A N    1 
ATOM   219 C  CA   . LYS A 1 30 ? -11.162 -11.473 -3.061  1.00 64.34  ? 45  LYS A CA   1 
ATOM   220 C  C    . LYS A 1 30 ? -11.487 -10.171 -3.811  1.00 64.01  ? 45  LYS A C    1 
ATOM   221 O  O    . LYS A 1 30 ? -10.597 -9.413  -4.187  1.00 61.71  ? 45  LYS A O    1 
ATOM   222 C  CB   . LYS A 1 30 ? -11.714 -11.516 -1.620  1.00 64.47  ? 45  LYS A CB   1 
ATOM   223 C  CG   . LYS A 1 30 ? -10.902 -10.794 -0.563  1.00 61.25  ? 45  LYS A CG   1 
ATOM   224 C  CD   . LYS A 1 30 ? -11.494 -10.998 0.828   1.00 67.56  ? 45  LYS A CD   1 
ATOM   225 C  CE   . LYS A 1 30 ? -10.790 -10.111 1.862   1.00 64.98  ? 45  LYS A CE   1 
ATOM   226 N  NZ   . LYS A 1 30 ? -11.568 -9.960  3.105   1.00 67.36  ? 45  LYS A NZ   1 
ATOM   227 N  N    . ASP A 1 31 ? -12.777 -9.976  -4.061  1.00 70.00  ? 46  ASP A N    1 
ATOM   228 C  CA   . ASP A 1 31 ? -13.288 -8.880  -4.892  1.00 70.70  ? 46  ASP A CA   1 
ATOM   229 C  C    . ASP A 1 31 ? -13.061 -7.529  -4.188  1.00 64.39  ? 46  ASP A C    1 
ATOM   230 O  O    . ASP A 1 31 ? -12.520 -6.577  -4.779  1.00 60.59  ? 46  ASP A O    1 
ATOM   231 C  CB   . ASP A 1 31 ? -14.797 -9.109  -5.179  1.00 74.98  ? 46  ASP A CB   1 
ATOM   232 C  CG   . ASP A 1 31 ? -15.078 -10.437 -5.909  1.00 84.00  ? 46  ASP A CG   1 
ATOM   233 O  OD1  . ASP A 1 31 ? -14.667 -11.520 -5.401  1.00 83.04  ? 46  ASP A OD1  1 
ATOM   234 O  OD2  . ASP A 1 31 ? -15.724 -10.391 -6.985  1.00 84.90  ? 46  ASP A OD2  1 
ATOM   235 N  N    . THR A 1 32 ? -13.447 -7.510  -2.910  1.00 62.36  ? 47  THR A N    1 
ATOM   236 C  CA   . THR A 1 32 ? -13.497 -6.333  -2.062  1.00 58.36  ? 47  THR A CA   1 
ATOM   237 C  C    . THR A 1 32 ? -12.640 -6.519  -0.797  1.00 56.15  ? 47  THR A C    1 
ATOM   238 O  O    . THR A 1 32 ? -12.689 -7.584  -0.129  1.00 53.94  ? 47  THR A O    1 
ATOM   239 C  CB   . THR A 1 32 ? -14.967 -6.055  -1.659  1.00 63.24  ? 47  THR A CB   1 
ATOM   240 O  OG1  . THR A 1 32 ? -15.744 -5.842  -2.843  1.00 60.13  ? 47  THR A OG1  1 
ATOM   241 C  CG2  . THR A 1 32 ? -15.097 -4.826  -0.750  1.00 68.67  ? 47  THR A CG2  1 
ATOM   242 N  N    . TYR A 1 33 ? -11.890 -5.460  -0.482  1.00 48.67  ? 48  TYR A N    1 
ATOM   243 C  CA   . TYR A 1 33 ? -11.006 -5.364  0.673   1.00 47.02  ? 48  TYR A CA   1 
ATOM   244 C  C    . TYR A 1 33 ? -11.373 -4.175  1.556   1.00 48.27  ? 48  TYR A C    1 
ATOM   245 O  O    . TYR A 1 33 ? -11.995 -3.205  1.097   1.00 46.33  ? 48  TYR A O    1 
ATOM   246 C  CB   . TYR A 1 33 ? -9.556  -5.171  0.209   1.00 44.85  ? 48  TYR A CB   1 
ATOM   247 C  CG   . TYR A 1 33 ? -8.977  -6.378  -0.510  1.00 46.35  ? 48  TYR A CG   1 
ATOM   248 C  CD1  . TYR A 1 33 ? -9.157  -6.541  -1.880  1.00 43.38  ? 48  TYR A CD1  1 
ATOM   249 C  CD2  . TYR A 1 33 ? -8.282  -7.371  0.191   1.00 51.62  ? 48  TYR A CD2  1 
ATOM   250 C  CE1  . TYR A 1 33 ? -8.666  -7.657  -2.554  1.00 44.28  ? 48  TYR A CE1  1 
ATOM   251 C  CE2  . TYR A 1 33 ? -7.761  -8.508  -0.478  1.00 57.91  ? 48  TYR A CE2  1 
ATOM   252 C  CZ   . TYR A 1 33 ? -7.959  -8.642  -1.860  1.00 53.95  ? 48  TYR A CZ   1 
ATOM   253 O  OH   . TYR A 1 33 ? -7.452  -9.753  -2.549  1.00 49.34  ? 48  TYR A OH   1 
ATOM   254 N  N    . THR A 1 34 ? -10.990 -4.244  2.827   1.00 49.61  ? 49  THR A N    1 
ATOM   255 C  CA   . THR A 1 34 ? -10.956 -3.038  3.657   1.00 49.66  ? 49  THR A CA   1 
ATOM   256 C  C    . THR A 1 34 ? -9.604  -2.332  3.477   1.00 45.75  ? 49  THR A C    1 
ATOM   257 O  O    . THR A 1 34 ? -8.625  -2.934  3.024   1.00 42.43  ? 49  THR A O    1 
ATOM   258 C  CB   . THR A 1 34 ? -11.195 -3.344  5.106   1.00 51.39  ? 49  THR A CB   1 
ATOM   259 O  OG1  . THR A 1 34 ? -10.125 -4.162  5.598   1.00 52.18  ? 49  THR A OG1  1 
ATOM   260 C  CG2  . THR A 1 34 ? -12.554 -4.030  5.269   1.00 51.51  ? 49  THR A CG2  1 
ATOM   261 N  N    . MET A 1 35 ? -9.561  -1.045  3.794   1.00 46.16  ? 50  MET A N    1 
ATOM   262 C  CA   . MET A 1 35 ? -8.288  -0.291  3.758   1.00 46.23  ? 50  MET A CA   1 
ATOM   263 C  C    . MET A 1 35 ? -7.281  -0.858  4.784   1.00 43.68  ? 50  MET A C    1 
ATOM   264 O  O    . MET A 1 35 ? -6.091  -0.937  4.495   1.00 38.85  ? 50  MET A O    1 
ATOM   265 C  CB   . MET A 1 35 ? -8.522  1.231   3.926   1.00 48.05  ? 50  MET A CB   1 
ATOM   266 C  CG   . MET A 1 35 ? -8.728  1.980   2.599   1.00 57.42  ? 50  MET A CG   1 
ATOM   267 S  SD   . MET A 1 35 ? -7.314  1.908   1.422   1.00 56.18  ? 50  MET A SD   1 
ATOM   268 C  CE   . MET A 1 35 ? -6.019  2.342   2.512   1.00 37.07  ? 50  MET A CE   1 
ATOM   269 N  N    . LYS A 1 36 ? -7.774  -1.295  5.941   1.00 41.57  ? 51  LYS A N    1 
ATOM   270 C  CA   . LYS A 1 36 ? -6.964  -2.019  6.916   1.00 46.43  ? 51  LYS A CA   1 
ATOM   271 C  C    . LYS A 1 36 ? -6.215  -3.205  6.285   1.00 44.54  ? 51  LYS A C    1 
ATOM   272 O  O    . LYS A 1 36 ? -5.023  -3.400  6.541   1.00 43.58  ? 51  LYS A O    1 
ATOM   273 C  CB   . LYS A 1 36 ? -7.825  -2.527  8.103   1.00 47.19  ? 51  LYS A CB   1 
ATOM   274 C  CG   . LYS A 1 36 ? -6.999  -3.062  9.297   1.00 54.90  ? 51  LYS A CG   1 
ATOM   275 C  CD   . LYS A 1 36 ? -7.852  -3.706  10.386  1.00 60.61  ? 51  LYS A CD   1 
ATOM   276 C  CE   . LYS A 1 36 ? -8.686  -2.693  11.128  0.00 62.37  ? 51  LYS A CE   1 
ATOM   277 N  NZ   . LYS A 1 36 ? -9.417  -3.322  12.261  0.00 65.98  ? 51  LYS A NZ   1 
ATOM   278 N  N    . GLU A 1 37 ? -6.934  -3.980  5.481   1.00 44.31  ? 52  GLU A N    1 
ATOM   279 C  CA   . GLU A 1 37 ? -6.376  -5.129  4.775   1.00 43.51  ? 52  GLU A CA   1 
ATOM   280 C  C    . GLU A 1 37 ? -5.396  -4.695  3.728   1.00 40.73  ? 52  GLU A C    1 
ATOM   281 O  O    . GLU A 1 37 ? -4.340  -5.281  3.629   1.00 38.73  ? 52  GLU A O    1 
ATOM   282 C  CB   . GLU A 1 37 ? -7.471  -5.975  4.118   1.00 47.00  ? 52  GLU A CB   1 
ATOM   283 C  CG   . GLU A 1 37 ? -8.309  -6.837  5.088   1.00 47.57  ? 52  GLU A CG   1 
ATOM   284 C  CD   . GLU A 1 37 ? -9.558  -7.479  4.436   1.00 57.41  ? 52  GLU A CD   1 
ATOM   285 O  OE1  . GLU A 1 37 ? -10.072 -6.969  3.421   1.00 53.19  ? 52  GLU A OE1  1 
ATOM   286 O  OE2  . GLU A 1 37 ? -10.044 -8.506  4.944   1.00 65.58  ? 52  GLU A OE2  1 
ATOM   287 N  N    . VAL A 1 38 ? -5.736  -3.678  2.928   1.00 40.26  ? 53  VAL A N    1 
ATOM   288 C  CA   . VAL A 1 38 ? -4.829  -3.211  1.864   1.00 36.34  ? 53  VAL A CA   1 
ATOM   289 C  C    . VAL A 1 38 ? -3.506  -2.741  2.503   1.00 37.88  ? 53  VAL A C    1 
ATOM   290 O  O    . VAL A 1 38 ? -2.415  -3.102  2.052   1.00 37.60  ? 53  VAL A O    1 
ATOM   291 C  CB   . VAL A 1 38 ? -5.495  -2.114  0.963   1.00 37.02  ? 53  VAL A CB   1 
ATOM   292 C  CG1  . VAL A 1 38 ? -4.472  -1.403  0.077   1.00 34.75  ? 53  VAL A CG1  1 
ATOM   293 C  CG2  . VAL A 1 38 ? -6.631  -2.733  0.116   1.00 37.49  ? 53  VAL A CG2  1 
ATOM   294 N  N    . LEU A 1 39 ? -3.599  -1.988  3.592   1.00 39.31  ? 54  LEU A N    1 
ATOM   295 C  CA   . LEU A 1 39 ? -2.395  -1.530  4.317   1.00 40.28  ? 54  LEU A CA   1 
ATOM   296 C  C    . LEU A 1 39 ? -1.574  -2.696  4.914   1.00 39.54  ? 54  LEU A C    1 
ATOM   297 O  O    . LEU A 1 39 ? -0.343  -2.725  4.774   1.00 37.40  ? 54  LEU A O    1 
ATOM   298 C  CB   . LEU A 1 39 ? -2.786  -0.546  5.430   1.00 44.34  ? 54  LEU A CB   1 
ATOM   299 C  CG   . LEU A 1 39 ? -3.406  0.787   4.976   1.00 44.70  ? 54  LEU A CG   1 
ATOM   300 C  CD1  . LEU A 1 39 ? -3.989  1.536   6.204   1.00 45.37  ? 54  LEU A CD1  1 
ATOM   301 C  CD2  . LEU A 1 39 ? -2.331  1.623   4.232   1.00 38.27  ? 54  LEU A CD2  1 
ATOM   302 N  N    . PHE A 1 40 ? -2.231  -3.653  5.580   1.00 38.64  ? 55  PHE A N    1 
ATOM   303 C  CA   . PHE A 1 40 ? -1.491  -4.789  6.137   1.00 40.40  ? 55  PHE A CA   1 
ATOM   304 C  C    . PHE A 1 40 ? -0.780  -5.599  5.027   1.00 39.06  ? 55  PHE A C    1 
ATOM   305 O  O    . PHE A 1 40 ? 0.402   -5.943  5.173   1.00 36.52  ? 55  PHE A O    1 
ATOM   306 C  CB   . PHE A 1 40 ? -2.373  -5.707  6.987   1.00 42.96  ? 55  PHE A CB   1 
ATOM   307 C  CG   . PHE A 1 40 ? -1.743  -7.050  7.246   1.00 44.69  ? 55  PHE A CG   1 
ATOM   308 C  CD1  . PHE A 1 40 ? -0.831  -7.222  8.298   1.00 47.41  ? 55  PHE A CD1  1 
ATOM   309 C  CD2  . PHE A 1 40 ? -2.009  -8.141  6.383   1.00 43.85  ? 55  PHE A CD2  1 
ATOM   310 C  CE1  . PHE A 1 40 ? -0.217  -8.465  8.515   1.00 53.42  ? 55  PHE A CE1  1 
ATOM   311 C  CE2  . PHE A 1 40 ? -1.416  -9.393  6.596   1.00 44.38  ? 55  PHE A CE2  1 
ATOM   312 C  CZ   . PHE A 1 40 ? -0.512  -9.559  7.656   1.00 51.15  ? 55  PHE A CZ   1 
ATOM   313 N  N    . TYR A 1 41 ? -1.492  -5.917  3.935   1.00 35.58  ? 56  TYR A N    1 
ATOM   314 C  CA   . TYR A 1 41 ? -0.895  -6.733  2.854   1.00 34.11  ? 56  TYR A CA   1 
ATOM   315 C  C    . TYR A 1 41 ? 0.241   -6.003  2.152   1.00 35.38  ? 56  TYR A C    1 
ATOM   316 O  O    . TYR A 1 41 ? 1.284   -6.620  1.869   1.00 39.01  ? 56  TYR A O    1 
ATOM   317 C  CB   . TYR A 1 41 ? -1.941  -7.236  1.856   1.00 38.55  ? 56  TYR A CB   1 
ATOM   318 C  CG   . TYR A 1 41 ? -2.902  -8.271  2.416   1.00 37.44  ? 56  TYR A CG   1 
ATOM   319 C  CD1  . TYR A 1 41 ? -2.437  -9.393  3.103   1.00 44.81  ? 56  TYR A CD1  1 
ATOM   320 C  CD2  . TYR A 1 41 ? -4.270  -8.165  2.213   1.00 44.70  ? 56  TYR A CD2  1 
ATOM   321 C  CE1  . TYR A 1 41 ? -3.321  -10.342 3.614   1.00 48.41  ? 56  TYR A CE1  1 
ATOM   322 C  CE2  . TYR A 1 41 ? -5.169  -9.124  2.729   1.00 43.53  ? 56  TYR A CE2  1 
ATOM   323 C  CZ   . TYR A 1 41 ? -4.684  -10.202 3.424   1.00 47.19  ? 56  TYR A CZ   1 
ATOM   324 O  OH   . TYR A 1 41 ? -5.534  -11.167 3.938   1.00 57.17  ? 56  TYR A OH   1 
ATOM   325 N  N    . LEU A 1 42 ? 0.068   -4.701  1.893   1.00 35.67  ? 57  LEU A N    1 
ATOM   326 C  CA   . LEU A 1 42 ? 1.152   -3.867  1.313   1.00 37.87  ? 57  LEU A CA   1 
ATOM   327 C  C    . LEU A 1 42 ? 2.375   -3.777  2.234   1.00 37.54  ? 57  LEU A C    1 
ATOM   328 O  O    . LEU A 1 42 ? 3.522   -3.937  1.781   1.00 33.40  ? 57  LEU A O    1 
ATOM   329 C  CB   . LEU A 1 42 ? 0.666   -2.451  0.936   1.00 41.88  ? 57  LEU A CB   1 
ATOM   330 C  CG   . LEU A 1 42 ? -0.124  -2.263  -0.372  1.00 40.92  ? 57  LEU A CG   1 
ATOM   331 C  CD1  . LEU A 1 42 ? -0.664  -0.826  -0.449  1.00 31.85  ? 57  LEU A CD1  1 
ATOM   332 C  CD2  . LEU A 1 42 ? 0.692   -2.622  -1.645  1.00 39.63  ? 57  LEU A CD2  1 
ATOM   333 N  N    . GLY A 1 43 ? 2.128   -3.583  3.528   1.00 36.67  ? 58  GLY A N    1 
ATOM   334 C  CA   . GLY A 1 43 ? 3.188   -3.646  4.529   1.00 38.44  ? 58  GLY A CA   1 
ATOM   335 C  C    . GLY A 1 43 ? 3.923   -4.982  4.537   1.00 37.73  ? 58  GLY A C    1 
ATOM   336 O  O    . GLY A 1 43 ? 5.144   -5.021  4.604   1.00 34.63  ? 58  GLY A O    1 
ATOM   337 N  N    . GLN A 1 44 ? 3.168   -6.073  4.465   1.00 38.60  ? 59  GLN A N    1 
ATOM   338 C  CA   . GLN A 1 44 ? 3.745   -7.421  4.462   1.00 43.52  ? 59  GLN A CA   1 
ATOM   339 C  C    . GLN A 1 44 ? 4.534   -7.699  3.165   1.00 39.94  ? 59  GLN A C    1 
ATOM   340 O  O    . GLN A 1 44 ? 5.620   -8.293  3.200   1.00 39.23  ? 59  GLN A O    1 
ATOM   341 C  CB   . GLN A 1 44 ? 2.637   -8.488  4.735   1.00 42.03  ? 59  GLN A CB   1 
ATOM   342 C  CG   . GLN A 1 44 ? 3.048   -9.735  5.503   1.00 52.09  ? 59  GLN A CG   1 
ATOM   343 C  CD   . GLN A 1 44 ? 4.009   -9.492  6.673   1.00 51.67  ? 59  GLN A CD   1 
ATOM   344 O  OE1  . GLN A 1 44 ? 3.643   -8.992  7.751   1.00 58.25  ? 59  GLN A OE1  1 
ATOM   345 N  NE2  . GLN A 1 44 ? 5.256   -9.818  6.440   1.00 56.21  ? 59  GLN A NE2  1 
ATOM   346 N  N    . TYR A 1 45 ? 4.001   -7.252  2.027   1.00 41.55  ? 60  TYR A N    1 
ATOM   347 C  CA   . TYR A 1 45 ? 4.714   -7.323  0.755   1.00 39.43  ? 60  TYR A CA   1 
ATOM   348 C  C    . TYR A 1 45 ? 6.106   -6.667  0.843   1.00 40.81  ? 60  TYR A C    1 
ATOM   349 O  O    . TYR A 1 45 ? 7.140   -7.272  0.512   1.00 37.38  ? 60  TYR A O    1 
ATOM   350 C  CB   . TYR A 1 45 ? 3.862   -6.672  -0.353  1.00 40.89  ? 60  TYR A CB   1 
ATOM   351 C  CG   . TYR A 1 45 ? 4.488   -6.677  -1.715  1.00 38.40  ? 60  TYR A CG   1 
ATOM   352 C  CD1  . TYR A 1 45 ? 4.307   -7.759  -2.591  1.00 43.84  ? 60  TYR A CD1  1 
ATOM   353 C  CD2  . TYR A 1 45 ? 5.303   -5.624  -2.121  1.00 35.80  ? 60  TYR A CD2  1 
ATOM   354 C  CE1  . TYR A 1 45 ? 4.910   -7.781  -3.844  1.00 39.85  ? 60  TYR A CE1  1 
ATOM   355 C  CE2  . TYR A 1 45 ? 5.892   -5.628  -3.373  1.00 34.20  ? 60  TYR A CE2  1 
ATOM   356 C  CZ   . TYR A 1 45 ? 5.709   -6.707  -4.216  1.00 35.92  ? 60  TYR A CZ   1 
ATOM   357 O  OH   . TYR A 1 45 ? 6.323   -6.683  -5.428  1.00 39.56  ? 60  TYR A OH   1 
ATOM   358 N  N    . ILE A 1 46 ? 6.114   -5.420  1.280   1.00 39.52  ? 61  ILE A N    1 
ATOM   359 C  CA   . ILE A 1 46 ? 7.355   -4.639  1.444   1.00 38.52  ? 61  ILE A CA   1 
ATOM   360 C  C    . ILE A 1 46 ? 8.373   -5.282  2.403   1.00 35.51  ? 61  ILE A C    1 
ATOM   361 O  O    . ILE A 1 46 ? 9.543   -5.359  2.083   1.00 37.46  ? 61  ILE A O    1 
ATOM   362 C  CB   . ILE A 1 46 ? 7.010   -3.208  1.952   1.00 37.10  ? 61  ILE A CB   1 
ATOM   363 C  CG1  . ILE A 1 46 ? 6.356   -2.398  0.829   1.00 37.73  ? 61  ILE A CG1  1 
ATOM   364 C  CG2  . ILE A 1 46 ? 8.241   -2.531  2.562   1.00 31.44  ? 61  ILE A CG2  1 
ATOM   365 C  CD1  . ILE A 1 46 ? 5.465   -1.268  1.332   1.00 40.24  ? 61  ILE A CD1  1 
ATOM   366 N  N    A MET A 1 47 ? 7.901   -5.748  3.559   0.50 37.37  ? 62  MET A N    1 
ATOM   367 N  N    B MET A 1 47 ? 7.910   -5.754  3.557   0.50 36.93  ? 62  MET A N    1 
ATOM   368 C  CA   A MET A 1 47 ? 8.763   -6.333  4.595   0.50 37.54  ? 62  MET A CA   1 
ATOM   369 C  CA   B MET A 1 47 ? 8.790   -6.335  4.578   0.50 36.77  ? 62  MET A CA   1 
ATOM   370 C  C    A MET A 1 47 ? 9.340   -7.673  4.166   0.50 39.43  ? 62  MET A C    1 
ATOM   371 C  C    B MET A 1 47 ? 9.350   -7.678  4.155   0.50 38.97  ? 62  MET A C    1 
ATOM   372 O  O    A MET A 1 47 ? 10.546  -7.912  4.334   0.50 36.13  ? 62  MET A O    1 
ATOM   373 O  O    B MET A 1 47 ? 10.553  -7.928  4.324   0.50 35.43  ? 62  MET A O    1 
ATOM   374 C  CB   A MET A 1 47 ? 7.992   -6.508  5.903   0.50 38.86  ? 62  MET A CB   1 
ATOM   375 C  CB   B MET A 1 47 ? 8.051   -6.505  5.892   0.50 37.58  ? 62  MET A CB   1 
ATOM   376 C  CG   A MET A 1 47 ? 7.817   -5.212  6.729   0.50 43.21  ? 62  MET A CG   1 
ATOM   377 C  CG   B MET A 1 47 ? 7.803   -5.194  6.644   0.50 40.75  ? 62  MET A CG   1 
ATOM   378 S  SD   A MET A 1 47 ? 7.097   -5.454  8.386   0.50 50.24  ? 62  MET A SD   1 
ATOM   379 S  SD   B MET A 1 47 ? 9.253   -4.126  6.711   0.50 45.55  ? 62  MET A SD   1 
ATOM   380 C  CE   A MET A 1 47 ? 8.234   -6.655  9.096   0.50 52.42  ? 62  MET A CE   1 
ATOM   381 C  CE   B MET A 1 47 ? 10.383  -5.037  7.769   0.50 47.64  ? 62  MET A CE   1 
ATOM   382 N  N    . THR A 1 48 ? 8.486   -8.535  3.609   1.00 37.35  ? 63  THR A N    1 
ATOM   383 C  CA   . THR A 1 48 ? 8.930   -9.853  3.056   1.00 42.27  ? 63  THR A CA   1 
ATOM   384 C  C    . THR A 1 48 ? 9.996   -9.705  1.982   1.00 44.03  ? 63  THR A C    1 
ATOM   385 O  O    . THR A 1 48 ? 11.011  -10.406 2.029   1.00 42.79  ? 63  THR A O    1 
ATOM   386 C  CB   . THR A 1 48 ? 7.771   -10.666 2.464   1.00 36.83  ? 63  THR A CB   1 
ATOM   387 O  OG1  . THR A 1 48 ? 6.813   -10.900 3.509   1.00 47.80  ? 63  THR A OG1  1 
ATOM   388 C  CG2  . THR A 1 48 ? 8.280   -12.047 1.917   1.00 44.70  ? 63  THR A CG2  1 
ATOM   389 N  N    . LYS A 1 49 ? 9.773   -8.760  1.055   1.00 44.22  ? 64  LYS A N    1 
ATOM   390 C  CA   . LYS A 1 49 ? 10.742  -8.494  -0.024  1.00 44.59  ? 64  LYS A CA   1 
ATOM   391 C  C    . LYS A 1 49 ? 11.944  -7.608  0.355   1.00 46.65  ? 64  LYS A C    1 
ATOM   392 O  O    . LYS A 1 49 ? 12.802  -7.352  -0.493  1.00 46.56  ? 64  LYS A O    1 
ATOM   393 C  CB   . LYS A 1 49 ? 10.018  -7.934  -1.225  1.00 42.26  ? 64  LYS A CB   1 
ATOM   394 C  CG   . LYS A 1 49 ? 9.073   -8.967  -1.830  1.00 43.03  ? 64  LYS A CG   1 
ATOM   395 C  CD   . LYS A 1 49 ? 8.599   -8.537  -3.210  1.00 46.82  ? 64  LYS A CD   1 
ATOM   396 C  CE   . LYS A 1 49 ? 9.654   -8.907  -4.271  1.00 47.04  ? 64  LYS A CE   1 
ATOM   397 N  NZ   . LYS A 1 49 ? 9.190   -8.484  -5.610  1.00 46.68  ? 64  LYS A NZ   1 
ATOM   398 N  N    . ARG A 1 50 ? 11.995  -7.156  1.621   1.00 45.69  ? 65  ARG A N    1 
ATOM   399 C  CA   . ARG A 1 50 ? 13.094  -6.350  2.162   1.00 46.52  ? 65  ARG A CA   1 
ATOM   400 C  C    . ARG A 1 50 ? 13.296  -5.036  1.378   1.00 44.85  ? 65  ARG A C    1 
ATOM   401 O  O    . ARG A 1 50 ? 14.440  -4.574  1.137   1.00 44.02  ? 65  ARG A O    1 
ATOM   402 C  CB   . ARG A 1 50 ? 14.377  -7.195  2.265   1.00 49.46  ? 65  ARG A CB   1 
ATOM   403 C  CG   . ARG A 1 50 ? 14.238  -8.406  3.216   1.00 57.47  ? 65  ARG A CG   1 
ATOM   404 C  CD   . ARG A 1 50 ? 15.362  -9.352  2.958   1.00 71.75  ? 65  ARG A CD   1 
ATOM   405 N  NE   . ARG A 1 50 ? 15.748  -10.245 4.061   1.00 76.61  ? 65  ARG A NE   1 
ATOM   406 C  CZ   . ARG A 1 50 ? 15.791  -11.589 4.018   1.00 81.57  ? 65  ARG A CZ   1 
ATOM   407 N  NH1  . ARG A 1 50 ? 15.389  -12.302 2.957   1.00 75.84  ? 65  ARG A NH1  1 
ATOM   408 N  NH2  . ARG A 1 50 ? 16.218  -12.245 5.091   1.00 82.92  ? 65  ARG A NH2  1 
ATOM   409 N  N    . LEU A 1 51 ? 12.167  -4.456  0.974   1.00 41.05  ? 66  LEU A N    1 
ATOM   410 C  CA   . LEU A 1 51 ? 12.138  -3.141  0.330   1.00 42.65  ? 66  LEU A CA   1 
ATOM   411 C  C    . LEU A 1 51 ? 12.330  -1.939  1.300   1.00 45.48  ? 66  LEU A C    1 
ATOM   412 O  O    . LEU A 1 51 ? 12.627  -0.831  0.845   1.00 46.86  ? 66  LEU A O    1 
ATOM   413 C  CB   . LEU A 1 51 ? 10.834  -2.987  -0.461  1.00 38.62  ? 66  LEU A CB   1 
ATOM   414 C  CG   . LEU A 1 51 ? 10.559  -4.089  -1.512  1.00 42.35  ? 66  LEU A CG   1 
ATOM   415 C  CD1  . LEU A 1 51 ? 9.415   -3.674  -2.438  1.00 42.10  ? 66  LEU A CD1  1 
ATOM   416 C  CD2  . LEU A 1 51 ? 11.867  -4.451  -2.348  1.00 43.80  ? 66  LEU A CD2  1 
ATOM   417 N  N    . TYR A 1 52 ? 12.179  -2.166  2.607   1.00 46.03  ? 67  TYR A N    1 
ATOM   418 C  CA   . TYR A 1 52 ? 12.141  -1.107  3.625   1.00 52.38  ? 67  TYR A CA   1 
ATOM   419 C  C    . TYR A 1 52 ? 13.438  -1.067  4.415   1.00 58.10  ? 67  TYR A C    1 
ATOM   420 O  O    . TYR A 1 52 ? 13.837  -2.072  5.017   1.00 59.83  ? 67  TYR A O    1 
ATOM   421 C  CB   . TYR A 1 52 ? 10.974  -1.362  4.584   1.00 53.90  ? 67  TYR A CB   1 
ATOM   422 C  CG   . TYR A 1 52 ? 10.788  -0.389  5.742   1.00 55.87  ? 67  TYR A CG   1 
ATOM   423 C  CD1  . TYR A 1 52 ? 10.840  0.999   5.554   1.00 54.52  ? 67  TYR A CD1  1 
ATOM   424 C  CD2  . TYR A 1 52 ? 10.479  -0.861  7.025   1.00 61.27  ? 67  TYR A CD2  1 
ATOM   425 C  CE1  . TYR A 1 52 ? 10.652  1.874   6.627   1.00 53.06  ? 67  TYR A CE1  1 
ATOM   426 C  CE2  . TYR A 1 52 ? 10.267  0.010   8.096   1.00 62.39  ? 67  TYR A CE2  1 
ATOM   427 C  CZ   . TYR A 1 52 ? 10.350  1.373   7.896   1.00 61.71  ? 67  TYR A CZ   1 
ATOM   428 O  OH   . TYR A 1 52 ? 10.150  2.226   8.975   1.00 69.56  ? 67  TYR A OH   1 
ATOM   429 N  N    . ASP A 1 53 ? 14.076  0.103   4.410   1.00 63.92  ? 68  ASP A N    1 
ATOM   430 C  CA   . ASP A 1 53 ? 15.286  0.369   5.189   1.00 70.19  ? 68  ASP A CA   1 
ATOM   431 C  C    . ASP A 1 53 ? 14.898  1.164   6.453   1.00 73.88  ? 68  ASP A C    1 
ATOM   432 O  O    . ASP A 1 53 ? 14.792  2.403   6.425   1.00 70.42  ? 68  ASP A O    1 
ATOM   433 C  CB   . ASP A 1 53 ? 16.307  1.112   4.314   1.00 71.73  ? 68  ASP A CB   1 
ATOM   434 C  CG   . ASP A 1 53 ? 16.640  0.272   3.084   0.00 70.47  ? 68  ASP A CG   1 
ATOM   435 O  OD1  . ASP A 1 53 ? 16.178  -0.878  2.916   0.00 68.38  ? 68  ASP A OD1  1 
ATOM   436 O  OD2  . ASP A 1 53 ? 17.402  0.810   2.255   0.00 71.51  ? 68  ASP A OD2  1 
ATOM   437 N  N    . GLU A 1 54 ? 14.671  0.438   7.553   1.00 79.37  ? 69  GLU A N    1 
ATOM   438 C  CA   . GLU A 1 54 ? 14.173  1.034   8.816   1.00 84.67  ? 69  GLU A CA   1 
ATOM   439 C  C    . GLU A 1 54 ? 15.202  1.979   9.469   1.00 91.50  ? 69  GLU A C    1 
ATOM   440 O  O    . GLU A 1 54 ? 14.913  3.171   9.679   1.00 91.01  ? 69  GLU A O    1 
ATOM   441 C  CB   . GLU A 1 54 ? 13.736  -0.064  9.801   1.00 85.00  ? 69  GLU A CB   1 
ATOM   442 C  CG   . GLU A 1 54 ? 12.669  -0.840  9.815   0.00 83.05  ? 69  GLU A CG   1 
ATOM   443 C  CD   . GLU A 1 54 ? 12.565  -2.051  10.734  0.00 83.71  ? 69  GLU A CD   1 
ATOM   444 O  OE1  . GLU A 1 54 ? 13.322  -2.139  11.726  0.00 86.38  ? 69  GLU A OE1  1 
ATOM   445 O  OE2  . GLU A 1 54 ? 11.708  -2.920  10.464  0.00 81.40  ? 69  GLU A OE2  1 
ATOM   446 N  N    . LYS A 1 55 ? 16.395  1.445   9.762   1.00 96.92  ? 70  LYS A N    1 
ATOM   447 C  CA   . LYS A 1 55 ? 17.540  2.231   10.252  1.00 102.96 ? 70  LYS A CA   1 
ATOM   448 C  C    . LYS A 1 55 ? 18.320  2.872   9.076   1.00 105.47 ? 70  LYS A C    1 
ATOM   449 O  O    . LYS A 1 55 ? 19.516  2.602   8.875   1.00 106.46 ? 70  LYS A O    1 
ATOM   450 C  CB   . LYS A 1 55 ? 18.468  1.350   11.107  1.00 106.07 ? 70  LYS A CB   1 
ATOM   451 C  CG   . LYS A 1 55 ? 17.770  0.931   12.520  0.00 107.32 ? 70  LYS A CG   1 
ATOM   452 C  CD   . LYS A 1 55 ? 18.719  0.077   13.347  0.00 110.14 ? 70  LYS A CD   1 
ATOM   453 C  CE   . LYS A 1 55 ? 18.067  -0.390  14.638  0.00 111.42 ? 70  LYS A CE   1 
ATOM   454 N  NZ   . LYS A 1 55 ? 18.987  -1.225  15.460  0.00 114.51 ? 70  LYS A NZ   1 
ATOM   455 N  N    . GLN A 1 56 ? 17.619  3.719   8.313   1.00 105.00 ? 71  GLN A N    1 
ATOM   456 C  CA   . GLN A 1 56 ? 18.177  4.443   7.148   1.00 105.66 ? 71  GLN A CA   1 
ATOM   457 C  C    . GLN A 1 56 ? 17.206  5.529   6.634   1.00 101.94 ? 71  GLN A C    1 
ATOM   458 O  O    . GLN A 1 56 ? 16.991  5.656   5.416   1.00 100.64 ? 71  GLN A O    1 
ATOM   459 C  CB   . GLN A 1 56 ? 18.496  3.467   6.001   1.00 105.22 ? 71  GLN A CB   1 
ATOM   460 C  CG   . GLN A 1 56 ? 19.188  3.546   4.895   0.00 104.04 ? 71  GLN A CG   1 
ATOM   461 C  CD   . GLN A 1 56 ? 20.610  3.880   5.275   0.00 108.12 ? 71  GLN A CD   1 
ATOM   462 O  OE1  . GLN A 1 56 ? 21.394  3.003   5.640   0.00 109.03 ? 71  GLN A OE1  1 
ATOM   463 N  NE2  . GLN A 1 56 ? 20.954  5.157   5.194   0.00 110.70 ? 71  GLN A NE2  1 
ATOM   464 N  N    . GLN A 1 57 ? 16.645  6.299   7.575   1.00 99.01  ? 72  GLN A N    1 
ATOM   465 C  CA   . GLN A 1 57 ? 15.602  7.328   7.332   1.00 94.20  ? 72  GLN A CA   1 
ATOM   466 C  C    . GLN A 1 57 ? 14.176  6.800   6.959   1.00 86.29  ? 72  GLN A C    1 
ATOM   467 O  O    . GLN A 1 57 ? 13.371  7.549   6.393   1.00 83.79  ? 72  GLN A O    1 
ATOM   468 C  CB   . GLN A 1 57 ? 16.096  8.397   6.333   1.00 96.02  ? 72  GLN A CB   1 
ATOM   469 C  CG   . GLN A 1 57 ? 17.499  8.905   6.557   0.00 98.57  ? 72  GLN A CG   1 
ATOM   470 C  CD   . GLN A 1 57 ? 17.945  9.940   5.530   0.00 100.27 ? 72  GLN A CD   1 
ATOM   471 O  OE1  . GLN A 1 57 ? 17.340  10.092  4.468   0.00 97.82  ? 72  GLN A OE1  1 
ATOM   472 N  NE2  . GLN A 1 57 ? 19.018  10.654  5.848   0.00 104.70 ? 72  GLN A NE2  1 
ATOM   473 N  N    . HIS A 1 58 ? 13.863  5.542   7.309   1.00 77.90  ? 73  HIS A N    1 
ATOM   474 C  CA   . HIS A 1 58 ? 12.498  4.958   7.164   1.00 72.63  ? 73  HIS A CA   1 
ATOM   475 C  C    . HIS A 1 58 ? 11.946  4.967   5.720   1.00 61.74  ? 73  HIS A C    1 
ATOM   476 O  O    . HIS A 1 58 ? 10.726  5.100   5.508   1.00 57.44  ? 73  HIS A O    1 
ATOM   477 C  CB   . HIS A 1 58 ? 11.490  5.630   8.146   1.00 74.43  ? 73  HIS A CB   1 
ATOM   478 C  CG   . HIS A 1 58 ? 11.867  5.491   9.591   1.00 82.41  ? 73  HIS A CG   1 
ATOM   479 N  ND1  . HIS A 1 58 ? 11.841  4.283   10.259  1.00 89.78  ? 73  HIS A ND1  1 
ATOM   480 C  CD2  . HIS A 1 58 ? 12.295  6.407   10.492  1.00 88.39  ? 73  HIS A CD2  1 
ATOM   481 C  CE1  . HIS A 1 58 ? 12.240  4.462   11.507  1.00 91.58  ? 73  HIS A CE1  1 
ATOM   482 N  NE2  . HIS A 1 58 ? 12.521  5.741   11.674  1.00 89.97  ? 73  HIS A NE2  1 
ATOM   483 N  N    . ILE A 1 59 ? 12.853  4.792   4.751   1.00 55.82  ? 74  ILE A N    1 
ATOM   484 C  CA   . ILE A 1 59 ? 12.525  4.863   3.326   1.00 52.39  ? 74  ILE A CA   1 
ATOM   485 C  C    . ILE A 1 59 ? 12.238  3.450   2.781   1.00 50.12  ? 74  ILE A C    1 
ATOM   486 O  O    . ILE A 1 59 ? 12.959  2.474   3.085   1.00 47.34  ? 74  ILE A O    1 
ATOM   487 C  CB   . ILE A 1 59 ? 13.640  5.561   2.483   1.00 53.32  ? 74  ILE A CB   1 
ATOM   488 C  CG1  . ILE A 1 59 ? 13.823  7.005   2.919   1.00 58.86  ? 74  ILE A CG1  1 
ATOM   489 C  CG2  . ILE A 1 59 ? 13.269  5.566   0.985   1.00 50.21  ? 74  ILE A CG2  1 
ATOM   490 C  CD1  . ILE A 1 59 ? 15.037  7.671   2.279   1.00 63.61  ? 74  ILE A CD1  1 
ATOM   491 N  N    . VAL A 1 60 ? 11.153  3.354   2.020   1.00 43.12  ? 75  VAL A N    1 
ATOM   492 C  CA   . VAL A 1 60 ? 10.869  2.197   1.209   1.00 39.74  ? 75  VAL A CA   1 
ATOM   493 C  C    . VAL A 1 60 ? 11.449  2.485   -0.157  1.00 41.24  ? 75  VAL A C    1 
ATOM   494 O  O    . VAL A 1 60 ? 11.136  3.521   -0.752  1.00 41.49  ? 75  VAL A O    1 
ATOM   495 C  CB   . VAL A 1 60 ? 9.372   1.978   1.044   1.00 39.62  ? 75  VAL A CB   1 
ATOM   496 C  CG1  . VAL A 1 60 ? 9.103   0.811   0.090   1.00 34.24  ? 75  VAL A CG1  1 
ATOM   497 C  CG2  . VAL A 1 60 ? 8.726   1.771   2.385   1.00 37.28  ? 75  VAL A CG2  1 
ATOM   498 N  N    . TYR A 1 61 ? 12.299  1.581   -0.636  1.00 38.13  ? 76  TYR A N    1 
ATOM   499 C  CA   . TYR A 1 61 ? 12.875  1.653   -1.989  1.00 43.30  ? 76  TYR A CA   1 
ATOM   500 C  C    . TYR A 1 61 ? 12.170  0.668   -2.941  1.00 41.14  ? 76  TYR A C    1 
ATOM   501 O  O    . TYR A 1 61 ? 12.171  -0.540  -2.698  1.00 42.18  ? 76  TYR A O    1 
ATOM   502 C  CB   . TYR A 1 61 ? 14.370  1.359   -1.921  1.00 40.33  ? 76  TYR A CB   1 
ATOM   503 C  CG   . TYR A 1 61 ? 15.128  2.431   -1.186  1.00 43.49  ? 76  TYR A CG   1 
ATOM   504 C  CD1  . TYR A 1 61 ? 15.558  3.566   -1.851  1.00 46.22  ? 76  TYR A CD1  1 
ATOM   505 C  CD2  . TYR A 1 61 ? 15.411  2.321   0.182   1.00 43.96  ? 76  TYR A CD2  1 
ATOM   506 C  CE1  . TYR A 1 61 ? 16.267  4.572   -1.197  1.00 51.38  ? 76  TYR A CE1  1 
ATOM   507 C  CE2  . TYR A 1 61 ? 16.131  3.333   0.852   1.00 45.19  ? 76  TYR A CE2  1 
ATOM   508 C  CZ   . TYR A 1 61 ? 16.540  4.460   0.158   1.00 48.13  ? 76  TYR A CZ   1 
ATOM   509 O  OH   . TYR A 1 61 ? 17.248  5.475   0.782   1.00 56.61  ? 76  TYR A OH   1 
ATOM   510 N  N    . CYS A 1 62 ? 11.579  1.186   -4.015  1.00 45.40  ? 77  CYS A N    1 
ATOM   511 C  CA   . CYS A 1 62 ? 10.747  0.372   -4.918  1.00 46.61  ? 77  CYS A CA   1 
ATOM   512 C  C    . CYS A 1 62 ? 11.040  0.531   -6.421  1.00 49.69  ? 77  CYS A C    1 
ATOM   513 O  O    . CYS A 1 62 ? 10.256  0.067   -7.253  1.00 47.70  ? 77  CYS A O    1 
ATOM   514 C  CB   . CYS A 1 62 ? 9.256   0.609   -4.600  1.00 44.85  ? 77  CYS A CB   1 
ATOM   515 S  SG   . CYS A 1 62 ? 8.698   2.343   -4.344  1.00 45.96  ? 77  CYS A SG   1 
ATOM   516 N  N    . SER A 1 63 ? 12.179  1.131   -6.777  1.00 49.18  ? 78  SER A N    1 
ATOM   517 C  CA   . SER A 1 63 ? 12.483  1.412   -8.176  1.00 51.53  ? 78  SER A CA   1 
ATOM   518 C  C    . SER A 1 63 ? 12.777  0.127   -8.977  1.00 53.14  ? 78  SER A C    1 
ATOM   519 O  O    . SER A 1 63 ? 12.579  0.109   -10.187 1.00 56.37  ? 78  SER A O    1 
ATOM   520 C  CB   . SER A 1 63 ? 13.658  2.396   -8.309  1.00 50.09  ? 78  SER A CB   1 
ATOM   521 O  OG   . SER A 1 63 ? 14.881  1.733   -8.031  1.00 61.88  ? 78  SER A OG   1 
ATOM   522 N  N    . ASN A 1 64 ? 13.240  -0.932  -8.303  1.00 50.46  ? 79  ASN A N    1 
ATOM   523 C  CA   . ASN A 1 64 ? 13.481  -2.250  -8.948  1.00 50.27  ? 79  ASN A CA   1 
ATOM   524 C  C    . ASN A 1 64 ? 12.297  -3.217  -8.753  1.00 44.99  ? 79  ASN A C    1 
ATOM   525 O  O    . ASN A 1 64 ? 12.482  -4.449  -8.751  1.00 47.55  ? 79  ASN A O    1 
ATOM   526 C  CB   . ASN A 1 64 ? 14.808  -2.890  -8.430  1.00 48.44  ? 79  ASN A CB   1 
ATOM   527 C  CG   . ASN A 1 64 ? 14.783  -3.224  -6.921  1.00 47.76  ? 79  ASN A CG   1 
ATOM   528 O  OD1  . ASN A 1 64 ? 13.827  -2.904  -6.204  1.00 52.01  ? 79  ASN A OD1  1 
ATOM   529 N  ND2  . ASN A 1 64 ? 15.843  -3.865  -6.446  1.00 49.70  ? 79  ASN A ND2  1 
ATOM   530 N  N    . ASP A 1 65 ? 11.099  -2.669  -8.581  1.00 42.72  ? 80  ASP A N    1 
ATOM   531 C  CA   . ASP A 1 65 ? 9.967   -3.467  -8.122  1.00 45.13  ? 80  ASP A CA   1 
ATOM   532 C  C    . ASP A 1 65 ? 8.661   -2.990  -8.727  1.00 46.55  ? 80  ASP A C    1 
ATOM   533 O  O    . ASP A 1 65 ? 8.510   -1.797  -9.029  1.00 41.83  ? 80  ASP A O    1 
ATOM   534 C  CB   . ASP A 1 65 ? 9.875   -3.473  -6.581  1.00 42.23  ? 80  ASP A CB   1 
ATOM   535 C  CG   . ASP A 1 65 ? 9.025   -4.633  -6.043  1.00 46.26  ? 80  ASP A CG   1 
ATOM   536 O  OD1  . ASP A 1 65 ? 9.591   -5.736  -5.850  1.00 48.16  ? 80  ASP A OD1  1 
ATOM   537 O  OD2  . ASP A 1 65 ? 7.795   -4.453  -5.824  1.00 41.09  ? 80  ASP A OD2  1 
ATOM   538 N  N    . LEU A 1 66 ? 7.716   -3.934  -8.878  1.00 49.42  ? 81  LEU A N    1 
ATOM   539 C  CA   . LEU A 1 66 ? 6.327   -3.630  -9.283  1.00 48.34  ? 81  LEU A CA   1 
ATOM   540 C  C    . LEU A 1 66 ? 5.652   -2.550  -8.425  1.00 45.16  ? 81  LEU A C    1 
ATOM   541 O  O    . LEU A 1 66 ? 4.891   -1.735  -8.948  1.00 41.41  ? 81  LEU A O    1 
ATOM   542 C  CB   . LEU A 1 66 ? 5.456   -4.896  -9.249  1.00 52.86  ? 81  LEU A CB   1 
ATOM   543 C  CG   . LEU A 1 66 ? 4.104   -4.846  -9.941  0.00 51.53  ? 81  LEU A CG   1 
ATOM   544 C  CD1  . LEU A 1 66 ? 4.271   -4.691  -11.445 0.00 54.60  ? 81  LEU A CD1  1 
ATOM   545 C  CD2  . LEU A 1 66 ? 3.297   -6.094  -9.623  0.00 52.45  ? 81  LEU A CD2  1 
ATOM   546 N  N    . LEU A 1 67 ? 5.912   -2.549  -7.119  1.00 43.34  ? 82  LEU A N    1 
ATOM   547 C  CA   . LEU A 1 67 ? 5.431   -1.475  -6.231  1.00 40.26  ? 82  LEU A CA   1 
ATOM   548 C  C    . LEU A 1 67 ? 5.748   -0.075  -6.797  1.00 41.67  ? 82  LEU A C    1 
ATOM   549 O  O    . LEU A 1 67 ? 4.924   0.823   -6.700  1.00 42.67  ? 82  LEU A O    1 
ATOM   550 C  CB   . LEU A 1 67 ? 5.997   -1.623  -4.805  1.00 40.75  ? 82  LEU A CB   1 
ATOM   551 C  CG   . LEU A 1 67 ? 5.555   -0.563  -3.758  1.00 40.11  ? 82  LEU A CG   1 
ATOM   552 C  CD1  . LEU A 1 67 ? 4.041   -0.595  -3.608  1.00 38.48  ? 82  LEU A CD1  1 
ATOM   553 C  CD2  . LEU A 1 67 ? 6.245   -0.731  -2.417  1.00 40.73  ? 82  LEU A CD2  1 
ATOM   554 N  N    . GLY A 1 68 ? 6.927   0.089   -7.400  1.00 43.65  ? 83  GLY A N    1 
ATOM   555 C  CA   . GLY A 1 68 ? 7.329   1.348   -8.003  1.00 44.14  ? 83  GLY A CA   1 
ATOM   556 C  C    . GLY A 1 68 ? 6.448   1.778   -9.159  1.00 44.13  ? 83  GLY A C    1 
ATOM   557 O  O    . GLY A 1 68 ? 6.150   2.952   -9.281  1.00 43.44  ? 83  GLY A O    1 
ATOM   558 N  N    . ASP A 1 69 ? 6.062   0.825   -10.006 1.00 44.36  ? 84  ASP A N    1 
ATOM   559 C  CA   . ASP A 1 69 ? 5.133   1.058   -11.114 1.00 50.54  ? 84  ASP A CA   1 
ATOM   560 C  C    . ASP A 1 69 ? 3.732   1.384   -10.621 1.00 49.59  ? 84  ASP A C    1 
ATOM   561 O  O    . ASP A 1 69 ? 3.067   2.232   -11.198 1.00 48.40  ? 84  ASP A O    1 
ATOM   562 C  CB   . ASP A 1 69 ? 5.042   -0.168  -12.029 1.00 55.09  ? 84  ASP A CB   1 
ATOM   563 C  CG   . ASP A 1 69 ? 6.384   -0.601  -12.552 1.00 59.17  ? 84  ASP A CG   1 
ATOM   564 O  OD1  . ASP A 1 69 ? 7.269   0.265   -12.739 1.00 68.33  ? 84  ASP A OD1  1 
ATOM   565 O  OD2  . ASP A 1 69 ? 6.554   -1.813  -12.763 1.00 73.08  ? 84  ASP A OD2  1 
ATOM   566 N  N    . LEU A 1 70 ? 3.300   0.684   -9.565  1.00 46.96  ? 85  LEU A N    1 
ATOM   567 C  CA   . LEU A 1 70 ? 2.027   0.955   -8.862  1.00 49.21  ? 85  LEU A CA   1 
ATOM   568 C  C    . LEU A 1 70 ? 1.965   2.398   -8.322  1.00 47.84  ? 85  LEU A C    1 
ATOM   569 O  O    . LEU A 1 70 ? 0.995   3.127   -8.568  1.00 46.45  ? 85  LEU A O    1 
ATOM   570 C  CB   . LEU A 1 70 ? 1.840   -0.038  -7.706  1.00 47.07  ? 85  LEU A CB   1 
ATOM   571 C  CG   . LEU A 1 70 ? 0.434   -0.307  -7.186  1.00 59.89  ? 85  LEU A CG   1 
ATOM   572 C  CD1  . LEU A 1 70 ? -0.316  -1.209  -8.168  1.00 61.92  ? 85  LEU A CD1  1 
ATOM   573 C  CD2  . LEU A 1 70 ? 0.475   -0.915  -5.777  1.00 52.44  ? 85  LEU A CD2  1 
ATOM   574 N  N    . PHE A 1 71 ? 3.014   2.810   -7.611  1.00 45.49  ? 86  PHE A N    1 
ATOM   575 C  CA   . PHE A 1 71 ? 3.025   4.117   -6.939  1.00 45.85  ? 86  PHE A CA   1 
ATOM   576 C  C    . PHE A 1 71 ? 3.525   5.289   -7.792  1.00 46.58  ? 86  PHE A C    1 
ATOM   577 O  O    . PHE A 1 71 ? 3.268   6.440   -7.449  1.00 54.52  ? 86  PHE A O    1 
ATOM   578 C  CB   . PHE A 1 71 ? 3.798   4.019   -5.610  1.00 42.70  ? 86  PHE A CB   1 
ATOM   579 C  CG   . PHE A 1 71 ? 3.001   3.422   -4.451  1.00 38.11  ? 86  PHE A CG   1 
ATOM   580 C  CD1  . PHE A 1 71 ? 1.709   2.898   -4.601  1.00 41.17  ? 86  PHE A CD1  1 
ATOM   581 C  CD2  . PHE A 1 71 ? 3.573   3.376   -3.184  1.00 40.52  ? 86  PHE A CD2  1 
ATOM   582 C  CE1  . PHE A 1 71 ? 1.000   2.350   -3.497  1.00 46.17  ? 86  PHE A CE1  1 
ATOM   583 C  CE2  . PHE A 1 71 ? 2.874   2.832   -2.083  1.00 41.16  ? 86  PHE A CE2  1 
ATOM   584 C  CZ   . PHE A 1 71 ? 1.599   2.316   -2.242  1.00 39.52  ? 86  PHE A CZ   1 
ATOM   585 N  N    . GLY A 1 72 ? 4.224   5.010   -8.885  1.00 48.17  ? 87  GLY A N    1 
ATOM   586 C  CA   . GLY A 1 72 ? 4.884   6.057   -9.699  1.00 50.63  ? 87  GLY A CA   1 
ATOM   587 C  C    . GLY A 1 72 ? 6.064   6.784   -9.057  1.00 50.56  ? 87  GLY A C    1 
ATOM   588 O  O    . GLY A 1 72 ? 6.368   7.921   -9.427  1.00 52.25  ? 87  GLY A O    1 
ATOM   589 N  N    . VAL A 1 73 ? 6.745   6.133   -8.115  1.00 49.78  ? 88  VAL A N    1 
ATOM   590 C  CA   . VAL A 1 73 ? 7.876   6.747   -7.386  1.00 50.46  ? 88  VAL A CA   1 
ATOM   591 C  C    . VAL A 1 73 ? 9.037   5.724   -7.204  1.00 48.63  ? 88  VAL A C    1 
ATOM   592 O  O    . VAL A 1 73 ? 8.768   4.513   -7.071  1.00 45.24  ? 88  VAL A O    1 
ATOM   593 C  CB   . VAL A 1 73 ? 7.417   7.325   -5.978  1.00 50.36  ? 88  VAL A CB   1 
ATOM   594 C  CG1  . VAL A 1 73 ? 6.308   8.396   -6.116  1.00 49.76  ? 88  VAL A CG1  1 
ATOM   595 C  CG2  . VAL A 1 73 ? 6.960   6.221   -5.058  1.00 47.13  ? 88  VAL A CG2  1 
ATOM   596 N  N    . PRO A 1 74 ? 10.316  6.194   -7.196  1.00 47.07  ? 89  PRO A N    1 
ATOM   597 C  CA   . PRO A 1 74 ? 11.426  5.277   -6.869  1.00 49.38  ? 89  PRO A CA   1 
ATOM   598 C  C    . PRO A 1 74 ? 11.493  4.864   -5.370  1.00 49.12  ? 89  PRO A C    1 
ATOM   599 O  O    . PRO A 1 74 ? 12.036  3.811   -5.029  1.00 49.36  ? 89  PRO A O    1 
ATOM   600 C  CB   . PRO A 1 74 ? 12.678  6.064   -7.270  1.00 53.67  ? 89  PRO A CB   1 
ATOM   601 C  CG   . PRO A 1 74 ? 12.209  7.442   -7.729  1.00 54.36  ? 89  PRO A CG   1 
ATOM   602 C  CD   . PRO A 1 74 ? 10.791  7.591   -7.314  1.00 54.28  ? 89  PRO A CD   1 
ATOM   603 N  N    . SER A 1 75 ? 10.952  5.718   -4.505  1.00 48.26  ? 90  SER A N    1 
ATOM   604 C  CA   . SER A 1 75 ? 10.984  5.549   -3.074  1.00 47.03  ? 90  SER A CA   1 
ATOM   605 C  C    . SER A 1 75 ? 10.042  6.542   -2.404  1.00 47.64  ? 90  SER A C    1 
ATOM   606 O  O    . SER A 1 75 ? 9.577   7.516   -3.011  1.00 46.64  ? 90  SER A O    1 
ATOM   607 C  CB   . SER A 1 75 ? 12.407  5.770   -2.539  1.00 50.91  ? 90  SER A CB   1 
ATOM   608 O  OG   . SER A 1 75 ? 12.880  7.061   -2.882  1.00 52.96  ? 90  SER A OG   1 
ATOM   609 N  N    . PHE A 1 76 ? 9.760   6.254   -1.143  1.00 49.80  ? 91  PHE A N    1 
ATOM   610 C  CA   . PHE A 1 76 ? 8.948   7.099   -0.272  1.00 49.17  ? 91  PHE A CA   1 
ATOM   611 C  C    . PHE A 1 76 ? 9.255   6.717   1.163   1.00 49.35  ? 91  PHE A C    1 
ATOM   612 O  O    . PHE A 1 76 ? 9.768   5.626   1.429   1.00 46.68  ? 91  PHE A O    1 
ATOM   613 C  CB   . PHE A 1 76 ? 7.434   6.941   -0.542  1.00 45.41  ? 91  PHE A CB   1 
ATOM   614 C  CG   . PHE A 1 76 ? 6.903   5.544   -0.294  1.00 42.96  ? 91  PHE A CG   1 
ATOM   615 C  CD1  . PHE A 1 76 ? 7.043   4.547   -1.256  1.00 39.52  ? 91  PHE A CD1  1 
ATOM   616 C  CD2  . PHE A 1 76 ? 6.263   5.226   0.910   1.00 42.52  ? 91  PHE A CD2  1 
ATOM   617 C  CE1  . PHE A 1 76 ? 6.559   3.229   -1.020  1.00 37.08  ? 91  PHE A CE1  1 
ATOM   618 C  CE2  . PHE A 1 76 ? 5.795   3.924   1.162   1.00 33.54  ? 91  PHE A CE2  1 
ATOM   619 C  CZ   . PHE A 1 76 ? 5.931   2.929   0.177   1.00 40.02  ? 91  PHE A CZ   1 
ATOM   620 N  N    . SER A 1 77 ? 8.880   7.613   2.065   1.00 51.93  ? 92  SER A N    1 
ATOM   621 C  CA   . SER A 1 77 ? 8.991   7.440   3.497   1.00 50.93  ? 92  SER A CA   1 
ATOM   622 C  C    . SER A 1 77 ? 7.666   6.932   4.041   1.00 50.55  ? 92  SER A C    1 
ATOM   623 O  O    . SER A 1 77 ? 6.598   7.411   3.650   1.00 48.82  ? 92  SER A O    1 
ATOM   624 C  CB   . SER A 1 77 ? 9.350   8.789   4.139   1.00 56.90  ? 92  SER A CB   1 
ATOM   625 O  OG   . SER A 1 77 ? 9.308   8.709   5.541   1.00 60.25  ? 92  SER A OG   1 
ATOM   626 N  N    . VAL A 1 78 ? 7.733   5.950   4.949   1.00 51.76  ? 93  VAL A N    1 
ATOM   627 C  CA   . VAL A 1 78 ? 6.531   5.461   5.644   1.00 50.86  ? 93  VAL A CA   1 
ATOM   628 C  C    . VAL A 1 78 ? 5.906   6.545   6.544   1.00 47.33  ? 93  VAL A C    1 
ATOM   629 O  O    . VAL A 1 78 ? 4.773   6.394   6.965   1.00 50.07  ? 93  VAL A O    1 
ATOM   630 C  CB   . VAL A 1 78 ? 6.772   4.149   6.494   1.00 46.56  ? 93  VAL A CB   1 
ATOM   631 C  CG1  . VAL A 1 78 ? 7.001   2.957   5.601   1.00 42.62  ? 93  VAL A CG1  1 
ATOM   632 C  CG2  . VAL A 1 78 ? 7.938   4.327   7.479   1.00 48.78  ? 93  VAL A CG2  1 
ATOM   633 N  N    . LYS A 1 79 ? 6.655   7.601   6.836   1.00 48.91  ? 94  LYS A N    1 
ATOM   634 C  CA   . LYS A 1 79 ? 6.137   8.761   7.566   1.00 57.41  ? 94  LYS A CA   1 
ATOM   635 C  C    . LYS A 1 79 ? 5.214   9.673   6.710   1.00 57.13  ? 94  LYS A C    1 
ATOM   636 O  O    . LYS A 1 79 ? 4.490   10.510  7.266   1.00 59.16  ? 94  LYS A O    1 
ATOM   637 C  CB   . LYS A 1 79 ? 7.292   9.594   8.159   1.00 61.56  ? 94  LYS A CB   1 
ATOM   638 C  CG   . LYS A 1 79 ? 8.269   8.826   9.078   1.00 61.47  ? 94  LYS A CG   1 
ATOM   639 C  CD   . LYS A 1 79 ? 9.260   9.760   9.804   1.00 70.80  ? 94  LYS A CD   1 
ATOM   640 C  CE   . LYS A 1 79 ? 8.837   10.665  10.715  0.00 74.14  ? 94  LYS A CE   1 
ATOM   641 N  NZ   . LYS A 1 79 ? 9.945   11.378  11.410  0.00 79.10  ? 94  LYS A NZ   1 
ATOM   642 N  N    . GLU A 1 80 ? 5.220   9.508   5.383   1.00 55.39  ? 95  GLU A N    1 
ATOM   643 C  CA   . GLU A 1 80 ? 4.445   10.395  4.498   1.00 55.92  ? 95  GLU A CA   1 
ATOM   644 C  C    . GLU A 1 80 ? 3.037   9.806   4.371   1.00 50.13  ? 95  GLU A C    1 
ATOM   645 O  O    . GLU A 1 80 ? 2.689   9.220   3.338   1.00 42.07  ? 95  GLU A O    1 
ATOM   646 C  CB   . GLU A 1 80 ? 5.120   10.524  3.121   1.00 56.89  ? 95  GLU A CB   1 
ATOM   647 C  CG   . GLU A 1 80 ? 6.446   11.264  3.125   1.00 66.16  ? 95  GLU A CG   1 
ATOM   648 C  CD   . GLU A 1 80 ? 7.109   11.293  1.748   1.00 70.00  ? 95  GLU A CD   1 
ATOM   649 O  OE1  . GLU A 1 80 ? 7.514   10.218  1.239   1.00 57.77  ? 95  GLU A OE1  1 
ATOM   650 O  OE2  . GLU A 1 80 ? 7.235   12.403  1.175   1.00 74.49  ? 95  GLU A OE2  1 
ATOM   651 N  N    . HIS A 1 81 ? 2.235   9.947   5.430   1.00 47.60  ? 96  HIS A N    1 
ATOM   652 C  CA   . HIS A 1 81 ? 0.975   9.201   5.530   1.00 50.84  ? 96  HIS A CA   1 
ATOM   653 C  C    . HIS A 1 81 ? -0.059  9.641   4.479   1.00 51.70  ? 96  HIS A C    1 
ATOM   654 O  O    . HIS A 1 81 ? -0.627  8.811   3.811   1.00 46.70  ? 96  HIS A O    1 
ATOM   655 C  CB   . HIS A 1 81 ? 0.394   9.277   6.944   1.00 56.17  ? 96  HIS A CB   1 
ATOM   656 C  CG   . HIS A 1 81 ? 1.104   8.406   7.931   1.00 65.31  ? 96  HIS A CG   1 
ATOM   657 N  ND1  . HIS A 1 81 ? 0.526   7.981   9.108   1.00 70.38  ? 96  HIS A ND1  1 
ATOM   658 C  CD2  . HIS A 1 81 ? 2.339   7.855   7.897   1.00 68.48  ? 96  HIS A CD2  1 
ATOM   659 C  CE1  . HIS A 1 81 ? 1.386   7.226   9.768   1.00 74.30  ? 96  HIS A CE1  1 
ATOM   660 N  NE2  . HIS A 1 81 ? 2.493   7.129   9.052   1.00 70.93  ? 96  HIS A NE2  1 
ATOM   661 N  N    . ARG A 1 82 ? -0.234  10.947  4.296   1.00 55.59  ? 97  ARG A N    1 
ATOM   662 C  CA   . ARG A 1 82 ? -1.163  11.472  3.278   1.00 56.18  ? 97  ARG A CA   1 
ATOM   663 C  C    . ARG A 1 82 ? -0.778  11.081  1.840   1.00 52.19  ? 97  ARG A C    1 
ATOM   664 O  O    . ARG A 1 82 ? -1.640  10.661  1.080   1.00 48.51  ? 97  ARG A O    1 
ATOM   665 C  CB   . ARG A 1 82 ? -1.341  13.011  3.423   1.00 60.93  ? 97  ARG A CB   1 
ATOM   666 C  CG   . ARG A 1 82 ? -2.483  13.387  4.365   1.00 70.58  ? 97  ARG A CG   1 
ATOM   667 C  CD   . ARG A 1 82 ? -2.395  14.842  4.854   1.00 85.87  ? 97  ARG A CD   1 
ATOM   668 N  NE   . ARG A 1 82 ? -1.990  14.959  6.262   1.00 95.51  ? 97  ARG A NE   1 
ATOM   669 C  CZ   . ARG A 1 82 ? -2.001  16.086  6.987   1.00 109.77 ? 97  ARG A CZ   1 
ATOM   670 N  NH1  . ARG A 1 82 ? -2.387  17.263  6.471   1.00 111.68 ? 97  ARG A NH1  1 
ATOM   671 N  NH2  . ARG A 1 82 ? -1.613  16.032  8.263   1.00 117.40 ? 97  ARG A NH2  1 
ATOM   672 N  N    . LYS A 1 83 ? 0.509   11.231  1.499   1.00 52.24  ? 98  LYS A N    1 
ATOM   673 C  CA   . LYS A 1 83 ? 1.100   10.750  0.227   1.00 52.28  ? 98  LYS A CA   1 
ATOM   674 C  C    . LYS A 1 83 ? 0.779   9.279   -0.067  1.00 49.74  ? 98  LYS A C    1 
ATOM   675 O  O    . LYS A 1 83 ? 0.324   8.947   -1.156  1.00 48.26  ? 98  LYS A O    1 
ATOM   676 C  CB   . LYS A 1 83 ? 2.640   10.960  0.236   1.00 55.70  ? 98  LYS A CB   1 
ATOM   677 C  CG   . LYS A 1 83 ? 3.356   10.714  -1.096  1.00 54.97  ? 98  LYS A CG   1 
ATOM   678 C  CD   . LYS A 1 83 ? 4.787   11.180  -1.049  0.00 57.66  ? 98  LYS A CD   1 
ATOM   679 C  CE   . LYS A 1 83 ? 5.452   11.034  -2.408  0.00 57.61  ? 98  LYS A CE   1 
ATOM   680 N  NZ   . LYS A 1 83 ? 6.869   11.487  -2.390  0.00 59.89  ? 98  LYS A NZ   1 
ATOM   681 N  N    . ILE A 1 84 ? 1.022   8.409   0.917   1.00 49.65  ? 99  ILE A N    1 
ATOM   682 C  CA   . ILE A 1 84 ? 0.756   6.978   0.796   1.00 46.14  ? 99  ILE A CA   1 
ATOM   683 C  C    . ILE A 1 84 ? -0.725  6.667   0.529   1.00 45.71  ? 99  ILE A C    1 
ATOM   684 O  O    . ILE A 1 84 ? -1.018  5.880   -0.390  1.00 37.35  ? 99  ILE A O    1 
ATOM   685 C  CB   . ILE A 1 84 ? 1.212   6.196   2.054   1.00 47.28  ? 99  ILE A CB   1 
ATOM   686 C  CG1  . ILE A 1 84 ? 2.754   6.147   2.121   1.00 50.26  ? 99  ILE A CG1  1 
ATOM   687 C  CG2  . ILE A 1 84 ? 0.634   4.787   2.051   1.00 35.56  ? 99  ILE A CG2  1 
ATOM   688 C  CD1  . ILE A 1 84 ? 3.307   5.810   3.509   1.00 51.62  ? 99  ILE A CD1  1 
ATOM   689 N  N    . TYR A 1 85 ? -1.634  7.256   1.324   1.00 39.80  ? 100 TYR A N    1 
ATOM   690 C  CA   . TYR A 1 85 ? -3.079  7.087   1.088   1.00 41.10  ? 100 TYR A CA   1 
ATOM   691 C  C    . TYR A 1 85 ? -3.499  7.471   -0.330  1.00 41.07  ? 100 TYR A C    1 
ATOM   692 O  O    . TYR A 1 85 ? -4.289  6.766   -0.970  1.00 40.55  ? 100 TYR A O    1 
ATOM   693 C  CB   . TYR A 1 85 ? -3.917  7.863   2.116   1.00 42.89  ? 100 TYR A CB   1 
ATOM   694 C  CG   . TYR A 1 85 ? -4.067  7.110   3.436   1.00 45.69  ? 100 TYR A CG   1 
ATOM   695 C  CD1  . TYR A 1 85 ? -4.811  5.932   3.501   1.00 48.92  ? 100 TYR A CD1  1 
ATOM   696 C  CD2  . TYR A 1 85 ? -3.460  7.565   4.605   1.00 52.82  ? 100 TYR A CD2  1 
ATOM   697 C  CE1  . TYR A 1 85 ? -4.945  5.221   4.690   1.00 50.28  ? 100 TYR A CE1  1 
ATOM   698 C  CE2  . TYR A 1 85 ? -3.602  6.861   5.817   1.00 57.94  ? 100 TYR A CE2  1 
ATOM   699 C  CZ   . TYR A 1 85 ? -4.341  5.686   5.838   1.00 48.02  ? 100 TYR A CZ   1 
ATOM   700 O  OH   . TYR A 1 85 ? -4.468  4.995   7.005   1.00 55.77  ? 100 TYR A OH   1 
ATOM   701 N  N    . THR A 1 86 ? -2.957  8.588   -0.809  1.00 43.67  ? 101 THR A N    1 
ATOM   702 C  CA   . THR A 1 86 ? -3.200  9.085   -2.169  1.00 44.20  ? 101 THR A CA   1 
ATOM   703 C  C    . THR A 1 86 ? -2.697  8.090   -3.234  1.00 41.63  ? 101 THR A C    1 
ATOM   704 O  O    . THR A 1 86 ? -3.430  7.739   -4.153  1.00 40.31  ? 101 THR A O    1 
ATOM   705 C  CB   . THR A 1 86 ? -2.544  10.491  -2.339  1.00 42.76  ? 101 THR A CB   1 
ATOM   706 O  OG1  . THR A 1 86 ? -3.034  11.375  -1.315  1.00 47.54  ? 101 THR A OG1  1 
ATOM   707 C  CG2  . THR A 1 86 ? -2.830  11.071  -3.692  1.00 40.77  ? 101 THR A CG2  1 
ATOM   708 N  N    . MET A 1 87 ? -1.473  7.599   -3.082  1.00 40.09  ? 102 MET A N    1 
ATOM   709 C  CA   . MET A 1 87 ? -0.896  6.653   -4.075  1.00 41.12  ? 102 MET A CA   1 
ATOM   710 C  C    . MET A 1 87 ? -1.682  5.358   -4.072  1.00 41.57  ? 102 MET A C    1 
ATOM   711 O  O    . MET A 1 87 ? -1.872  4.769   -5.135  1.00 42.22  ? 102 MET A O    1 
ATOM   712 C  CB   . MET A 1 87 ? 0.592   6.359   -3.804  1.00 38.19  ? 102 MET A CB   1 
ATOM   713 C  CG   . MET A 1 87 ? 1.469   7.531   -4.055  1.00 45.09  ? 102 MET A CG   1 
ATOM   714 S  SD   . MET A 1 87 ? 3.215   7.301   -3.683  1.00 47.06  ? 102 MET A SD   1 
ATOM   715 C  CE   . MET A 1 87 ? 3.226   6.781   -1.953  1.00 44.73  ? 102 MET A CE   1 
ATOM   716 N  N    . ILE A 1 88 ? -2.147  4.934   -2.887  1.00 42.40  ? 103 ILE A N    1 
ATOM   717 C  CA   . ILE A 1 88 ? -3.024  3.757   -2.764  1.00 41.45  ? 103 ILE A CA   1 
ATOM   718 C  C    . ILE A 1 88 ? -4.375  4.026   -3.432  1.00 42.62  ? 103 ILE A C    1 
ATOM   719 O  O    . ILE A 1 88 ? -4.798  3.223   -4.255  1.00 44.15  ? 103 ILE A O    1 
ATOM   720 C  CB   . ILE A 1 88 ? -3.217  3.251   -1.262  1.00 41.22  ? 103 ILE A CB   1 
ATOM   721 C  CG1  . ILE A 1 88 ? -1.889  2.794   -0.638  1.00 42.12  ? 103 ILE A CG1  1 
ATOM   722 C  CG2  . ILE A 1 88 ? -4.149  2.057   -1.196  1.00 33.36  ? 103 ILE A CG2  1 
ATOM   723 C  CD1  . ILE A 1 88 ? -1.961  2.567   0.873   1.00 37.08  ? 103 ILE A CD1  1 
ATOM   724 N  N    . TYR A 1 89 ? -5.006  5.174   -3.118  1.00 42.67  ? 104 TYR A N    1 
ATOM   725 C  CA   . TYR A 1 89 ? -6.348  5.516   -3.616  1.00 42.02  ? 104 TYR A CA   1 
ATOM   726 C  C    . TYR A 1 89 ? -6.453  5.522   -5.148  1.00 44.75  ? 104 TYR A C    1 
ATOM   727 O  O    . TYR A 1 89 ? -7.486  5.130   -5.696  1.00 46.01  ? 104 TYR A O    1 
ATOM   728 C  CB   . TYR A 1 89 ? -6.830  6.875   -3.070  1.00 43.11  ? 104 TYR A CB   1 
ATOM   729 C  CG   . TYR A 1 89 ? -7.673  6.779   -1.830  1.00 52.80  ? 104 TYR A CG   1 
ATOM   730 C  CD1  . TYR A 1 89 ? -8.940  6.202   -1.872  1.00 60.73  ? 104 TYR A CD1  1 
ATOM   731 C  CD2  . TYR A 1 89 ? -7.239  7.306   -0.618  1.00 65.29  ? 104 TYR A CD2  1 
ATOM   732 C  CE1  . TYR A 1 89 ? -9.737  6.114   -0.724  1.00 57.47  ? 104 TYR A CE1  1 
ATOM   733 C  CE2  . TYR A 1 89 ? -8.032  7.225   0.529   1.00 71.17  ? 104 TYR A CE2  1 
ATOM   734 C  CZ   . TYR A 1 89 ? -9.279  6.619   0.465   1.00 62.40  ? 104 TYR A CZ   1 
ATOM   735 O  OH   . TYR A 1 89 ? -10.059 6.532   1.590   1.00 60.47  ? 104 TYR A OH   1 
ATOM   736 N  N    . ARG A 1 90 ? -5.384  5.963   -5.820  1.00 42.12  ? 105 ARG A N    1 
ATOM   737 C  CA   . ARG A 1 90 ? -5.312  5.988   -7.277  1.00 43.88  ? 105 ARG A CA   1 
ATOM   738 C  C    . ARG A 1 90 ? -5.293  4.584   -7.929  1.00 44.90  ? 105 ARG A C    1 
ATOM   739 O  O    . ARG A 1 90 ? -5.520  4.455   -9.135  1.00 47.11  ? 105 ARG A O    1 
ATOM   740 C  CB   . ARG A 1 90 ? -4.099  6.811   -7.707  1.00 40.79  ? 105 ARG A CB   1 
ATOM   741 C  CG   . ARG A 1 90 ? -4.297  8.305   -7.397  1.00 49.76  ? 105 ARG A CG   1 
ATOM   742 C  CD   . ARG A 1 90 ? -3.171  9.150   -7.993  1.00 52.72  ? 105 ARG A CD   1 
ATOM   743 N  NE   . ARG A 1 90 ? -3.285  10.562  -7.630  1.00 48.04  ? 105 ARG A NE   1 
ATOM   744 C  CZ   . ARG A 1 90 ? -2.270  11.362  -7.306  1.00 54.30  ? 105 ARG A CZ   1 
ATOM   745 N  NH1  . ARG A 1 90 ? -0.998  10.941  -7.273  1.00 61.84  ? 105 ARG A NH1  1 
ATOM   746 N  NH2  . ARG A 1 90 ? -2.531  12.613  -6.978  1.00 50.53  ? 105 ARG A NH2  1 
ATOM   747 N  N    . ASN A 1 91 ? -5.062  3.555   -7.106  1.00 41.19  ? 106 ASN A N    1 
ATOM   748 C  CA   . ASN A 1 91 ? -4.961  2.172   -7.543  1.00 43.76  ? 106 ASN A CA   1 
ATOM   749 C  C    . ASN A 1 91 ? -6.178  1.311   -7.084  1.00 41.94  ? 106 ASN A C    1 
ATOM   750 O  O    . ASN A 1 91 ? -6.082  0.091   -7.009  1.00 43.17  ? 106 ASN A O    1 
ATOM   751 C  CB   . ASN A 1 91 ? -3.619  1.611   -7.037  1.00 39.89  ? 106 ASN A CB   1 
ATOM   752 C  CG   . ASN A 1 91 ? -2.450  2.047   -7.904  1.00 46.15  ? 106 ASN A CG   1 
ATOM   753 O  OD1  . ASN A 1 91 ? -2.381  1.674   -9.068  1.00 39.65  ? 106 ASN A OD1  1 
ATOM   754 N  ND2  . ASN A 1 91 ? -1.558  2.871   -7.363  1.00 38.73  ? 106 ASN A ND2  1 
ATOM   755 N  N    . LEU A 1 92 ? -7.314  1.950   -6.800  1.00 41.02  ? 107 LEU A N    1 
ATOM   756 C  CA   . LEU A 1 92 ? -8.491  1.234   -6.295  1.00 42.78  ? 107 LEU A CA   1 
ATOM   757 C  C    . LEU A 1 92 ? -9.734  2.049   -6.540  1.00 46.26  ? 107 LEU A C    1 
ATOM   758 O  O    . LEU A 1 92 ? -9.630  3.185   -6.966  1.00 42.69  ? 107 LEU A O    1 
ATOM   759 C  CB   . LEU A 1 92 ? -8.337  0.878   -4.809  1.00 47.28  ? 107 LEU A CB   1 
ATOM   760 C  CG   . LEU A 1 92 ? -8.032  1.964   -3.770  1.00 43.20  ? 107 LEU A CG   1 
ATOM   761 C  CD1  . LEU A 1 92 ? -9.280  2.769   -3.407  1.00 50.33  ? 107 LEU A CD1  1 
ATOM   762 C  CD2  . LEU A 1 92 ? -7.439  1.354   -2.512  1.00 33.92  ? 107 LEU A CD2  1 
ATOM   763 N  N    . VAL A 1 93 ? -10.897 1.405   -6.392  1.00 47.25  ? 108 VAL A N    1 
ATOM   764 C  CA   . VAL A 1 93 ? -12.193 2.041   -6.500  1.00 46.98  ? 108 VAL A CA   1 
ATOM   765 C  C    . VAL A 1 93 ? -12.882 1.885   -5.149  1.00 46.93  ? 108 VAL A C    1 
ATOM   766 O  O    . VAL A 1 93 ? -12.985 0.765   -4.624  1.00 44.12  ? 108 VAL A O    1 
ATOM   767 C  CB   . VAL A 1 93 ? -13.078 1.415   -7.645  1.00 50.34  ? 108 VAL A CB   1 
ATOM   768 C  CG1  . VAL A 1 93 ? -14.506 1.975   -7.612  1.00 46.70  ? 108 VAL A CG1  1 
ATOM   769 C  CG2  . VAL A 1 93 ? -12.449 1.683   -9.014  1.00 54.76  ? 108 VAL A CG2  1 
ATOM   770 N  N    . VAL A 1 94 ? -13.389 2.995   -4.607  1.00 44.41  ? 109 VAL A N    1 
ATOM   771 C  CA   . VAL A 1 94 ? -14.140 2.953   -3.351  1.00 46.57  ? 109 VAL A CA   1 
ATOM   772 C  C    . VAL A 1 94 ? -15.570 2.488   -3.633  1.00 49.00  ? 109 VAL A C    1 
ATOM   773 O  O    . VAL A 1 94 ? -16.233 2.960   -4.568  1.00 50.39  ? 109 VAL A O    1 
ATOM   774 C  CB   . VAL A 1 94 ? -14.052 4.279   -2.551  1.00 45.74  ? 109 VAL A CB   1 
ATOM   775 C  CG1  . VAL A 1 94 ? -14.779 4.167   -1.247  1.00 41.93  ? 109 VAL A CG1  1 
ATOM   776 C  CG2  . VAL A 1 94 ? -12.562 4.608   -2.276  1.00 42.25  ? 109 VAL A CG2  1 
ATOM   777 N  N    . VAL A 1 95 ? -16.017 1.528   -2.827  1.00 52.77  ? 110 VAL A N    1 
ATOM   778 C  CA   . VAL A 1 95 ? -17.377 0.976   -2.947  1.00 62.57  ? 110 VAL A CA   1 
ATOM   779 C  C    . VAL A 1 95 ? -18.277 1.359   -1.731  1.00 67.10  ? 110 VAL A C    1 
ATOM   780 O  O    . VAL A 1 95 ? -17.794 1.459   -0.594  1.00 67.23  ? 110 VAL A O    1 
ATOM   781 C  CB   . VAL A 1 95 ? -17.324 -0.561  -3.192  1.00 60.04  ? 110 VAL A CB   1 
ATOM   782 C  CG1  . VAL A 1 95 ? -16.660 -0.839  -4.532  1.00 61.45  ? 110 VAL A CG1  1 
ATOM   783 C  CG2  . VAL A 1 95 ? -16.581 -1.268  -2.114  1.00 57.05  ? 110 VAL A CG2  1 
ATOM   784 N  N    . ASN A 1 96 ? -19.565 1.602   -1.992  1.00 74.58  ? 111 ASN A N    1 
ATOM   785 C  CA   . ASN A 1 96 ? -20.551 1.999   -0.947  1.00 80.78  ? 111 ASN A CA   1 
ATOM   786 C  C    . ASN A 1 96 ? -21.978 1.612   -1.337  1.00 85.90  ? 111 ASN A C    1 
ATOM   787 O  O    . ASN A 1 96 ? -22.368 1.765   -2.492  1.00 89.57  ? 111 ASN A O    1 
ATOM   788 C  CB   . ASN A 1 96 ? -20.483 3.527   -0.644  1.00 80.64  ? 111 ASN A CB   1 
ATOM   789 C  CG   . ASN A 1 96 ? -19.561 3.864   0.547   1.00 78.38  ? 111 ASN A CG   1 
ATOM   790 O  OD1  . ASN A 1 96 ? -19.779 3.380   1.662   1.00 82.27  ? 111 ASN A OD1  1 
ATOM   791 N  ND2  . ASN A 1 96 ? -18.529 4.689   0.306   1.00 56.50  ? 111 ASN A ND2  1 
HETATM 792 C  C1   . 1I3 B 2 .  ? 4.916   3.964   10.038  1.00 52.86  ? 201 1I3 A C1   1 
HETATM 793 C  C2   . 1I3 B 2 .  ? 5.623   2.758   9.964   1.00 46.99  ? 201 1I3 A C2   1 
HETATM 794 C  C3   . 1I3 B 2 .  ? 4.994   1.692   9.306   1.00 48.98  ? 201 1I3 A C3   1 
HETATM 795 C  C5   . 1I3 B 2 .  ? 4.429   -0.176  8.361   1.00 51.11  ? 201 1I3 A C5   1 
HETATM 796 C  C6   . 1I3 B 2 .  ? 4.559   -1.631  7.885   1.00 52.58  ? 201 1I3 A C6   1 
HETATM 797 C  C7   . 1I3 B 2 .  ? 4.582   -2.630  9.063   1.00 44.64  ? 201 1I3 A C7   1 
HETATM 798 C  C8   . 1I3 B 2 .  ? 5.823   -1.813  7.052   1.00 45.64  ? 201 1I3 A C8   1 
HETATM 799 O  O9   . 1I3 B 2 .  ? 5.825   -0.896  5.942   1.00 44.32  ? 201 1I3 A O9   1 
HETATM 800 C  C12  . 1I3 B 2 .  ? 2.121   0.408   7.394   1.00 47.77  ? 201 1I3 A C12  1 
HETATM 801 C  C15  . 1I3 B 2 .  ? 3.364   1.531   5.384   1.00 39.42  ? 201 1I3 A C15  1 
HETATM 802 C  C16  . 1I3 B 2 .  ? 3.630   1.496   3.864   1.00 41.19  ? 201 1I3 A C16  1 
HETATM 803 C  C17  . 1I3 B 2 .  ? 2.332   1.405   3.051   1.00 40.47  ? 201 1I3 A C17  1 
HETATM 804 C  C18  . 1I3 B 2 .  ? 2.602   1.337   1.536   1.00 36.51  ? 201 1I3 A C18  1 
HETATM 805 C  C19  . 1I3 B 2 .  ? 1.528   0.185   3.512   1.00 34.68  ? 201 1I3 A C19  1 
HETATM 806 C  C21  . 1I3 B 2 .  ? 3.692   1.889   8.762   1.00 48.22  ? 201 1I3 A C21  1 
HETATM 807 C  C24  . 1I3 B 2 .  ? 1.687   3.463   8.439   1.00 48.24  ? 201 1I3 A C24  1 
HETATM 808 C  C27  . 1I3 B 2 .  ? -0.910  3.926   7.640   1.00 42.87  ? 201 1I3 A C27  1 
HETATM 809 C  C30  . 1I3 B 2 .  ? 1.458   4.296   7.357   1.00 44.11  ? 201 1I3 A C30  1 
HETATM 810 C  C31  . 1I3 B 2 .  ? 5.435   5.172   10.671  1.00 54.37  ? 201 1I3 A C31  1 
HETATM 811 C  C34  . 1I3 B 2 .  ? 6.645   6.662   11.650  1.00 71.96  ? 201 1I3 A C34  1 
HETATM 812 N  N4   . 1I3 B 2 .  ? 5.364   0.430   9.021   1.00 43.12  ? 201 1I3 A N4   1 
HETATM 813 C  C10  . 1I3 B 2 .  ? 7.101   -0.593  5.373   1.00 39.63  ? 201 1I3 A C10  1 
HETATM 814 N  N11  . 1I3 B 2 .  ? 3.354   0.685   8.175   1.00 48.28  ? 201 1I3 A N11  1 
HETATM 815 C  C13  . 1I3 B 2 .  ? 1.343   -0.810  7.947   1.00 47.85  ? 201 1I3 A C13  1 
HETATM 816 C  C14  . 1I3 B 2 .  ? 2.508   0.333   5.883   1.00 38.72  ? 201 1I3 A C14  1 
HETATM 817 C  C20  . 1I3 B 2 .  ? 1.230   0.335   5.024   1.00 42.72  ? 201 1I3 A C20  1 
HETATM 818 C  C22  . 1I3 B 2 .  ? 3.067   3.154   8.916   1.00 51.14  ? 201 1I3 A C22  1 
HETATM 819 N  N23  . 1I3 B 2 .  ? 3.700   4.106   9.549   1.00 55.89  ? 201 1I3 A N23  1 
HETATM 820 C  C25  . 1I3 B 2 .  ? 0.570   2.896   9.083   1.00 51.23  ? 201 1I3 A C25  1 
HETATM 821 N  N26  . 1I3 B 2 .  ? -0.677  3.140   8.669   1.00 49.20  ? 201 1I3 A N26  1 
HETATM 822 C  C28  . 1I3 B 2 .  ? 0.146   4.501   6.955   1.00 45.73  ? 201 1I3 A C28  1 
HETATM 823 CL CL29 . 1I3 B 2 .  ? -0.145  5.508   5.600   1.00 50.39  ? 201 1I3 A CL29 1 
HETATM 824 N  N32  . 1I3 B 2 .  ? 4.814   6.305   10.680  1.00 62.83  ? 201 1I3 A N32  1 
HETATM 825 O  O33  . 1I3 B 2 .  ? 5.458   7.162   11.254  1.00 76.72  ? 201 1I3 A O33  1 
HETATM 826 O  O35  . 1I3 B 2 .  ? 7.529   7.271   12.207  1.00 76.16  ? 201 1I3 A O35  1 
HETATM 827 N  N36  . 1I3 B 2 .  ? 6.666   5.352   11.282  1.00 66.46  ? 201 1I3 A N36  1 
HETATM 828 S  S    . SO4 C 3 .  ? -10.050 9.343   15.105  0.50 59.88  ? 202 SO4 A S    1 
HETATM 829 O  O1   . SO4 C 3 .  ? -11.046 9.523   14.053  0.50 55.72  ? 202 SO4 A O1   1 
HETATM 830 O  O2   . SO4 C 3 .  ? -9.415  10.617  15.421  0.50 61.29  ? 202 SO4 A O2   1 
HETATM 831 O  O3   . SO4 C 3 .  ? -10.720 8.789   16.276  0.50 58.13  ? 202 SO4 A O3   1 
HETATM 832 O  O4   . SO4 C 3 .  ? -9.001  8.430   14.675  0.50 59.61  ? 202 SO4 A O4   1 
HETATM 833 S  S    . SO4 D 3 .  ? 11.571  -8.215  9.667   0.50 67.75  ? 203 SO4 A S    1 
HETATM 834 O  O1   . SO4 D 3 .  ? 11.914  -7.515  10.895  0.50 60.28  ? 203 SO4 A O1   1 
HETATM 835 O  O2   . SO4 D 3 .  ? 12.479  -7.806  8.594   0.50 67.25  ? 203 SO4 A O2   1 
HETATM 836 O  O3   . SO4 D 3 .  ? 10.198  -7.846  9.327   0.50 65.46  ? 203 SO4 A O3   1 
HETATM 837 O  O4   . SO4 D 3 .  ? 11.680  -9.653  9.884   0.50 61.28  ? 203 SO4 A O4   1 
HETATM 838 S  S    . SO4 E 3 .  ? 9.707   3.207   -10.856 1.00 136.46 ? 204 SO4 A S    1 
HETATM 839 O  O1   . SO4 E 3 .  ? 8.773   3.973   -10.043 1.00 135.79 ? 204 SO4 A O1   1 
HETATM 840 O  O2   . SO4 E 3 .  ? 11.056  3.701   -10.579 1.00 135.39 ? 204 SO4 A O2   1 
HETATM 841 O  O3   . SO4 E 3 .  ? 9.616   1.769   -10.571 1.00 133.28 ? 204 SO4 A O3   1 
HETATM 842 O  O4   . SO4 E 3 .  ? 9.361   3.429   -12.257 1.00 138.31 ? 204 SO4 A O4   1 
HETATM 843 S  S    . SO4 F 3 .  ? 13.916  5.093   15.336  1.00 130.13 ? 205 SO4 A S    1 
HETATM 844 O  O1   . SO4 F 3 .  ? 13.422  6.290   14.665  1.00 127.15 ? 205 SO4 A O1   1 
HETATM 845 O  O2   . SO4 F 3 .  ? 15.380  5.126   15.356  1.00 126.98 ? 205 SO4 A O2   1 
HETATM 846 O  O3   . SO4 F 3 .  ? 13.421  5.022   16.712  1.00 129.24 ? 205 SO4 A O3   1 
HETATM 847 O  O4   . SO4 F 3 .  ? 13.419  3.937   14.588  1.00 131.07 ? 205 SO4 A O4   1 
HETATM 848 O  O    . HOH G 4 .  ? 13.615  -6.255  7.304   0.50 44.63  ? 301 HOH A O    1 
HETATM 849 O  O    . HOH G 4 .  ? 8.021   -6.880  10.172  0.50 40.62  ? 302 HOH A O    1 
HETATM 850 O  O    . HOH G 4 .  ? -16.485 2.104   1.845   1.00 47.29  ? 303 HOH A O    1 
HETATM 851 O  O    . HOH G 4 .  ? 5.609   -7.781  -7.972  1.00 53.13  ? 304 HOH A O    1 
HETATM 852 O  O    . HOH G 4 .  ? 1.917   -4.985  7.410   1.00 41.70  ? 305 HOH A O    1 
HETATM 853 O  O    . HOH G 4 .  ? 7.553   -0.515  10.730  1.00 55.64  ? 306 HOH A O    1 
HETATM 854 O  O    . HOH G 4 .  ? 9.027   -6.832  -9.070  0.50 24.43  ? 307 HOH A O    1 
HETATM 855 O  O    . HOH G 4 .  ? -16.602 -1.977  6.608   1.00 66.72  ? 308 HOH A O    1 
HETATM 856 O  O    . HOH G 4 .  ? -2.590  5.548   9.839   1.00 67.20  ? 309 HOH A O    1 
HETATM 857 O  O    . HOH G 4 .  ? -0.262  6.450   -8.299  1.00 73.37  ? 310 HOH A O    1 
HETATM 858 O  O    . HOH G 4 .  ? 8.232   2.208   12.800  1.00 60.73  ? 311 HOH A O    1 
# 
loop_
_atom_site_anisotrop.id 
_atom_site_anisotrop.type_symbol 
_atom_site_anisotrop.pdbx_label_atom_id 
_atom_site_anisotrop.pdbx_label_alt_id 
_atom_site_anisotrop.pdbx_label_comp_id 
_atom_site_anisotrop.pdbx_label_asym_id 
_atom_site_anisotrop.pdbx_label_seq_id 
_atom_site_anisotrop.pdbx_PDB_ins_code 
_atom_site_anisotrop.U[1][1] 
_atom_site_anisotrop.U[2][2] 
_atom_site_anisotrop.U[3][3] 
_atom_site_anisotrop.U[1][2] 
_atom_site_anisotrop.U[1][3] 
_atom_site_anisotrop.U[2][3] 
_atom_site_anisotrop.pdbx_auth_seq_id 
_atom_site_anisotrop.pdbx_auth_comp_id 
_atom_site_anisotrop.pdbx_auth_asym_id 
_atom_site_anisotrop.pdbx_auth_atom_id 
1   N  N    . GLY A 1  ? 1.2269 1.0348 1.0832 0.1204  -0.0770 -0.2589 16  GLY A N    
2   C  CA   . GLY A 1  ? 1.2423 1.0892 1.0556 0.1263  -0.0825 -0.2660 16  GLY A CA   
3   C  C    . GLY A 1  ? 1.2805 1.1513 1.0406 0.1615  -0.0659 -0.2778 16  GLY A C    
4   O  O    . GLY A 1  ? 1.2044 1.1168 0.9520 0.1698  -0.0433 -0.2480 16  GLY A O    
5   N  N    . SER A 2  ? 1.3891 1.2331 1.1196 0.1823  -0.0772 -0.3219 17  SER A N    
6   C  CA   . SER A 2  ? 1.4323 1.2962 1.1072 0.2216  -0.0603 -0.3397 17  SER A CA   
7   C  C    . SER A 2  ? 1.4270 1.2745 1.1155 0.2443  -0.0361 -0.3384 17  SER A C    
8   O  O    . SER A 2  ? 1.4603 1.3316 1.1097 0.2789  -0.0150 -0.3456 17  SER A O    
9   C  CB   . SER A 2  ? 1.5135 1.3597 1.1402 0.2368  -0.0868 -0.3940 17  SER A CB   
10  O  OG   . SER A 2  ? 1.5628 1.4493 1.1212 0.2771  -0.0662 -0.4023 17  SER A OG   
11  N  N    . GLN A 3  ? 1.3639 1.1744 1.1078 0.2270  -0.0385 -0.3270 18  GLN A N    
12  C  CA   . GLN A 3  ? 1.3270 1.1232 1.0937 0.2465  -0.0175 -0.3192 18  GLN A CA   
13  C  C    . GLN A 3  ? 1.1800 1.0121 0.9812 0.2359  0.0048  -0.2662 18  GLN A C    
14  O  O    . GLN A 3  ? 1.1322 0.9552 0.9636 0.2451  0.0178  -0.2524 18  GLN A O    
15  C  CB   . GLN A 3  ? 1.3771 1.1061 1.1816 0.2392  -0.0358 -0.3417 18  GLN A CB   
16  C  CG   . GLN A 3  ? 1.4628 1.1533 1.2355 0.2486  -0.0622 -0.3996 18  GLN A CG   
17  C  CD   . GLN A 3  ? 1.5069 1.1260 1.3241 0.2430  -0.0791 -0.4216 18  GLN A CD   
18  O  OE1  . GLN A 3  ? 1.4661 1.0670 1.3384 0.2231  -0.0764 -0.3890 18  GLN A OE1  
19  N  NE2  . GLN A 3  ? 1.5921 1.1691 1.3843 0.2616  -0.0975 -0.4773 18  GLN A NE2  
20  N  N    . ILE A 4  ? 1.0685 0.9404 0.8654 0.2175  0.0070  -0.2387 19  ILE A N    
21  C  CA   . ILE A 4  ? 0.9751 0.8855 0.7967 0.2095  0.0263  -0.1942 19  ILE A CA   
22  C  C    . ILE A 4  ? 0.9744 0.9351 0.7676 0.2358  0.0513  -0.1833 19  ILE A C    
23  O  O    . ILE A 4  ? 0.9950 0.9824 0.7518 0.2395  0.0515  -0.1853 19  ILE A O    
24  C  CB   . ILE A 4  ? 0.9214 0.8435 0.7569 0.1768  0.0153  -0.1717 19  ILE A CB   
25  C  CG1  . ILE A 4  ? 0.9505 0.8306 0.8217 0.1526  -0.0028 -0.1736 19  ILE A CG1  
26  C  CG2  . ILE A 4  ? 0.8813 0.8441 0.7354 0.1700  0.0328  -0.1314 19  ILE A CG2  
27  C  CD1  . ILE A 4  ? 0.7882 0.6762 0.6720 0.1241  -0.0141 -0.1586 19  ILE A CD1  
28  N  N    . PRO A 5  ? 0.9530 0.9306 0.7665 0.2543  0.0731  -0.1676 20  PRO A N    
29  C  CA   . PRO A 5  ? 0.9410 0.9711 0.7349 0.2791  0.1000  -0.1527 20  PRO A CA   
30  C  C    . PRO A 5  ? 0.8774 0.9525 0.6799 0.2605  0.1075  -0.1139 20  PRO A C    
31  O  O    . PRO A 5  ? 0.8311 0.8995 0.6664 0.2300  0.0962  -0.0938 20  PRO A O    
32  C  CB   . PRO A 5  ? 0.9265 0.9641 0.7576 0.2964  0.1178  -0.1397 20  PRO A CB   
33  C  CG   . PRO A 5  ? 0.8821 0.8925 0.7600 0.2672  0.1015  -0.1243 20  PRO A CG   
34  C  CD   . PRO A 5  ? 0.9403 0.9001 0.8014 0.2506  0.0752  -0.1533 20  PRO A CD   
35  N  N    . ALA A 6  ? 0.9099 1.0294 0.6830 0.2805  0.1274  -0.1034 21  ALA A N    
36  C  CA   . ALA A 6  ? 0.8806 1.0425 0.6627 0.2666  0.1368  -0.0648 21  ALA A CA   
37  C  C    . ALA A 6  ? 0.7917 0.9758 0.6347 0.2527  0.1485  -0.0272 21  ALA A C    
38  O  O    . ALA A 6  ? 0.7877 0.9831 0.6562 0.2279  0.1443  -0.0004 21  ALA A O    
39  C  CB   . ALA A 6  ? 0.9476 1.1552 0.6852 0.2961  0.1593  -0.0578 21  ALA A CB   
40  N  N    . SER A 7  ? 0.7787 0.9677 0.6462 0.2696  0.1611  -0.0275 22  SER A N    
41  C  CA   . SER A 7  ? 0.7308 0.9434 0.6598 0.2588  0.1690  0.0049  22  SER A CA   
42  C  C    . SER A 7  ? 0.6844 0.8700 0.6470 0.2237  0.1451  0.0124  22  SER A C    
43  O  O    . SER A 7  ? 0.6373 0.8459 0.6463 0.2083  0.1463  0.0407  22  SER A O    
44  C  CB   . SER A 7  ? 0.7470 0.9626 0.6944 0.2860  0.1817  -0.0029 22  SER A CB   
45  O  OG   . SER A 7  ? 0.6872 0.8475 0.6270 0.2853  0.1619  -0.0341 22  SER A OG   
46  N  N    . GLU A 8  ? 0.7124 0.8511 0.6528 0.2115  0.1231  -0.0131 23  GLU A N    
47  C  CA   . GLU A 8  ? 0.6894 0.8035 0.6534 0.1813  0.1026  -0.0072 23  GLU A CA   
48  C  C    . GLU A 8  ? 0.6740 0.8086 0.6522 0.1582  0.1004  0.0170  23  GLU A C    
49  O  O    . GLU A 8  ? 0.6115 0.7438 0.6219 0.1385  0.0908  0.0305  23  GLU A O    
50  C  CB   . GLU A 8  ? 0.7102 0.7758 0.6496 0.1738  0.0830  -0.0362 23  GLU A CB   
51  C  CG   . GLU A 8  ? 0.6280 0.6713 0.5835 0.1446  0.0648  -0.0299 23  GLU A CG   
52  C  CD   . GLU A 8  ? 0.6700 0.7138 0.6626 0.1365  0.0616  -0.0126 23  GLU A CD   
53  O  OE1  . GLU A 8  ? 0.7620 0.8130 0.7712 0.1535  0.0695  -0.0095 23  GLU A OE1  
54  O  OE2  . GLU A 8  ? 0.6992 0.7372 0.7025 0.1148  0.0507  -0.0027 23  GLU A OE2  
55  N  N    . GLN A 9  ? 0.6709 0.8244 0.6242 0.1625  0.1084  0.0219  24  GLN A N    
56  C  CA   . GLN A 9  ? 0.6751 0.8473 0.6444 0.1442  0.1088  0.0473  24  GLN A CA   
57  C  C    . GLN A 9  ? 0.6164 0.8207 0.6371 0.1373  0.1192  0.0786  24  GLN A C    
58  O  O    . GLN A 9  ? 0.5940 0.7999 0.6403 0.1164  0.1125  0.0952  24  GLN A O    
59  C  CB   . GLN A 9  ? 0.7263 0.9202 0.6603 0.1564  0.1193  0.0532  24  GLN A CB   
60  C  CG   . GLN A 9  ? 0.8786 1.0502 0.7608 0.1642  0.1068  0.0231  24  GLN A CG   
61  C  CD   . GLN A 9  ? 0.9219 1.0568 0.8083 0.1406  0.0827  0.0089  24  GLN A CD   
62  O  OE1  . GLN A 9  ? 0.9754 1.0791 0.8668 0.1357  0.0710  -0.0114 24  GLN A OE1  
63  N  NE2  . GLN A 9  ? 0.8668 1.0066 0.7542 0.1271  0.0766  0.0222  24  GLN A NE2  
64  N  N    . GLU A 10 ? 0.5861 0.8165 0.6243 0.1558  0.1352  0.0859  25  GLU A N    
65  C  CA   . GLU A 10 ? 0.5993 0.8671 0.6952 0.1503  0.1448  0.1164  25  GLU A CA   
66  C  C    . GLU A 10 ? 0.5513 0.8067 0.6869 0.1343  0.1262  0.1150  25  GLU A C    
67  O  O    . GLU A 10 ? 0.5298 0.8136 0.7175 0.1243  0.1268  0.1377  25  GLU A O    
68  C  CB   . GLU A 10 ? 0.6429 0.9522 0.7449 0.1802  0.1725  0.1273  25  GLU A CB   
69  C  CG   . GLU A 10 ? 0.7499 1.0859 0.8152 0.1994  0.1952  0.1368  25  GLU A CG   
70  C  CD   . GLU A 10 ? 0.8129 1.1846 0.8682 0.2361  0.2235  0.1381  25  GLU A CD   
71  O  OE1  . GLU A 10 ? 0.8328 1.2275 0.9322 0.2446  0.2328  0.1480  25  GLU A OE1  
72  O  OE2  . GLU A 10 ? 1.0174 1.3966 1.0180 0.2586  0.2367  0.1286  25  GLU A OE2  
73  N  N    . THR A 11 ? 0.5828 0.7985 0.6957 0.1322  0.1094  0.0901  26  THR A N    
74  C  CA   . THR A 11 ? 0.5276 0.7328 0.6690 0.1205  0.0914  0.0900  26  THR A CA   
75  C  C    . THR A 11 ? 0.4906 0.6989 0.6595 0.0929  0.0764  0.1021  26  THR A C    
76  O  O    . THR A 11 ? 0.4322 0.6246 0.5831 0.0801  0.0721  0.0990  26  THR A O    
77  C  CB   . THR A 11 ? 0.5654 0.7251 0.6744 0.1205  0.0768  0.0658  26  THR A CB   
78  O  OG1  . THR A 11 ? 0.5154 0.6651 0.6016 0.1455  0.0880  0.0503  26  THR A OG1  
79  C  CG2  . THR A 11 ? 0.4760 0.6288 0.6091 0.1114  0.0593  0.0700  26  THR A CG2  
80  N  N    . LEU A 12 ? 0.4575 0.6872 0.6720 0.0853  0.0675  0.1152  27  LEU A N    
81  C  CA   . LEU A 12 ? 0.4816 0.7125 0.7252 0.0600  0.0495  0.1220  27  LEU A CA   
82  C  C    . LEU A 12 ? 0.4729 0.6749 0.6992 0.0510  0.0254  0.1053  27  LEU A C    
83  O  O    . LEU A 12 ? 0.4645 0.6663 0.6894 0.0620  0.0207  0.1025  27  LEU A O    
84  C  CB   . LEU A 12 ? 0.4455 0.7205 0.7543 0.0546  0.0503  0.1457  27  LEU A CB   
85  C  CG   . LEU A 12 ? 0.5623 0.8667 0.8988 0.0534  0.0710  0.1695  27  LEU A CG   
86  C  CD1  . LEU A 12 ? 0.5882 0.9452 0.9908 0.0572  0.0795  0.1956  27  LEU A CD1  
87  C  CD2  . LEU A 12 ? 0.5776 0.8635 0.9242 0.0286  0.0591  0.1718  27  LEU A CD2  
88  N  N    . VAL A 13 ? 0.4621 0.6415 0.6757 0.0332  0.0119  0.0963  28  VAL A N    
89  C  CA   . VAL A 13 ? 0.4497 0.6013 0.6350 0.0268  -0.0065 0.0803  28  VAL A CA   
90  C  C    . VAL A 13 ? 0.4521 0.5993 0.6519 0.0072  -0.0259 0.0753  28  VAL A C    
91  O  O    . VAL A 13 ? 0.4135 0.5630 0.6347 -0.0034 -0.0230 0.0805  28  VAL A O    
92  C  CB   . VAL A 13 ? 0.4764 0.5960 0.6141 0.0311  0.0010  0.0669  28  VAL A CB   
93  C  CG1  . VAL A 13 ? 0.4296 0.5466 0.5529 0.0500  0.0142  0.0654  28  VAL A CG1  
94  C  CG2  . VAL A 13 ? 0.4338 0.5469 0.5648 0.0241  0.0091  0.0667  28  VAL A CG2  
95  N  N    . ARG A 14 ? 0.4120 0.5530 0.6011 0.0041  -0.0459 0.0660  29  ARG A N    
96  C  CA   . ARG A 14 ? 0.4541 0.5827 0.6397 -0.0104 -0.0665 0.0521  29  ARG A CA   
97  C  C    . ARG A 14 ? 0.4454 0.5449 0.5763 -0.0058 -0.0659 0.0377  29  ARG A C    
98  O  O    . ARG A 14 ? 0.4696 0.5683 0.5770 0.0033  -0.0692 0.0385  29  ARG A O    
99  C  CB   . ARG A 14 ? 0.4605 0.6096 0.6705 -0.0156 -0.0923 0.0510  29  ARG A CB   
100 C  CG   . ARG A 14 ? 0.5596 0.7415 0.8360 -0.0251 -0.0979 0.0653  29  ARG A CG   
101 C  CD   . ARG A 14 ? 0.6312 0.8328 0.9329 -0.0334 -0.1308 0.0596  29  ARG A CD   
102 N  NE   . ARG A 14 ? 0.6359 0.8640 1.0088 -0.0493 -0.1401 0.0703  29  ARG A NE   
103 C  CZ   . ARG A 14 ? 0.6286 0.8998 1.0559 -0.0473 -0.1416 0.0909  29  ARG A CZ   
104 N  NH1  . ARG A 14 ? 0.6210 0.9121 1.0390 -0.0279 -0.1349 0.1017  29  ARG A NH1  
105 N  NH2  . ARG A 14 ? 0.6266 0.9223 1.1253 -0.0648 -0.1494 0.1028  29  ARG A NH2  
106 N  N    . PRO A 15 ? 0.4612 0.5391 0.5757 -0.0114 -0.0607 0.0278  30  PRO A N    
107 C  CA   . PRO A 15 ? 0.4771 0.5338 0.5460 -0.0064 -0.0574 0.0171  30  PRO A CA   
108 C  C    . PRO A 15 ? 0.4669 0.5215 0.5118 -0.0059 -0.0757 0.0051  30  PRO A C    
109 O  O    . PRO A 15 ? 0.5078 0.5676 0.5683 -0.0135 -0.0946 -0.0045 30  PRO A O    
110 C  CB   . PRO A 15 ? 0.5038 0.5438 0.5713 -0.0115 -0.0489 0.0107  30  PRO A CB   
111 C  CG   . PRO A 15 ? 0.5386 0.5909 0.6459 -0.0165 -0.0427 0.0236  30  PRO A CG   
112 C  CD   . PRO A 15 ? 0.5007 0.5738 0.6404 -0.0211 -0.0567 0.0287  30  PRO A CD   
113 N  N    . LYS A 16 ? 0.4900 0.5390 0.4986 0.0031  -0.0708 0.0069  31  LYS A N    
114 C  CA   . LYS A 16 ? 0.5426 0.5903 0.5154 0.0073  -0.0831 -0.0031 31  LYS A CA   
115 C  C    . LYS A 16 ? 0.5422 0.5730 0.4989 0.0044  -0.0813 -0.0224 31  LYS A C    
116 O  O    . LYS A 16 ? 0.5509 0.5705 0.5219 0.0005  -0.0678 -0.0223 31  LYS A O    
117 C  CB   . LYS A 16 ? 0.5733 0.6204 0.5163 0.0180  -0.0723 0.0108  31  LYS A CB   
118 C  CG   . LYS A 16 ? 0.6133 0.6735 0.5715 0.0239  -0.0761 0.0290  31  LYS A CG   
119 C  CD   . LYS A 16 ? 0.5052 0.5597 0.4406 0.0334  -0.0657 0.0459  31  LYS A CD   
120 C  CE   . LYS A 16 ? 0.5703 0.6312 0.5292 0.0409  -0.0669 0.0638  31  LYS A CE   
121 N  NZ   . LYS A 16 ? 0.5623 0.6126 0.5086 0.0496  -0.0572 0.0837  31  LYS A NZ   
122 N  N    . PRO A 17 ? 0.5902 0.6197 0.5151 0.0088  -0.0949 -0.0393 32  PRO A N    
123 C  CA   . PRO A 17 ? 0.6120 0.6236 0.5261 0.0082  -0.0969 -0.0630 32  PRO A CA   
124 C  C    . PRO A 17 ? 0.6316 0.6301 0.5376 0.0124  -0.0730 -0.0613 32  PRO A C    
125 O  O    . PRO A 17 ? 0.6593 0.6420 0.5842 0.0081  -0.0716 -0.0725 32  PRO A O    
126 C  CB   . PRO A 17 ? 0.6500 0.6670 0.5173 0.0186  -0.1125 -0.0799 32  PRO A CB   
127 C  CG   . PRO A 17 ? 0.6740 0.7117 0.5500 0.0166  -0.1316 -0.0704 32  PRO A CG   
128 C  CD   . PRO A 17 ? 0.6600 0.7062 0.5619 0.0151  -0.1144 -0.0403 32  PRO A CD   
129 N  N    . LEU A 18 ? 0.6524 0.6577 0.5373 0.0199  -0.0555 -0.0455 33  LEU A N    
130 C  CA   . LEU A 18 ? 0.6580 0.6565 0.5413 0.0231  -0.0343 -0.0420 33  LEU A CA   
131 C  C    . LEU A 18 ? 0.6107 0.6040 0.5319 0.0141  -0.0267 -0.0324 33  LEU A C    
132 O  O    . LEU A 18 ? 0.5766 0.5617 0.5072 0.0145  -0.0186 -0.0372 33  LEU A O    
133 C  CB   . LEU A 18 ? 0.6856 0.6950 0.5445 0.0312  -0.0185 -0.0252 33  LEU A CB   
134 C  CG   . LEU A 18 ? 0.7788 0.7883 0.6400 0.0344  0.0025  -0.0201 33  LEU A CG   
135 C  CD1  . LEU A 18 ? 0.8244 0.8295 0.6667 0.0445  0.0057  -0.0409 33  LEU A CD1  
136 C  CD2  . LEU A 18 ? 0.8527 0.8751 0.7034 0.0381  0.0171  0.0028  33  LEU A CD2  
137 N  N    . LEU A 19 ? 0.5203 0.5202 0.4610 0.0088  -0.0288 -0.0189 34  LEU A N    
138 C  CA   . LEU A 19 ? 0.4899 0.4884 0.4594 0.0034  -0.0224 -0.0113 34  LEU A CA   
139 C  C    . LEU A 19 ? 0.4887 0.4812 0.4827 -0.0027 -0.0298 -0.0188 34  LEU A C    
140 O  O    . LEU A 19 ? 0.4754 0.4631 0.4841 -0.0041 -0.0222 -0.0154 34  LEU A O    
141 C  CB   . LEU A 19 ? 0.5070 0.5145 0.4885 0.0032  -0.0220 0.0019  34  LEU A CB   
142 C  CG   . LEU A 19 ? 0.4980 0.5088 0.5018 0.0013  -0.0147 0.0091  34  LEU A CG   
143 C  CD1  . LEU A 19 ? 0.4753 0.4803 0.4730 0.0025  -0.0040 0.0094  34  LEU A CD1  
144 C  CD2  . LEU A 19 ? 0.4100 0.4303 0.4231 0.0057  -0.0137 0.0184  34  LEU A CD2  
145 N  N    . LEU A 20 ? 0.5414 0.5347 0.5421 -0.0066 -0.0462 -0.0277 35  LEU A N    
146 C  CA   . LEU A 20 ? 0.5709 0.5550 0.6015 -0.0147 -0.0563 -0.0353 35  LEU A CA   
147 C  C    . LEU A 20 ? 0.5885 0.5510 0.6125 -0.0114 -0.0532 -0.0503 35  LEU A C    
148 O  O    . LEU A 20 ? 0.5895 0.5427 0.6422 -0.0156 -0.0496 -0.0450 35  LEU A O    
149 C  CB   . LEU A 20 ? 0.5699 0.5591 0.6097 -0.0206 -0.0794 -0.0459 35  LEU A CB   
150 C  CG   . LEU A 20 ? 0.7316 0.7132 0.8183 -0.0337 -0.0924 -0.0497 35  LEU A CG   
151 C  CD1  . LEU A 20 ? 0.7027 0.7015 0.8310 -0.0398 -0.0811 -0.0227 35  LEU A CD1  
152 C  CD2  . LEU A 20 ? 0.6205 0.6047 0.7146 -0.0405 -0.1215 -0.0680 35  LEU A CD2  
153 N  N    . LYS A 21 ? 0.6116 0.5677 0.5988 -0.0017 -0.0536 -0.0669 36  LYS A N    
154 C  CA   . LYS A 21 ? 0.6626 0.6016 0.6398 0.0070  -0.0454 -0.0806 36  LYS A CA   
155 C  C    . LYS A 21 ? 0.6272 0.5676 0.6218 0.0085  -0.0274 -0.0635 36  LYS A C    
156 O  O    . LYS A 21 ? 0.6240 0.5495 0.6381 0.0101  -0.0249 -0.0664 36  LYS A O    
157 C  CB   . LYS A 21 ? 0.6894 0.6340 0.6195 0.0210  -0.0394 -0.0915 36  LYS A CB   
158 C  CG   . LYS A 21 ? 0.8069 0.7381 0.7240 0.0345  -0.0294 -0.1080 36  LYS A CG   
159 C  CD   . LYS A 21 ? 0.8215 0.7630 0.6880 0.0500  -0.0251 -0.1202 36  LYS A CD   
160 C  CE   . LYS A 21 ? 0.8555 0.7873 0.7081 0.0674  -0.0119 -0.1373 36  LYS A CE   
161 N  NZ   . LYS A 21 ? 0.8865 0.7862 0.7502 0.0692  -0.0281 -0.1679 36  LYS A NZ   
162 N  N    . LEU A 22 ? 0.5975 0.5555 0.5852 0.0083  -0.0170 -0.0460 37  LEU A N    
163 C  CA   . LEU A 22 ? 0.6196 0.5836 0.6195 0.0096  -0.0040 -0.0315 37  LEU A CA   
164 C  C    . LEU A 22 ? 0.5813 0.5437 0.6134 0.0030  -0.0061 -0.0193 37  LEU A C    
165 O  O    . LEU A 22 ? 0.5680 0.5255 0.6160 0.0059  -0.0010 -0.0136 37  LEU A O    
166 C  CB   . LEU A 22 ? 0.5786 0.5583 0.5645 0.0096  0.0032  -0.0201 37  LEU A CB   
167 C  CG   . LEU A 22 ? 0.7158 0.7046 0.7060 0.0117  0.0139  -0.0107 37  LEU A CG   
168 C  CD1  . LEU A 22 ? 0.6291 0.6269 0.6042 0.0121  0.0195  -0.0053 37  LEU A CD1  
169 C  CD2  . LEU A 22 ? 0.7297 0.7234 0.7364 0.0074  0.0125  0.0000  37  LEU A CD2  
170 N  N    . LEU A 23 ? 0.4996 0.4689 0.5430 -0.0044 -0.0126 -0.0126 38  LEU A N    
171 C  CA   . LEU A 23 ? 0.5359 0.5094 0.6113 -0.0100 -0.0120 0.0032  38  LEU A CA   
172 C  C    . LEU A 23 ? 0.4873 0.4413 0.5920 -0.0140 -0.0181 0.0002  38  LEU A C    
173 O  O    . LEU A 23 ? 0.4707 0.4246 0.5993 -0.0144 -0.0120 0.0171  38  LEU A O    
174 C  CB   . LEU A 23 ? 0.5475 0.5369 0.6339 -0.0154 -0.0163 0.0115  38  LEU A CB   
175 C  CG   . LEU A 23 ? 0.5576 0.5629 0.6236 -0.0099 -0.0094 0.0173  38  LEU A CG   
176 C  CD1  . LEU A 23 ? 0.4915 0.5118 0.5716 -0.0125 -0.0147 0.0229  38  LEU A CD1  
177 C  CD2  . LEU A 23 ? 0.5582 0.5724 0.6202 -0.0043 0.0028  0.0294  38  LEU A CD2  
178 N  N    . LYS A 24 ? 0.5166 0.4533 0.6190 -0.0160 -0.0308 -0.0216 39  LYS A N    
179 C  CA   . LYS A 24 ? 0.5764 0.4865 0.7077 -0.0196 -0.0398 -0.0311 39  LYS A CA   
180 C  C    . LYS A 24 ? 0.5548 0.4493 0.6883 -0.0089 -0.0292 -0.0302 39  LYS A C    
181 O  O    . LYS A 24 ? 0.5806 0.4543 0.7489 -0.0114 -0.0322 -0.0263 39  LYS A O    
182 C  CB   . LYS A 24 ? 0.6200 0.5136 0.7393 -0.0212 -0.0585 -0.0620 39  LYS A CB   
183 C  CG   . LYS A 24 ? 0.7232 0.6265 0.8646 -0.0353 -0.0764 -0.0623 39  LYS A CG   
184 C  CD   . LYS A 24 ? 0.7970 0.6837 0.9230 -0.0358 -0.1001 -0.0970 39  LYS A CD   
185 C  CE   . LYS A 24 ? 0.8066 0.7005 0.8668 -0.0193 -0.0960 -0.1147 39  LYS A CE   
186 N  NZ   . LYS A 24 ? 0.8525 0.7390 0.8898 -0.0182 -0.1206 -0.1461 39  LYS A NZ   
187 N  N    . SER A 25 ? 0.5572 0.4630 0.6597 0.0025  -0.0173 -0.0311 40  SER A N    
188 C  CA   . SER A 25 ? 0.5662 0.4659 0.6745 0.0140  -0.0069 -0.0264 40  SER A CA   
189 C  C    . SER A 25 ? 0.5489 0.4632 0.6784 0.0134  0.0010  0.0041  40  SER A C    
190 O  O    . SER A 25 ? 0.5161 0.4257 0.6582 0.0229  0.0067  0.0117  40  SER A O    
191 C  CB   . SER A 25 ? 0.5952 0.5077 0.6695 0.0256  0.0028  -0.0363 40  SER A CB   
192 O  OG   . SER A 25 ? 0.5844 0.5236 0.6468 0.0225  0.0089  -0.0204 40  SER A OG   
193 N  N    . VAL A 26 ? 0.5238 0.4573 0.6558 0.0051  0.0014  0.0214  41  VAL A N    
194 C  CA   . VAL A 26 ? 0.5698 0.5215 0.7133 0.0071  0.0090  0.0500  41  VAL A CA   
195 C  C    . VAL A 26 ? 0.5957 0.5541 0.7677 -0.0014 0.0096  0.0725  41  VAL A C    
196 O  O    . VAL A 26 ? 0.6249 0.5951 0.8086 0.0027  0.0168  0.0987  41  VAL A O    
197 C  CB   . VAL A 26 ? 0.5637 0.5417 0.6756 0.0114  0.0141  0.0526  41  VAL A CB   
198 C  CG1  . VAL A 26 ? 0.6588 0.6374 0.7570 0.0198  0.0161  0.0415  41  VAL A CG1  
199 C  CG2  . VAL A 26 ? 0.5437 0.5295 0.6374 0.0052  0.0114  0.0427  41  VAL A CG2  
200 N  N    . GLY A 27 ? 0.5817 0.5367 0.7655 -0.0122 0.0023  0.0651  42  GLY A N    
201 C  CA   . GLY A 27 ? 0.6040 0.5719 0.8217 -0.0210 0.0044  0.0883  42  GLY A CA   
202 C  C    . GLY A 27 ? 0.5996 0.5482 0.8548 -0.0352 -0.0098 0.0782  42  GLY A C    
203 O  O    . GLY A 27 ? 0.6327 0.5597 0.8760 -0.0366 -0.0227 0.0483  42  GLY A O    
204 N  N    . ALA A 28 ? 0.6282 0.5875 0.9293 -0.0453 -0.0078 0.1038  43  ALA A N    
205 C  CA   . ALA A 28 ? 0.6951 0.6436 1.0419 -0.0624 -0.0240 0.0972  43  ALA A CA   
206 C  C    . ALA A 28 ? 0.6984 0.6581 1.0212 -0.0653 -0.0367 0.0717  43  ALA A C    
207 O  O    . ALA A 28 ? 0.7230 0.7103 1.0150 -0.0575 -0.0273 0.0764  43  ALA A O    
208 C  CB   . ALA A 28 ? 0.7226 0.6943 1.1260 -0.0724 -0.0147 0.1373  43  ALA A CB   
209 N  N    . GLN A 29 ? 0.7260 0.6626 1.0618 -0.0751 -0.0594 0.0442  44  GLN A N    
210 C  CA   . GLN A 29 ? 0.7273 0.6758 1.0435 -0.0777 -0.0750 0.0226  44  GLN A CA   
211 C  C    . GLN A 29 ? 0.6996 0.6804 1.0644 -0.0903 -0.0782 0.0447  44  GLN A C    
212 O  O    . GLN A 29 ? 0.6432 0.6231 1.0706 -0.1049 -0.0819 0.0627  44  GLN A O    
213 C  CB   . GLN A 29 ? 0.7897 0.7055 1.0997 -0.0821 -0.1008 -0.0161 44  GLN A CB   
214 C  CG   . GLN A 29 ? 0.7815 0.7134 1.0470 -0.0772 -0.1141 -0.0385 44  GLN A CG   
215 C  CD   . GLN A 29 ? 0.8271 0.7321 1.0750 -0.0781 -0.1406 -0.0790 44  GLN A CD   
216 O  OE1  . GLN A 29 ? 0.8308 0.7486 1.0460 -0.0747 -0.1550 -0.0956 44  GLN A OE1  
217 N  NE2  . GLN A 29 ? 0.8570 0.7241 1.1242 -0.0807 -0.1475 -0.0952 44  GLN A NE2  
218 N  N    . LYS A 30 ? 0.6622 0.6728 1.0029 -0.0839 -0.0752 0.0464  45  LYS A N    
219 C  CA   . LYS A 30 ? 0.6718 0.7158 1.0570 -0.0933 -0.0820 0.0614  45  LYS A CA   
220 C  C    . LYS A 30 ? 0.6738 0.7367 1.0216 -0.0841 -0.0891 0.0483  45  LYS A C    
221 O  O    . LYS A 30 ? 0.6680 0.7196 0.9570 -0.0707 -0.0842 0.0335  45  LYS A O    
222 C  CB   . LYS A 30 ? 0.6499 0.7251 1.0745 -0.0929 -0.0573 0.1025  45  LYS A CB   
223 C  CG   . LYS A 30 ? 0.6217 0.7055 1.0001 -0.0737 -0.0293 0.1162  45  LYS A CG   
224 C  CD   . LYS A 30 ? 0.6787 0.7950 1.0931 -0.0713 -0.0055 0.1565  45  LYS A CD   
225 C  CE   . LYS A 30 ? 0.6598 0.7888 1.0202 -0.0497 0.0185  0.1645  45  LYS A CE   
226 N  NZ   . LYS A 30 ? 0.6688 0.8393 1.0510 -0.0413 0.0427  0.1999  45  LYS A NZ   
227 N  N    . ASP A 31 ? 0.7261 0.8183 1.1154 -0.0923 -0.1018 0.0562  46  ASP A N    
228 C  CA   . ASP A 31 ? 0.7362 0.8478 1.1022 -0.0847 -0.1139 0.0465  46  ASP A CA   
229 C  C    . ASP A 31 ? 0.6622 0.7910 0.9931 -0.0651 -0.0878 0.0612  46  ASP A C    
230 O  O    . ASP A 31 ? 0.6343 0.7547 0.9134 -0.0528 -0.0886 0.0481  46  ASP A O    
231 C  CB   . ASP A 31 ? 0.7571 0.9018 1.1898 -0.0988 -0.1343 0.0560  46  ASP A CB   
232 C  CG   . ASP A 31 ? 0.8646 0.9893 1.3377 -0.1208 -0.1658 0.0370  46  ASP A CG   
233 O  OD1  . ASP A 31 ? 0.8524 0.9517 1.3510 -0.1309 -0.1604 0.0403  46  ASP A OD1  
234 O  OD2  . ASP A 31 ? 0.8708 1.0043 1.3509 -0.1272 -0.1978 0.0183  46  ASP A OD2  
235 N  N    . THR A 32 ? 0.6192 0.7705 0.9796 -0.0618 -0.0646 0.0887  47  THR A N    
236 C  CA   . THR A 32 ? 0.5692 0.7405 0.9078 -0.0429 -0.0405 0.1025  47  THR A CA   
237 C  C    . THR A 32 ? 0.5509 0.7140 0.8686 -0.0349 -0.0150 0.1135  47  THR A C    
238 O  O    . THR A 32 ? 0.5110 0.6766 0.8619 -0.0437 -0.0080 0.1304  47  THR A O    
239 C  CB   . THR A 32 ? 0.5973 0.8146 0.9910 -0.0412 -0.0352 0.1262  47  THR A CB   
240 O  OG1  . THR A 32 ? 0.5477 0.7762 0.9609 -0.0477 -0.0621 0.1164  47  THR A OG1  
241 C  CG2  . THR A 32 ? 0.6671 0.9042 1.0380 -0.0176 -0.0090 0.1373  47  THR A CG2  
242 N  N    . TYR A 33 ? 0.4764 0.6307 0.7420 -0.0184 -0.0031 0.1052  48  TYR A N    
243 C  CA   . TYR A 33 ? 0.4675 0.6163 0.7028 -0.0077 0.0170  0.1105  48  TYR A CA   
244 C  C    . TYR A 33 ? 0.4821 0.6521 0.7000 0.0122  0.0353  0.1167  48  TYR A C    
245 O  O    . TYR A 33 ? 0.4546 0.6328 0.6729 0.0198  0.0319  0.1116  48  TYR A O    
246 C  CB   . TYR A 33 ? 0.4676 0.5819 0.6548 -0.0068 0.0107  0.0885  48  TYR A CB   
247 C  CG   . TYR A 33 ? 0.4916 0.5818 0.6877 -0.0209 -0.0030 0.0794  48  TYR A CG   
248 C  CD1  . TYR A 33 ? 0.4575 0.5352 0.6555 -0.0294 -0.0236 0.0619  48  TYR A CD1  
249 C  CD2  . TYR A 33 ? 0.5598 0.6401 0.7615 -0.0233 0.0040  0.0881  48  TYR A CD2  
250 C  CE1  . TYR A 33 ? 0.4752 0.5284 0.6787 -0.0393 -0.0365 0.0486  48  TYR A CE1  
251 C  CE2  . TYR A 33 ? 0.6443 0.6985 0.8576 -0.0338 -0.0083 0.0778  48  TYR A CE2  
252 C  CZ   . TYR A 33 ? 0.5992 0.6385 0.8123 -0.0413 -0.0284 0.0557  48  TYR A CZ   
253 O  OH   . TYR A 33 ? 0.5480 0.5586 0.7683 -0.0486 -0.0409 0.0400  48  TYR A OH   
254 N  N    . THR A 34 ? 0.5017 0.6803 0.7028 0.0229  0.0541  0.1271  49  THR A N    
255 C  CA   . THR A 34 ? 0.5112 0.6981 0.6777 0.0448  0.0687  0.1218  49  THR A CA   
256 C  C    . THR A 34 ? 0.4895 0.6424 0.6062 0.0477  0.0608  0.0966  49  THR A C    
257 O  O    . THR A 34 ? 0.4579 0.5887 0.5656 0.0357  0.0502  0.0895  49  THR A O    
258 C  CB   . THR A 34 ? 0.5241 0.7398 0.6886 0.0581  0.0915  0.1424  49  THR A CB   
259 O  OG1  . THR A 34 ? 0.5447 0.7474 0.6905 0.0529  0.0911  0.1458  49  THR A OG1  
260 C  CG2  . THR A 34 ? 0.4932 0.7475 0.7167 0.0540  0.1019  0.1726  49  THR A CG2  
261 N  N    . MET A 35 ? 0.5054 0.6538 0.5946 0.0637  0.0653  0.0831  50  MET A N    
262 C  CA   . MET A 35 ? 0.5297 0.6478 0.5793 0.0653  0.0576  0.0610  50  MET A CA   
263 C  C    . MET A 35 ? 0.5052 0.6238 0.5304 0.0668  0.0615  0.0614  50  MET A C    
264 O  O    . MET A 35 ? 0.4561 0.5539 0.4660 0.0584  0.0512  0.0506  50  MET A O    
265 C  CB   . MET A 35 ? 0.5616 0.6703 0.5938 0.0818  0.0601  0.0455  50  MET A CB   
266 C  CG   . MET A 35 ? 0.6825 0.7731 0.7262 0.0765  0.0481  0.0400  50  MET A CG   
267 S  SD   . MET A 35 ? 0.6821 0.7405 0.7121 0.0578  0.0314  0.0302  50  MET A SD   
268 C  CE   . MET A 35 ? 0.4556 0.4986 0.4544 0.0619  0.0329  0.0144  50  MET A CE   
269 N  N    . LYS A 36 ? 0.4696 0.6159 0.4939 0.0783  0.0768  0.0771  51  LYS A N    
270 C  CA   . LYS A 36 ? 0.5353 0.6891 0.5398 0.0808  0.0805  0.0850  51  LYS A CA   
271 C  C    . LYS A 36 ? 0.5096 0.6494 0.5332 0.0619  0.0702  0.0930  51  LYS A C    
272 O  O    . LYS A 36 ? 0.5080 0.6369 0.5112 0.0605  0.0631  0.0865  51  LYS A O    
273 C  CB   . LYS A 36 ? 0.5306 0.7231 0.5393 0.0954  0.1018  0.1110  51  LYS A CB   
274 C  CG   . LYS A 36 ? 0.6349 0.8396 0.6115 0.1045  0.1062  0.1203  51  LYS A CG   
275 C  CD   . LYS A 36 ? 0.6910 0.9379 0.6742 0.1186  0.1299  0.1541  51  LYS A CD   
276 C  CE   . LYS A 36 ? 0.7137 0.9845 0.6717 0.1441  0.1468  0.1468  51  LYS A CE   
277 N  NZ   . LYS A 36 ? 0.7433 1.0612 0.7023 0.1608  0.1736  0.1830  51  LYS A NZ   
278 N  N    . GLU A 37 ? 0.4926 0.6335 0.5573 0.0486  0.0684  0.1058  52  GLU A N    
279 C  CA   . GLU A 37 ? 0.4813 0.6047 0.5671 0.0323  0.0582  0.1094  52  GLU A CA   
280 C  C    . GLU A 37 ? 0.4615 0.5561 0.5299 0.0255  0.0436  0.0849  52  GLU A C    
281 O  O    . GLU A 37 ? 0.4424 0.5238 0.5055 0.0214  0.0386  0.0821  52  GLU A O    
282 C  CB   . GLU A 37 ? 0.5070 0.6363 0.6425 0.0192  0.0559  0.1233  52  GLU A CB   
283 C  CG   . GLU A 37 ? 0.4933 0.6516 0.6626 0.0206  0.0713  0.1568  52  GLU A CG   
284 C  CD   . GLU A 37 ? 0.5948 0.7631 0.8236 0.0057  0.0669  0.1700  52  GLU A CD   
285 O  OE1  . GLU A 37 ? 0.5399 0.7033 0.7776 -0.0001 0.0542  0.1538  52  GLU A OE1  
286 O  OE2  . GLU A 37 ? 0.6794 0.8623 0.9500 -0.0007 0.0749  0.1989  52  GLU A OE2  
287 N  N    . VAL A 38 ? 0.4602 0.5473 0.5224 0.0255  0.0379  0.0702  53  VAL A N    
288 C  CA   . VAL A 38 ? 0.4235 0.4869 0.4703 0.0197  0.0268  0.0520  53  VAL A CA   
289 C  C    . VAL A 38 ? 0.4545 0.5108 0.4739 0.0245  0.0268  0.0431  53  VAL A C    
290 O  O    . VAL A 38 ? 0.4561 0.5006 0.4721 0.0188  0.0215  0.0377  53  VAL A O    
291 C  CB   . VAL A 38 ? 0.4340 0.4932 0.4795 0.0210  0.0218  0.0437  53  VAL A CB   
292 C  CG1  . VAL A 38 ? 0.4187 0.4572 0.4445 0.0180  0.0148  0.0303  53  VAL A CG1  
293 C  CG2  . VAL A 38 ? 0.4274 0.4948 0.5023 0.0135  0.0152  0.0503  53  VAL A CG2  
294 N  N    . LEU A 39 ? 0.4754 0.5413 0.4770 0.0361  0.0323  0.0410  54  LEU A N    
295 C  CA   . LEU A 39 ? 0.4970 0.5589 0.4746 0.0401  0.0280  0.0303  54  LEU A CA   
296 C  C    . LEU A 39 ? 0.4842 0.5553 0.4629 0.0391  0.0277  0.0416  54  LEU A C    
297 O  O    . LEU A 39 ? 0.4607 0.5248 0.4357 0.0348  0.0197  0.0349  54  LEU A O    
298 C  CB   . LEU A 39 ? 0.5534 0.6235 0.5077 0.0553  0.0320  0.0217  54  LEU A CB   
299 C  CG   . LEU A 39 ? 0.5631 0.6192 0.5161 0.0598  0.0313  0.0079  54  LEU A CG   
300 C  CD1  . LEU A 39 ? 0.5760 0.6421 0.5059 0.0799  0.0386  -0.0010 54  LEU A CD1  
301 C  CD2  . LEU A 39 ? 0.4906 0.5208 0.4428 0.0498  0.0187  -0.0072 54  LEU A CD2  
302 N  N    . PHE A 40 ? 0.4638 0.5522 0.4520 0.0434  0.0369  0.0619  55  PHE A N    
303 C  CA   . PHE A 40 ? 0.4823 0.5777 0.4751 0.0439  0.0369  0.0772  55  PHE A CA   
304 C  C    . PHE A 40 ? 0.4643 0.5401 0.4797 0.0321  0.0301  0.0751  55  PHE A C    
305 O  O    . PHE A 40 ? 0.4336 0.5078 0.4463 0.0329  0.0249  0.0745  55  PHE A O    
306 C  CB   . PHE A 40 ? 0.5032 0.6200 0.5090 0.0499  0.0500  0.1055  55  PHE A CB   
307 C  CG   . PHE A 40 ? 0.5193 0.6361 0.5427 0.0478  0.0498  0.1260  55  PHE A CG   
308 C  CD1  . PHE A 40 ? 0.5563 0.6879 0.5572 0.0589  0.0479  0.1344  55  PHE A CD1  
309 C  CD2  . PHE A 40 ? 0.5010 0.6006 0.5645 0.0356  0.0488  0.1347  55  PHE A CD2  
310 C  CE1  . PHE A 40 ? 0.6263 0.7569 0.6467 0.0591  0.0474  0.1561  55  PHE A CE1  
311 C  CE2  . PHE A 40 ? 0.5028 0.5964 0.5872 0.0351  0.0485  0.1530  55  PHE A CE2  
312 C  CZ   . PHE A 40 ? 0.5898 0.6993 0.6542 0.0474  0.0488  0.1657  55  PHE A CZ   
313 N  N    . TYR A 41 ? 0.4172 0.4802 0.4544 0.0229  0.0297  0.0729  56  TYR A N    
314 C  CA   . TYR A 41 ? 0.3998 0.4432 0.4531 0.0150  0.0238  0.0670  56  TYR A CA   
315 C  C    . TYR A 41 ? 0.4245 0.4587 0.4611 0.0144  0.0184  0.0490  56  TYR A C    
316 O  O    . TYR A 41 ? 0.4704 0.4987 0.5129 0.0149  0.0169  0.0475  56  TYR A O    
317 C  CB   . TYR A 41 ? 0.4519 0.4847 0.5282 0.0061  0.0207  0.0649  56  TYR A CB   
318 C  CG   . TYR A 41 ? 0.4247 0.4645 0.5334 0.0028  0.0250  0.0862  56  TYR A CG   
319 C  CD1  . TYR A 41 ? 0.5130 0.5512 0.6385 0.0048  0.0289  0.1040  56  TYR A CD1  
320 C  CD2  . TYR A 41 ? 0.5066 0.5558 0.6360 -0.0027 0.0252  0.0917  56  TYR A CD2  
321 C  CE1  . TYR A 41 ? 0.5443 0.5888 0.7065 0.0004  0.0342  0.1288  56  TYR A CE1  
322 C  CE2  . TYR A 41 ? 0.4751 0.5344 0.6443 -0.0080 0.0300  0.1154  56  TYR A CE2  
323 C  CZ   . TYR A 41 ? 0.5173 0.5729 0.7029 -0.0070 0.0351  0.1346  56  TYR A CZ   
324 O  OH   . TYR A 41 ? 0.6255 0.6901 0.8565 -0.0134 0.0411  0.1631  56  TYR A OH   
325 N  N    . LEU A 42 ? 0.4334 0.4677 0.4541 0.0140  0.0168  0.0380  57  LEU A N    
326 C  CA   . LEU A 42 ? 0.4665 0.4947 0.4774 0.0119  0.0131  0.0261  57  LEU A CA   
327 C  C    . LEU A 42 ? 0.4602 0.4987 0.4675 0.0151  0.0100  0.0269  57  LEU A C    
328 O  O    . LEU A 42 ? 0.4051 0.4438 0.4203 0.0132  0.0084  0.0248  57  LEU A O    
329 C  CB   . LEU A 42 ? 0.5226 0.5457 0.5230 0.0108  0.0116  0.0179  57  LEU A CB   
330 C  CG   . LEU A 42 ? 0.5127 0.5270 0.5150 0.0074  0.0112  0.0158  57  LEU A CG   
331 C  CD1  . LEU A 42 ? 0.4017 0.4117 0.3968 0.0094  0.0102  0.0125  57  LEU A CD1  
332 C  CD2  . LEU A 42 ? 0.4990 0.5064 0.5003 0.0041  0.0111  0.0119  57  LEU A CD2  
333 N  N    . GLY A 43 ? 0.4489 0.4997 0.4446 0.0216  0.0088  0.0307  58  GLY A N    
334 C  CA   . GLY A 43 ? 0.4685 0.5336 0.4584 0.0261  0.0021  0.0322  58  GLY A CA   
335 C  C    . GLY A 43 ? 0.4519 0.5225 0.4591 0.0282  0.0032  0.0459  58  GLY A C    
336 O  O    . GLY A 43 ? 0.4074 0.4860 0.4224 0.0285  -0.0031 0.0447  58  GLY A O    
337 N  N    . GLN A 44 ? 0.4606 0.5267 0.4794 0.0299  0.0108  0.0596  59  GLN A N    
338 C  CA   . GLN A 44 ? 0.5163 0.5808 0.5563 0.0333  0.0124  0.0733  59  GLN A CA   
339 C  C    . GLN A 44 ? 0.4709 0.5208 0.5260 0.0299  0.0126  0.0619  59  GLN A C    
340 O  O    . GLN A 44 ? 0.4557 0.5103 0.5244 0.0355  0.0116  0.0664  59  GLN A O    
341 C  CB   . GLN A 44 ? 0.4940 0.5535 0.5493 0.0340  0.0197  0.0920  59  GLN A CB   
342 C  CG   . GLN A 44 ? 0.6138 0.6788 0.6867 0.0417  0.0217  0.1163  59  GLN A CG   
343 C  CD   . GLN A 44 ? 0.6058 0.6966 0.6607 0.0526  0.0160  0.1255  59  GLN A CD   
344 O  OE1  . GLN A 44 ? 0.6904 0.8028 0.7200 0.0590  0.0162  0.1330  59  GLN A OE1  
345 N  NE2  . GLN A 44 ? 0.6590 0.7504 0.7262 0.0560  0.0101  0.1234  59  GLN A NE2  
346 N  N    . TYR A 45 ? 0.4974 0.5328 0.5486 0.0233  0.0146  0.0480  60  TYR A N    
347 C  CA   . TYR A 45 ? 0.4721 0.4982 0.5279 0.0227  0.0169  0.0363  60  TYR A CA   
348 C  C    . TYR A 45 ? 0.4831 0.5259 0.5416 0.0242  0.0157  0.0350  60  TYR A C    
349 O  O    . TYR A 45 ? 0.4330 0.4804 0.5069 0.0302  0.0191  0.0364  60  TYR A O    
350 C  CB   . TYR A 45 ? 0.4987 0.5134 0.5417 0.0166  0.0176  0.0242  60  TYR A CB   
351 C  CG   . TYR A 45 ? 0.4704 0.4791 0.5095 0.0185  0.0218  0.0135  60  TYR A CG   
352 C  CD1  . TYR A 45 ? 0.5436 0.5363 0.5857 0.0228  0.0230  0.0045  60  TYR A CD1  
353 C  CD2  . TYR A 45 ? 0.4356 0.4555 0.4693 0.0171  0.0251  0.0123  60  TYR A CD2  
354 C  CE1  . TYR A 45 ? 0.4975 0.4879 0.5288 0.0290  0.0288  -0.0069 60  TYR A CE1  
355 C  CE2  . TYR A 45 ? 0.4169 0.4371 0.4454 0.0213  0.0329  0.0068  60  TYR A CE2  
356 C  CZ   . TYR A 45 ? 0.4448 0.4519 0.4682 0.0289  0.0356  -0.0035 60  TYR A CZ   
357 O  OH   . TYR A 45 ? 0.4935 0.5045 0.5051 0.0368  0.0450  -0.0099 60  TYR A OH   
358 N  N    . ILE A 46 ? 0.4675 0.5191 0.5151 0.0186  0.0104  0.0316  61  ILE A N    
359 C  CA   . ILE A 46 ? 0.4461 0.5140 0.5034 0.0158  0.0054  0.0300  61  ILE A CA   
360 C  C    . ILE A 46 ? 0.3963 0.4844 0.4685 0.0224  -0.0011 0.0394  61  ILE A C    
361 O  O    . ILE A 46 ? 0.4090 0.5114 0.5031 0.0234  -0.0005 0.0418  61  ILE A O    
362 C  CB   . ILE A 46 ? 0.4328 0.4999 0.4772 0.0086  -0.0029 0.0220  61  ILE A CB   
363 C  CG1  . ILE A 46 ? 0.4484 0.4991 0.4862 0.0028  0.0031  0.0164  61  ILE A CG1  
364 C  CG2  . ILE A 46 ? 0.3503 0.4351 0.4095 0.0043  -0.0148 0.0197  61  ILE A CG2  
365 C  CD1  . ILE A 46 ? 0.4884 0.5293 0.5112 0.0003  -0.0025 0.0088  61  ILE A CD1  
366 N  N    A MET A 47 ? 0.4219 0.5147 0.4832 0.0282  -0.0063 0.0471  62  MET A N    
367 N  N    B MET A 47 ? 0.4162 0.5092 0.4779 0.0282  -0.0063 0.0472  62  MET A N    
368 C  CA   A MET A 47 ? 0.4137 0.5287 0.4842 0.0365  -0.0148 0.0593  62  MET A CA   
369 C  CA   B MET A 47 ? 0.4036 0.5188 0.4748 0.0364  -0.0147 0.0592  62  MET A CA   
370 C  C    A MET A 47 ? 0.4295 0.5430 0.5255 0.0455  -0.0071 0.0713  62  MET A C    
371 C  C    B MET A 47 ? 0.4235 0.5371 0.5200 0.0455  -0.0070 0.0713  62  MET A C    
372 O  O    A MET A 47 ? 0.3737 0.5075 0.4918 0.0508  -0.0119 0.0774  62  MET A O    
373 O  O    B MET A 47 ? 0.3647 0.4985 0.4831 0.0510  -0.0117 0.0775  62  MET A O    
374 C  CB   A MET A 47 ? 0.4359 0.5580 0.4827 0.0431  -0.0192 0.0685  62  MET A CB   
375 C  CB   B MET A 47 ? 0.4192 0.5419 0.4668 0.0430  -0.0195 0.0683  62  MET A CB   
376 C  CG   A MET A 47 ? 0.4968 0.6284 0.5164 0.0405  -0.0313 0.0544  62  MET A CG   
377 C  CG   B MET A 47 ? 0.4659 0.5961 0.4865 0.0398  -0.0307 0.0537  62  MET A CG   
378 S  SD   A MET A 47 ? 0.5919 0.7416 0.5755 0.0547  -0.0347 0.0660  62  MET A SD   
379 S  SD   B MET A 47 ? 0.5162 0.6628 0.5518 0.0315  -0.0497 0.0388  62  MET A SD   
380 C  CE   A MET A 47 ? 0.6054 0.7811 0.6051 0.0660  -0.0424 0.0903  62  MET A CE   
381 C  CE   B MET A 47 ? 0.5277 0.7086 0.5738 0.0432  -0.0633 0.0558  62  MET A CE   
382 N  N    . THR A 48 ? 0.4107 0.5003 0.5080 0.0475  0.0034  0.0735  63  THR A N    
383 C  CA   . THR A 48 ? 0.4687 0.5465 0.5910 0.0573  0.0108  0.0797  63  THR A CA   
384 C  C    . THR A 48 ? 0.4843 0.5671 0.6217 0.0601  0.0170  0.0689  63  THR A C    
385 O  O    . THR A 48 ? 0.4566 0.5503 0.6190 0.0717  0.0189  0.0768  63  THR A O    
386 C  CB   . THR A 48 ? 0.4102 0.4561 0.5331 0.0556  0.0177  0.0767  63  THR A CB   
387 O  OG1  . THR A 48 ? 0.5506 0.5977 0.6678 0.0539  0.0154  0.0931  63  THR A OG1  
388 C  CG2  . THR A 48 ? 0.5069 0.5343 0.6573 0.0673  0.0235  0.0784  63  THR A CG2  
389 N  N    . LYS A 49 ? 0.4927 0.5710 0.6165 0.0510  0.0211  0.0540  64  LYS A N    
390 C  CA   . LYS A 49 ? 0.4902 0.5784 0.6257 0.0541  0.0306  0.0475  64  LYS A CA   
391 C  C    . LYS A 49 ? 0.4983 0.6204 0.6538 0.0497  0.0254  0.0541  64  LYS A C    
392 O  O    . LYS A 49 ? 0.4867 0.6235 0.6589 0.0519  0.0356  0.0537  64  LYS A O    
393 C  CB   . LYS A 49 ? 0.4737 0.5452 0.5867 0.0481  0.0382  0.0338  64  LYS A CB   
394 C  CG   . LYS A 49 ? 0.4975 0.5384 0.5990 0.0535  0.0414  0.0240  64  LYS A CG   
395 C  CD   . LYS A 49 ? 0.5570 0.5871 0.6349 0.0520  0.0479  0.0093  64  LYS A CD   
396 C  CE   . LYS A 49 ? 0.5556 0.5941 0.6376 0.0665  0.0626  0.0032  64  LYS A CE   
397 N  NZ   . LYS A 49 ? 0.5634 0.5952 0.6149 0.0676  0.0689  -0.0094 64  LYS A NZ   
398 N  N    . ARG A 50 ? 0.4816 0.6179 0.6364 0.0441  0.0092  0.0598  65  ARG A N    
399 C  CA   . ARG A 50 ? 0.4740 0.6422 0.6513 0.0379  -0.0029 0.0635  65  ARG A CA   
400 C  C    . ARG A 50 ? 0.4502 0.6208 0.6332 0.0236  0.0002  0.0562  65  ARG A C    
401 O  O    . ARG A 50 ? 0.4190 0.6164 0.6372 0.0191  -0.0002 0.0620  65  ARG A O    
402 C  CB   . ARG A 50 ? 0.4897 0.6852 0.7045 0.0507  -0.0016 0.0764  65  ARG A CB   
403 C  CG   . ARG A 50 ? 0.5921 0.7863 0.8053 0.0650  -0.0076 0.0889  65  ARG A CG   
404 C  CD   . ARG A 50 ? 0.7540 0.9665 1.0057 0.0814  -0.0005 0.1006  65  ARG A CD   
405 N  NE   . ARG A 50 ? 0.8062 1.0337 1.0713 0.0949  -0.0119 0.1193  65  ARG A NE   
406 C  CZ   . ARG A 50 ? 0.8687 1.0823 1.1483 0.1132  -0.0031 0.1310  65  ARG A CZ   
407 N  NH1  . ARG A 50 ? 0.8075 0.9870 1.0871 0.1205  0.0158  0.1214  65  ARG A NH1  
408 N  NH2  . ARG A 50 ? 0.8749 1.1073 1.1684 0.1253  -0.0152 0.1526  65  ARG A NH2  
409 N  N    . LEU A 51 ? 0.4206 0.5648 0.5743 0.0167  0.0037  0.0469  66  LEU A N    
410 C  CA   . LEU A 51 ? 0.4414 0.5818 0.5973 0.0033  0.0054  0.0429  66  LEU A CA   
411 C  C    . LEU A 51 ? 0.4729 0.6187 0.6362 -0.0102 -0.0151 0.0368  66  LEU A C    
412 O  O    . LEU A 51 ? 0.4850 0.6302 0.6654 -0.0227 -0.0158 0.0367  66  LEU A O    
413 C  CB   . LEU A 51 ? 0.4111 0.5221 0.5344 0.0031  0.0150  0.0363  66  LEU A CB   
414 C  CG   . LEU A 51 ? 0.4651 0.5665 0.5775 0.0153  0.0312  0.0359  66  LEU A CG   
415 C  CD1  . LEU A 51 ? 0.4787 0.5581 0.5628 0.0128  0.0368  0.0295  66  LEU A CD1  
416 C  CD2  . LEU A 51 ? 0.4671 0.5914 0.6055 0.0232  0.0457  0.0434  66  LEU A CD2  
417 N  N    . TYR A 52 ? 0.4828 0.6331 0.6330 -0.0065 -0.0318 0.0321  67  TYR A N    
418 C  CA   . TYR A 52 ? 0.5655 0.7154 0.7092 -0.0153 -0.0535 0.0189  67  TYR A CA   
419 C  C    . TYR A 52 ? 0.6168 0.7994 0.7912 -0.0185 -0.0736 0.0205  67  TYR A C    
420 O  O    . TYR A 52 ? 0.6315 0.8348 0.8068 -0.0067 -0.0776 0.0298  67  TYR A O    
421 C  CB   . TYR A 52 ? 0.6040 0.7405 0.7035 -0.0058 -0.0580 0.0116  67  TYR A CB   
422 C  CG   . TYR A 52 ? 0.6361 0.7708 0.7159 -0.0083 -0.0792 -0.0066 67  TYR A CG   
423 C  CD1  . TYR A 52 ? 0.6210 0.7396 0.7107 -0.0215 -0.0885 -0.0223 67  TYR A CD1  
424 C  CD2  . TYR A 52 ? 0.7111 0.8576 0.7592 0.0046  -0.0891 -0.0082 67  TYR A CD2  
425 C  CE1  . TYR A 52 ? 0.6116 0.7235 0.6808 -0.0215 -0.1095 -0.0446 67  TYR A CE1  
426 C  CE2  . TYR A 52 ? 0.7347 0.8799 0.7558 0.0063  -0.1081 -0.0288 67  TYR A CE2  
427 C  CZ   . TYR A 52 ? 0.7293 0.8551 0.7602 -0.0064 -0.1192 -0.0500 67  TYR A CZ   
428 O  OH   . TYR A 52 ? 0.8402 0.9606 0.8424 -0.0025 -0.1397 -0.0759 67  TYR A OH   
429 N  N    . ASP A 53 ? 0.6794 0.8664 0.8827 -0.0348 -0.0876 0.0127  68  ASP A N    
430 C  CA   . ASP A 53 ? 0.7366 0.9554 0.9749 -0.0421 -0.1132 0.0104  68  ASP A CA   
431 C  C    . ASP A 53 ? 0.7969 1.0050 1.0053 -0.0449 -0.1418 -0.0148 68  ASP A C    
432 O  O    . ASP A 53 ? 0.7572 0.9445 0.9742 -0.0595 -0.1532 -0.0316 68  ASP A O    
433 C  CB   . ASP A 53 ? 0.7309 0.9639 1.0305 -0.0600 -0.1105 0.0196  68  ASP A CB   
434 C  CG   . ASP A 53 ? 0.7042 0.9502 1.0230 -0.0513 -0.0791 0.0427  68  ASP A CG   
435 O  OD1  . ASP A 53 ? 0.6888 0.9304 0.9789 -0.0333 -0.0634 0.0483  68  ASP A OD1  
436 O  OD2  . ASP A 53 ? 0.6966 0.9577 1.0626 -0.0629 -0.0700 0.0553  68  ASP A OD2  
437 N  N    . GLU A 54 ? 0.8743 1.0953 1.0461 -0.0291 -0.1525 -0.0170 69  GLU A N    
438 C  CA   . GLU A 54 ? 0.9585 1.1720 1.0865 -0.0246 -0.1762 -0.0418 69  GLU A CA   
439 C  C    . GLU A 54 ? 1.0303 1.2593 1.1869 -0.0391 -0.2131 -0.0620 69  GLU A C    
440 O  O    . GLU A 54 ? 1.0351 1.2377 1.1852 -0.0492 -0.2278 -0.0887 69  GLU A O    
441 C  CB   . GLU A 54 ? 0.9724 1.2028 1.0544 -0.0021 -0.1755 -0.0322 69  GLU A CB   
442 C  CG   . GLU A 54 ? 0.9638 1.1823 1.0095 0.0128  -0.1532 -0.0201 69  GLU A CG   
443 C  CD   . GLU A 54 ? 0.9728 1.2160 0.9917 0.0331  -0.1527 -0.0003 69  GLU A CD   
444 O  OE1  . GLU A 54 ? 0.9981 1.2725 1.0115 0.0392  -0.1776 -0.0012 69  GLU A OE1  
445 O  OE2  . GLU A 54 ? 0.9520 1.1835 0.9572 0.0427  -0.1285 0.0178  69  GLU A OE2  
446 N  N    . LYS A 55 ? 1.0729 1.3441 1.2656 -0.0401 -0.2289 -0.0496 70  LYS A N    
447 C  CA   . LYS A 55 ? 1.1272 1.4214 1.3636 -0.0571 -0.2661 -0.0648 70  LYS A CA   
448 C  C    . LYS A 55 ? 1.1330 1.4277 1.4466 -0.0815 -0.2582 -0.0541 70  LYS A C    
449 O  O    . LYS A 55 ? 1.1117 1.4471 1.4862 -0.0892 -0.2656 -0.0370 70  LYS A O    
450 C  CB   . LYS A 55 ? 1.1465 1.4924 1.3914 -0.0459 -0.2879 -0.0529 70  LYS A CB   
451 C  CG   . LYS A 55 ? 1.1880 1.5384 1.3514 -0.0218 -0.3032 -0.0650 70  LYS A CG   
452 C  CD   . LYS A 55 ? 1.2027 1.6067 1.3754 -0.0095 -0.3262 -0.0489 70  LYS A CD   
453 C  CE   . LYS A 55 ? 1.2424 1.6554 1.3357 0.0160  -0.3366 -0.0528 70  LYS A CE   
454 N  NZ   . LYS A 55 ? 1.2612 1.7283 1.3616 0.0301  -0.3603 -0.0332 70  LYS A NZ   
455 N  N    . GLN A 56 ? 1.1416 1.3940 1.4538 -0.0919 -0.2418 -0.0610 71  GLN A N    
456 C  CA   . GLN A 56 ? 1.1292 1.3771 1.5083 -0.1140 -0.2299 -0.0470 71  GLN A CA   
457 C  C    . GLN A 56 ? 1.1051 1.2997 1.4684 -0.1224 -0.2198 -0.0599 71  GLN A C    
458 O  O    . GLN A 56 ? 1.0868 1.2689 1.4684 -0.1267 -0.1899 -0.0388 71  GLN A O    
459 C  CB   . GLN A 56 ? 1.1079 1.3788 1.5112 -0.1063 -0.1930 -0.0111 71  GLN A CB   
460 C  CG   . GLN A 56 ? 1.0683 1.3563 1.5281 -0.1162 -0.1727 0.0134  71  GLN A CG   
461 C  CD   . GLN A 56 ? 1.0806 1.4125 1.6151 -0.1333 -0.1995 0.0180  71  GLN A CD   
462 O  OE1  . GLN A 56 ? 1.0709 1.4468 1.6249 -0.1235 -0.2057 0.0294  71  GLN A OE1  
463 N  NE2  . GLN A 56 ? 1.1013 1.4215 1.6834 -0.1595 -0.2167 0.0103  71  GLN A NE2  
464 N  N    . GLN A 57 ? 1.0896 1.2547 1.4174 -0.1222 -0.2452 -0.0944 72  GLN A N    
465 C  CA   . GLN A 57 ? 1.0544 1.1656 1.3593 -0.1244 -0.2391 -0.1118 72  GLN A CA   
466 C  C    . GLN A 57 ? 0.9827 1.0709 1.2251 -0.1026 -0.2064 -0.1049 72  GLN A C    
467 O  O    . GLN A 57 ? 0.9657 1.0155 1.2023 -0.1045 -0.1938 -0.1079 72  GLN A O    
468 C  CB   . GLN A 57 ? 1.0596 1.1535 1.4355 -0.1504 -0.2355 -0.0995 72  GLN A CB   
469 C  CG   . GLN A 57 ? 1.0577 1.1774 1.5102 -0.1754 -0.2650 -0.1003 72  GLN A CG   
470 C  CD   . GLN A 57 ? 1.0593 1.1631 1.5875 -0.2016 -0.2571 -0.0809 72  GLN A CD   
471 O  OE1  . GLN A 57 ? 1.0367 1.1196 1.5604 -0.1987 -0.2241 -0.0583 72  GLN A OE1  
472 N  NE2  . GLN A 57 ? 1.0872 1.2031 1.6880 -0.2275 -0.2887 -0.0877 72  GLN A NE2  
473 N  N    . HIS A 58 ? 0.8824 0.9942 1.0833 -0.0825 -0.1950 -0.0951 73  HIS A N    
474 C  CA   . HIS A 58 ? 0.8401 0.9347 0.9848 -0.0627 -0.1692 -0.0903 73  HIS A CA   
475 C  C    . HIS A 58 ? 0.7042 0.7802 0.8615 -0.0658 -0.1378 -0.0689 73  HIS A C    
476 O  O    . HIS A 58 ? 0.6698 0.7199 0.7927 -0.0561 -0.1234 -0.0722 73  HIS A O    
477 C  CB   . HIS A 58 ? 0.8892 0.9565 0.9822 -0.0509 -0.1809 -0.1214 73  HIS A CB   
478 C  CG   . HIS A 58 ? 0.9932 1.0816 1.0565 -0.0415 -0.2096 -0.1429 73  HIS A CG   
479 N  ND1  . HIS A 58 ? 1.0866 1.2081 1.1166 -0.0240 -0.2062 -0.1297 73  HIS A ND1  
480 C  CD2  . HIS A 58 ? 1.0721 1.1535 1.1329 -0.0464 -0.2438 -0.1767 73  HIS A CD2  
481 C  CE1  . HIS A 58 ? 1.1124 1.2505 1.1168 -0.0172 -0.2362 -0.1520 73  HIS A CE1  
482 N  NE2  . HIS A 58 ? 1.0945 1.2087 1.1154 -0.0307 -0.2606 -0.1835 73  HIS A NE2  
483 N  N    . ILE A 59 ? 0.6072 0.7011 0.8127 -0.0774 -0.1275 -0.0463 74  ILE A N    
484 C  CA   . ILE A 59 ? 0.5637 0.6457 0.7813 -0.0801 -0.0997 -0.0253 74  ILE A CA   
485 C  C    . ILE A 59 ? 0.5370 0.6352 0.7320 -0.0644 -0.0763 -0.0081 74  ILE A C    
486 O  O    . ILE A 59 ? 0.4888 0.6169 0.6928 -0.0584 -0.0777 -0.0006 74  ILE A O    
487 C  CB   . ILE A 59 ? 0.5500 0.6434 0.8325 -0.0999 -0.0978 -0.0081 74  ILE A CB   
488 C  CG1  . ILE A 59 ? 0.6187 0.6873 0.9303 -0.1179 -0.1216 -0.0250 74  ILE A CG1  
489 C  CG2  . ILE A 59 ? 0.5125 0.5984 0.7970 -0.0983 -0.0668 0.0164  74  ILE A CG2  
490 C  CD1  . ILE A 59 ? 0.6483 0.7331 1.0355 -0.1406 -0.1232 -0.0055 74  ILE A CD1  
491 N  N    . VAL A 60 ? 0.4648 0.5415 0.6319 -0.0572 -0.0573 -0.0035 75  VAL A N    
492 C  CA   . VAL A 60 ? 0.4242 0.5091 0.5768 -0.0457 -0.0357 0.0107  75  VAL A CA   
493 C  C    . VAL A 60 ? 0.4315 0.5233 0.6124 -0.0522 -0.0187 0.0288  75  VAL A C    
494 O  O    . VAL A 60 ? 0.4384 0.5123 0.6257 -0.0602 -0.0153 0.0327  75  VAL A O    
495 C  CB   . VAL A 60 ? 0.4445 0.5057 0.5553 -0.0357 -0.0269 0.0058  75  VAL A CB   
496 C  CG1  . VAL A 60 ? 0.3783 0.4445 0.4782 -0.0261 -0.0083 0.0170  75  VAL A CG1  
497 C  CG2  . VAL A 60 ? 0.4254 0.4832 0.5078 -0.0276 -0.0394 -0.0083 75  VAL A CG2  
498 N  N    . TYR A 61 ? 0.3774 0.4960 0.5754 -0.0466 -0.0070 0.0415  76  TYR A N    
499 C  CA   . TYR A 61 ? 0.4313 0.5639 0.6499 -0.0470 0.0146  0.0606  76  TYR A CA   
500 C  C    . TYR A 61 ? 0.4191 0.5444 0.5998 -0.0303 0.0341  0.0617  76  TYR A C    
501 O  O    . TYR A 61 ? 0.4345 0.5650 0.6032 -0.0179 0.0359  0.0563  76  TYR A O    
502 C  CB   . TYR A 61 ? 0.3646 0.5359 0.6317 -0.0495 0.0160  0.0728  76  TYR A CB   
503 C  CG   . TYR A 61 ? 0.3864 0.5667 0.6993 -0.0693 -0.0052 0.0722  76  TYR A CG   
504 C  CD1  . TYR A 61 ? 0.4075 0.5892 0.7593 -0.0852 0.0001  0.0874  76  TYR A CD1  
505 C  CD2  . TYR A 61 ? 0.3884 0.5753 0.7066 -0.0723 -0.0324 0.0567  76  TYR A CD2  
506 C  CE1  . TYR A 61 ? 0.4546 0.6410 0.8566 -0.1063 -0.0224 0.0853  76  TYR A CE1  
507 C  CE2  . TYR A 61 ? 0.3872 0.5813 0.7486 -0.0915 -0.0568 0.0513  76  TYR A CE2  
508 C  CZ   . TYR A 61 ? 0.4106 0.6018 0.8162 -0.1097 -0.0526 0.0642  76  TYR A CZ   
509 O  OH   . TYR A 61 ? 0.5001 0.6946 0.9563 -0.1316 -0.0791 0.0577  76  TYR A OH   
510 N  N    . CYS A 62 ? 0.4829 0.5957 0.6465 -0.0299 0.0466  0.0687  77  CYS A N    
511 C  CA   . CYS A 62 ? 0.5150 0.6179 0.6379 -0.0153 0.0592  0.0648  77  CYS A CA   
512 C  C    . CYS A 62 ? 0.5520 0.6676 0.6684 -0.0086 0.0810  0.0803  77  CYS A C    
513 O  O    . CYS A 62 ? 0.5430 0.6486 0.6208 0.0027  0.0877  0.0748  77  CYS A O    
514 C  CB   . CYS A 62 ? 0.5135 0.5866 0.6039 -0.0160 0.0479  0.0525  77  CYS A CB   
515 S  SG   . CYS A 62 ? 0.5317 0.5841 0.6305 -0.0297 0.0377  0.0560  77  CYS A SG   
516 N  N    . SER A 63 ? 0.5245 0.6656 0.6786 -0.0146 0.0921  0.1003  78  SER A N    
517 C  CA   . SER A 63 ? 0.5507 0.7089 0.6983 -0.0073 0.1158  0.1207  78  SER A CA   
518 C  C    . SER A 63 ? 0.5743 0.7491 0.6957 0.0156  0.1341  0.1143  78  SER A C    
519 O  O    . SER A 63 ? 0.6236 0.8049 0.7131 0.0283  0.1512  0.1214  78  SER A O    
520 C  CB   . SER A 63 ? 0.5046 0.6897 0.7089 -0.0208 0.1250  0.1486  78  SER A CB   
521 O  OG   . SER A 63 ? 0.6304 0.8493 0.8715 -0.0171 0.1317  0.1520  78  SER A OG   
522 N  N    . ASN A 64 ? 0.5348 0.7151 0.6675 0.0226  0.1297  0.1004  79  ASN A N    
523 C  CA   . ASN A 64 ? 0.5373 0.7252 0.6474 0.0464  0.1445  0.0887  79  ASN A CA   
524 C  C    . ASN A 64 ? 0.4961 0.6483 0.5649 0.0536  0.1303  0.0614  79  ASN A C    
525 O  O    . ASN A 64 ? 0.5318 0.6800 0.5951 0.0690  0.1331  0.0466  79  ASN A O    
526 C  CB   . ASN A 64 ? 0.4889 0.7065 0.6450 0.0528  0.1509  0.0939  79  ASN A CB   
527 C  CG   . ASN A 64 ? 0.4763 0.6831 0.6555 0.0428  0.1259  0.0844  79  ASN A CG   
528 O  OD1  . ASN A 64 ? 0.5448 0.7240 0.7075 0.0306  0.1060  0.0747  79  ASN A OD1  
529 N  ND2  . ASN A 64 ? 0.4797 0.7121 0.6967 0.0504  0.1282  0.0890  79  ASN A ND2  
530 N  N    . ASP A 65 ? 0.4835 0.6102 0.5296 0.0426  0.1151  0.0562  80  ASP A N    
531 C  CA   . ASP A 65 ? 0.5318 0.6286 0.5545 0.0438  0.0988  0.0350  80  ASP A CA   
532 C  C    . ASP A 65 ? 0.5675 0.6461 0.5549 0.0410  0.0916  0.0303  80  ASP A C    
533 O  O    . ASP A 65 ? 0.5065 0.5893 0.4936 0.0330  0.0933  0.0455  80  ASP A O    
534 C  CB   . ASP A 65 ? 0.4889 0.5784 0.5374 0.0318  0.0815  0.0337  80  ASP A CB   
535 C  CG   . ASP A 65 ? 0.5516 0.6183 0.5877 0.0363  0.0704  0.0177  80  ASP A CG   
536 O  OD1  . ASP A 65 ? 0.5711 0.6395 0.6193 0.0469  0.0737  0.0131  80  ASP A OD1  
537 O  OD2  . ASP A 65 ? 0.4980 0.5460 0.5173 0.0298  0.0591  0.0118  80  ASP A OD2  
538 N  N    . LEU A 66 ? 0.6189 0.6768 0.5820 0.0469  0.0820  0.0105  81  LEU A N    
539 C  CA   . LEU A 66 ? 0.6196 0.6617 0.5554 0.0433  0.0696  0.0043  81  LEU A CA   
540 C  C    . LEU A 66 ? 0.5766 0.6126 0.5267 0.0282  0.0588  0.0149  81  LEU A C    
541 O  O    . LEU A 66 ? 0.5351 0.5684 0.4699 0.0260  0.0552  0.0210  81  LEU A O    
542 C  CB   . LEU A 66 ? 0.6874 0.7085 0.6123 0.0472  0.0567  -0.0182 81  LEU A CB   
543 C  CG   . LEU A 66 ? 0.6831 0.6934 0.5812 0.0462  0.0429  -0.0282 81  LEU A CG   
544 C  CD1  . LEU A 66 ? 0.7319 0.7526 0.5902 0.0599  0.0501  -0.0319 81  LEU A CD1  
545 C  CD2  . LEU A 66 ? 0.6994 0.6887 0.6046 0.0446  0.0277  -0.0479 81  LEU A CD2  
546 N  N    . LEU A 67 ? 0.5451 0.5793 0.5223 0.0203  0.0533  0.0164  82  LEU A N    
547 C  CA   . LEU A 67 ? 0.5040 0.5327 0.4929 0.0091  0.0445  0.0229  82  LEU A CA   
548 C  C    . LEU A 67 ? 0.5189 0.5525 0.5121 0.0042  0.0502  0.0384  82  LEU A C    
549 O  O    . LEU A 67 ? 0.5362 0.5586 0.5263 0.0000  0.0437  0.0418  82  LEU A O    
550 C  CB   . LEU A 67 ? 0.5011 0.5334 0.5140 0.0042  0.0388  0.0220  82  LEU A CB   
551 C  CG   . LEU A 67 ? 0.4929 0.5183 0.5128 -0.0042 0.0286  0.0225  82  LEU A CG   
552 C  CD1  . LEU A 67 ? 0.4821 0.4945 0.4856 -0.0022 0.0226  0.0171  82  LEU A CD1  
553 C  CD2  . LEU A 67 ? 0.4926 0.5260 0.5288 -0.0067 0.0213  0.0201  82  LEU A CD2  
554 N  N    . GLY A 68 ? 0.5344 0.5853 0.5387 0.0058  0.0637  0.0500  83  GLY A N    
555 C  CA   . GLY A 68 ? 0.5346 0.5921 0.5503 0.0004  0.0718  0.0706  83  GLY A CA   
556 C  C    . GLY A 68 ? 0.5464 0.5994 0.5310 0.0070  0.0748  0.0786  83  GLY A C    
557 O  O    . GLY A 68 ? 0.5374 0.5826 0.5306 0.0009  0.0732  0.0936  83  GLY A O    
558 N  N    . ASP A 69 ? 0.5596 0.6168 0.5091 0.0202  0.0776  0.0682  84  ASP A N    
559 C  CA   . ASP A 69 ? 0.6503 0.7064 0.5635 0.0286  0.0757  0.0720  84  ASP A CA   
560 C  C    . ASP A 69 ? 0.6453 0.6826 0.5563 0.0235  0.0570  0.0649  84  ASP A C    
561 O  O    . ASP A 69 ? 0.6344 0.6700 0.5346 0.0254  0.0541  0.0786  84  ASP A O    
562 C  CB   . ASP A 69 ? 0.7184 0.7813 0.5936 0.0442  0.0780  0.0542  84  ASP A CB   
563 C  CG   . ASP A 69 ? 0.7632 0.8473 0.6378 0.0545  0.0993  0.0586  84  ASP A CG   
564 O  OD1  . ASP A 69 ? 0.8665 0.9683 0.7614 0.0514  0.1154  0.0847  84  ASP A OD1  
565 O  OD2  . ASP A 69 ? 0.9451 1.0278 0.8037 0.0659  0.1002  0.0366  84  ASP A OD2  
566 N  N    . LEU A 70 ? 0.6119 0.6377 0.5345 0.0187  0.0459  0.0466  85  LEU A N    
567 C  CA   . LEU A 70 ? 0.6428 0.6555 0.5715 0.0143  0.0313  0.0412  85  LEU A CA   
568 C  C    . LEU A 70 ? 0.6216 0.6255 0.5707 0.0081  0.0310  0.0552  85  LEU A C    
569 O  O    . LEU A 70 ? 0.6071 0.6051 0.5527 0.0106  0.0249  0.0620  85  LEU A O    
570 C  CB   . LEU A 70 ? 0.6131 0.6202 0.5553 0.0109  0.0248  0.0253  85  LEU A CB   
571 C  CG   . LEU A 70 ? 0.7763 0.7775 0.7218 0.0096  0.0124  0.0183  85  LEU A CG   
572 C  CD1  . LEU A 70 ? 0.8071 0.8104 0.7353 0.0139  0.0039  0.0084  85  LEU A CD1  
573 C  CD2  . LEU A 70 ? 0.6764 0.6752 0.6407 0.0057  0.0112  0.0122  85  LEU A CD2  
574 N  N    . PHE A 71 ? 0.5841 0.5868 0.5573 0.0007  0.0360  0.0585  86  PHE A N    
575 C  CA   . PHE A 71 ? 0.5858 0.5741 0.5824 -0.0063 0.0324  0.0648  86  PHE A CA   
576 C  C    . PHE A 71 ? 0.5915 0.5782 0.6001 -0.0092 0.0403  0.0888  86  PHE A C    
577 O  O    . PHE A 71 ? 0.6921 0.6602 0.7194 -0.0133 0.0356  0.0947  86  PHE A O    
578 C  CB   . PHE A 71 ? 0.5392 0.5257 0.5573 -0.0139 0.0278  0.0530  86  PHE A CB   
579 C  CG   . PHE A 71 ? 0.4852 0.4673 0.4956 -0.0106 0.0187  0.0352  86  PHE A CG   
580 C  CD1  . PHE A 71 ? 0.5298 0.5113 0.5233 -0.0033 0.0160  0.0310  86  PHE A CD1  
581 C  CD2  . PHE A 71 ? 0.5117 0.4941 0.5338 -0.0145 0.0127  0.0247  86  PHE A CD2  
582 C  CE1  . PHE A 71 ? 0.5933 0.5758 0.5854 -0.0003 0.0111  0.0202  86  PHE A CE1  
583 C  CE2  . PHE A 71 ? 0.5230 0.5059 0.5351 -0.0091 0.0072  0.0127  86  PHE A CE2  
584 C  CZ   . PHE A 71 ? 0.5065 0.4899 0.5052 -0.0022 0.0083  0.0123  86  PHE A CZ   
585 N  N    . GLY A 72 ? 0.6086 0.6140 0.6077 -0.0059 0.0535  0.1035  87  GLY A N    
586 C  CA   . GLY A 72 ? 0.6326 0.6429 0.6481 -0.0091 0.0655  0.1333  87  GLY A CA   
587 C  C    . GLY A 72 ? 0.6165 0.6241 0.6803 -0.0243 0.0679  0.1418  87  GLY A C    
588 O  O    . GLY A 72 ? 0.6312 0.6321 0.7220 -0.0313 0.0729  0.1665  87  GLY A O    
589 N  N    . VAL A 73 ? 0.5997 0.6135 0.6783 -0.0302 0.0631  0.1234  88  VAL A N    
590 C  CA   . VAL A 73 ? 0.5916 0.6062 0.7194 -0.0462 0.0594  0.1270  88  VAL A CA   
591 C  C    . VAL A 73 ? 0.5544 0.5993 0.6938 -0.0462 0.0661  0.1230  88  VAL A C    
592 O  O    . VAL A 73 ? 0.5190 0.5711 0.6288 -0.0351 0.0660  0.1063  88  VAL A O    
593 C  CB   . VAL A 73 ? 0.5958 0.5814 0.7363 -0.0537 0.0376  0.1034  88  VAL A CB   
594 C  CG1  . VAL A 73 ? 0.6003 0.5547 0.7357 -0.0509 0.0322  0.1068  88  VAL A CG1  
595 C  CG2  . VAL A 73 ? 0.5630 0.5515 0.6763 -0.0459 0.0285  0.0764  88  VAL A CG2  
596 N  N    . PRO A 74 ? 0.5125 0.5754 0.7005 -0.0584 0.0714  0.1397  89  PRO A N    
597 C  CA   . PRO A 74 ? 0.5252 0.6189 0.7322 -0.0577 0.0752  0.1357  89  PRO A CA   
598 C  C    . PRO A 74 ? 0.5220 0.6087 0.7356 -0.0624 0.0522  0.1082  89  PRO A C    
599 O  O    . PRO A 74 ? 0.5181 0.6256 0.7315 -0.0555 0.0531  0.1006  89  PRO A O    
600 C  CB   . PRO A 74 ? 0.5522 0.6696 0.8178 -0.0715 0.0859  0.1647  89  PRO A CB   
601 C  CG   . PRO A 74 ? 0.5646 0.6574 0.8436 -0.0813 0.0861  0.1843  89  PRO A CG   
602 C  CD   . PRO A 74 ? 0.5906 0.6448 0.8271 -0.0752 0.0706  0.1617  89  PRO A CD   
603 N  N    . SER A 75 ? 0.5192 0.5772 0.7374 -0.0719 0.0324  0.0944  90  SER A N    
604 C  CA   . SER A 75 ? 0.5052 0.5570 0.7247 -0.0752 0.0099  0.0693  90  SER A CA   
605 C  C    . SER A 75 ? 0.5289 0.5435 0.7376 -0.0786 -0.0063 0.0528  90  SER A C    
606 O  O    . SER A 75 ? 0.5214 0.5143 0.7364 -0.0821 -0.0021 0.0633  90  SER A O    
607 C  CB   . SER A 75 ? 0.5284 0.6040 0.8016 -0.0896 -0.0005 0.0728  90  SER A CB   
608 O  OG   . SER A 75 ? 0.5416 0.6090 0.8617 -0.1073 -0.0025 0.0875  90  SER A OG   
609 N  N    . PHE A 76 ? 0.5641 0.5731 0.7550 -0.0749 -0.0236 0.0280  91  PHE A N    
610 C  CA   . PHE A 76 ? 0.5713 0.5487 0.7484 -0.0740 -0.0396 0.0061  91  PHE A CA   
611 C  C    . PHE A 76 ? 0.5738 0.5605 0.7408 -0.0717 -0.0593 -0.0176 91  PHE A C    
612 O  O    . PHE A 76 ? 0.5320 0.5474 0.6941 -0.0673 -0.0580 -0.0144 91  PHE A O    
613 C  CB   . PHE A 76 ? 0.5434 0.5035 0.6785 -0.0587 -0.0298 0.0037  91  PHE A CB   
614 C  CG   . PHE A 76 ? 0.5183 0.4961 0.6181 -0.0451 -0.0234 0.0002  91  PHE A CG   
615 C  CD1  . PHE A 76 ? 0.4704 0.4666 0.5645 -0.0411 -0.0079 0.0158  91  PHE A CD1  
616 C  CD2  . PHE A 76 ? 0.5222 0.4979 0.5955 -0.0354 -0.0323 -0.0185 91  PHE A CD2  
617 C  CE1  . PHE A 76 ? 0.4442 0.4516 0.5130 -0.0302 -0.0038 0.0121  91  PHE A CE1  
618 C  CE2  . PHE A 76 ? 0.4112 0.4032 0.4600 -0.0247 -0.0257 -0.0166 91  PHE A CE2  
619 C  CZ   . PHE A 76 ? 0.4885 0.4934 0.5384 -0.0234 -0.0124 -0.0016 91  PHE A CZ   
620 N  N    . SER A 77 ? 0.6169 0.5785 0.7777 -0.0721 -0.0772 -0.0414 92  SER A N    
621 C  CA   . SER A 77 ? 0.6094 0.5766 0.7491 -0.0664 -0.0978 -0.0676 92  SER A CA   
622 C  C    . SER A 77 ? 0.6240 0.5863 0.7102 -0.0453 -0.0898 -0.0772 92  SER A C    
623 O  O    . SER A 77 ? 0.6143 0.5533 0.6872 -0.0381 -0.0795 -0.0773 92  SER A O    
624 C  CB   . SER A 77 ? 0.6864 0.6267 0.8488 -0.0774 -0.1228 -0.0923 92  SER A CB   
625 O  OG   . SER A 77 ? 0.7383 0.6822 0.8688 -0.0678 -0.1438 -0.1223 92  SER A OG   
626 N  N    . VAL A 78 ? 0.6401 0.6273 0.6991 -0.0349 -0.0939 -0.0819 93  VAL A N    
627 C  CA   . VAL A 78 ? 0.6440 0.6321 0.6563 -0.0150 -0.0860 -0.0883 93  VAL A CA   
628 C  C    . VAL A 78 ? 0.6150 0.5792 0.6041 -0.0056 -0.0978 -0.1175 93  VAL A C    
629 O  O    . VAL A 78 ? 0.6615 0.6242 0.6169 0.0119  -0.0871 -0.1215 93  VAL A O    
630 C  CB   . VAL A 78 ? 0.5858 0.6076 0.5757 -0.0047 -0.0869 -0.0817 93  VAL A CB   
631 C  CG1  . VAL A 78 ? 0.5251 0.5634 0.5311 -0.0074 -0.0706 -0.0551 93  VAL A CG1  
632 C  CG2  . VAL A 78 ? 0.6068 0.6450 0.6015 -0.0090 -0.1128 -0.0965 93  VAL A CG2  
633 N  N    . LYS A 79 ? 0.6339 0.5804 0.6439 -0.0167 -0.1197 -0.1383 94  LYS A N    
634 C  CA   . LYS A 79 ? 0.7580 0.6728 0.7506 -0.0080 -0.1327 -0.1710 94  LYS A CA   
635 C  C    . LYS A 79 ? 0.7622 0.6399 0.7685 -0.0063 -0.1191 -0.1674 94  LYS A C    
636 O  O    . LYS A 79 ? 0.8033 0.6539 0.7906 0.0076  -0.1233 -0.1925 94  LYS A O    
637 C  CB   . LYS A 79 ? 0.8061 0.7101 0.8228 -0.0227 -0.1654 -0.1975 94  LYS A CB   
638 C  CG   . LYS A 79 ? 0.7958 0.7386 0.8012 -0.0236 -0.1848 -0.2030 94  LYS A CG   
639 C  CD   . LYS A 79 ? 0.9108 0.8422 0.9371 -0.0368 -0.2231 -0.2367 94  LYS A CD   
640 C  CE   . LYS A 79 ? 0.9732 0.8756 0.9683 -0.0251 -0.2418 -0.2784 94  LYS A CE   
641 N  NZ   . LYS A 79 ? 1.0299 0.9268 1.0486 -0.0404 -0.2840 -0.3113 94  LYS A NZ   
642 N  N    . GLU A 80 ? 0.7300 0.6079 0.7666 -0.0175 -0.1028 -0.1365 95  GLU A N    
643 C  CA   . GLU A 80 ? 0.7420 0.5880 0.7948 -0.0162 -0.0921 -0.1281 95  GLU A CA   
644 C  C    . GLU A 80 ? 0.6763 0.5325 0.6958 0.0041  -0.0716 -0.1187 95  GLU A C    
645 O  O    . GLU A 80 ? 0.5679 0.4372 0.5933 0.0019  -0.0557 -0.0917 95  GLU A O    
646 C  CB   . GLU A 80 ? 0.7395 0.5856 0.8363 -0.0358 -0.0845 -0.0973 95  GLU A CB   
647 C  CG   . GLU A 80 ? 0.8443 0.6806 0.9886 -0.0582 -0.1025 -0.1008 95  GLU A CG   
648 C  CD   . GLU A 80 ? 0.8759 0.7215 1.0623 -0.0748 -0.0892 -0.0640 95  GLU A CD   
649 O  OE1  . GLU A 80 ? 0.7105 0.5921 0.8923 -0.0759 -0.0763 -0.0441 95  GLU A OE1  
650 O  OE2  . GLU A 80 ? 0.9297 0.7463 1.1542 -0.0853 -0.0906 -0.0543 95  GLU A OE2  
651 N  N    . HIS A 81 ? 0.6568 0.5100 0.6420 0.0244  -0.0726 -0.1415 96  HIS A N    
652 C  CA   . HIS A 81 ? 0.7000 0.5743 0.6575 0.0432  -0.0533 -0.1307 96  HIS A CA   
653 C  C    . HIS A 81 ? 0.7100 0.5703 0.6840 0.0478  -0.0395 -0.1136 96  HIS A C    
654 O  O    . HIS A 81 ? 0.6395 0.5213 0.6136 0.0482  -0.0262 -0.0905 96  HIS A O    
655 C  CB   . HIS A 81 ? 0.7789 0.6593 0.6959 0.0663  -0.0543 -0.1565 96  HIS A CB   
656 C  CG   . HIS A 81 ? 0.8933 0.8037 0.7843 0.0669  -0.0625 -0.1620 96  HIS A CG   
657 N  ND1  . HIS A 81 ? 0.9644 0.8976 0.8122 0.0893  -0.0565 -0.1713 96  HIS A ND1  
658 C  CD2  . HIS A 81 ? 0.9246 0.8494 0.8279 0.0496  -0.0751 -0.1560 96  HIS A CD2  
659 C  CE1  . HIS A 81 ? 1.0106 0.9692 0.8432 0.0856  -0.0668 -0.1703 96  HIS A CE1  
660 N  NE2  . HIS A 81 ? 0.9578 0.9117 0.8254 0.0616  -0.0788 -0.1618 96  HIS A NE2  
661 N  N    . ARG A 82 ? 0.7660 0.5887 0.7572 0.0505  -0.0451 -0.1247 97  ARG A N    
662 C  CA   . ARG A 82 ? 0.7720 0.5810 0.7818 0.0562  -0.0342 -0.1058 97  ARG A CA   
663 C  C    . ARG A 82 ? 0.7106 0.5296 0.7429 0.0386  -0.0291 -0.0725 97  ARG A C    
664 O  O    . ARG A 82 ? 0.6593 0.4940 0.6897 0.0445  -0.0180 -0.0523 97  ARG A O    
665 C  CB   . ARG A 82 ? 0.8420 0.6032 0.8698 0.0638  -0.0425 -0.1240 97  ARG A CB   
666 C  CG   . ARG A 82 ? 0.9742 0.7297 0.9778 0.0933  -0.0364 -0.1473 97  ARG A CG   
667 C  CD   . ARG A 82 ? 1.1814 0.8843 1.1969 0.1022  -0.0492 -0.1784 97  ARG A CD   
668 N  NE   . ARG A 82 ? 1.3162 1.0134 1.2995 0.1113  -0.0621 -0.2203 97  ARG A NE   
669 C  CZ   . ARG A 82 ? 1.5122 1.1656 1.4930 0.1246  -0.0750 -0.2590 97  ARG A CZ   
670 N  NH1  . ARG A 82 ? 1.5408 1.1467 1.5558 0.1302  -0.0761 -0.2606 97  ARG A NH1  
671 N  NH2  . ARG A 82 ? 1.6209 1.2771 1.5630 0.1339  -0.0881 -0.2978 97  ARG A NH2  
672 N  N    . LYS A 83 ? 0.7062 0.5189 0.7596 0.0182  -0.0375 -0.0678 98  LYS A N    
673 C  CA   . LYS A 83 ? 0.6962 0.5249 0.7655 0.0030  -0.0306 -0.0377 98  LYS A CA   
674 C  C    . LYS A 83 ? 0.6592 0.5255 0.7051 0.0061  -0.0203 -0.0262 98  LYS A C    
675 O  O    . LYS A 83 ? 0.6373 0.5140 0.6823 0.0069  -0.0116 -0.0054 98  LYS A O    
676 C  CB   . LYS A 83 ? 0.7312 0.5576 0.8277 -0.0178 -0.0402 -0.0376 98  LYS A CB   
677 C  CG   . LYS A 83 ? 0.7100 0.5515 0.8272 -0.0313 -0.0302 -0.0054 98  LYS A CG   
678 C  CD   . LYS A 83 ? 0.7319 0.5706 0.8884 -0.0513 -0.0389 -0.0029 98  LYS A CD   
679 C  CE   . LYS A 83 ? 0.7180 0.5751 0.8956 -0.0613 -0.0241 0.0327  98  LYS A CE   
680 N  NZ   . LYS A 83 ? 0.7298 0.5904 0.9555 -0.0819 -0.0304 0.0402  98  LYS A NZ   
681 N  N    . ILE A 84 ? 0.6580 0.5432 0.6853 0.0081  -0.0231 -0.0402 99  ILE A N    
682 C  CA   . ILE A 84 ? 0.6088 0.5246 0.6196 0.0104  -0.0149 -0.0307 99  ILE A CA   
683 C  C    . ILE A 84 ? 0.6042 0.5279 0.6045 0.0233  -0.0060 -0.0234 99  ILE A C    
684 O  O    . ILE A 84 ? 0.4935 0.4316 0.4939 0.0206  -0.0007 -0.0082 99  ILE A O    
685 C  CB   . ILE A 84 ? 0.6229 0.5560 0.6176 0.0128  -0.0196 -0.0439 99  ILE A CB   
686 C  CG1  . ILE A 84 ? 0.6540 0.5910 0.6645 -0.0017 -0.0292 -0.0456 99  ILE A CG1  
687 C  CG2  . ILE A 84 ? 0.4701 0.4289 0.4520 0.0180  -0.0101 -0.0327 99  ILE A CG2  
688 C  CD1  . ILE A 84 ? 0.6717 0.6215 0.6678 0.0016  -0.0405 -0.0623 99  ILE A CD1  
689 N  N    . TYR A 85 ? 0.5343 0.4506 0.5275 0.0381  -0.0052 -0.0354 100 TYR A N    
690 C  CA   . TYR A 85 ? 0.5471 0.4749 0.5396 0.0511  0.0033  -0.0265 100 TYR A CA   
691 C  C    . TYR A 85 ? 0.5436 0.4655 0.5513 0.0482  0.0037  -0.0082 100 TYR A C    
692 O  O    . TYR A 85 ? 0.5299 0.4718 0.5393 0.0495  0.0066  0.0049  100 TYR A O    
693 C  CB   . TYR A 85 ? 0.5746 0.4951 0.5601 0.0707  0.0065  -0.0423 100 TYR A CB   
694 C  CG   . TYR A 85 ? 0.6098 0.5535 0.5729 0.0803  0.0118  -0.0520 100 TYR A CG   
695 C  CD1  . TYR A 85 ? 0.6396 0.6162 0.6030 0.0826  0.0219  -0.0358 100 TYR A CD1  
696 C  CD2  . TYR A 85 ? 0.7103 0.6439 0.6528 0.0868  0.0056  -0.0760 100 TYR A CD2  
697 C  CE1  . TYR A 85 ? 0.6549 0.6552 0.6000 0.0917  0.0290  -0.0377 100 TYR A CE1  
698 C  CE2  . TYR A 85 ? 0.7753 0.7348 0.6913 0.0983  0.0113  -0.0813 100 TYR A CE2  
699 C  CZ   . TYR A 85 ? 0.6376 0.6310 0.5558 0.1008  0.0247  -0.0591 100 TYR A CZ   
700 O  OH   . TYR A 85 ? 0.7345 0.7550 0.6293 0.1123  0.0323  -0.0579 100 TYR A OH   
701 N  N    . THR A 86 ? 0.5813 0.4763 0.6017 0.0439  -0.0007 -0.0063 101 THR A N    
702 C  CA   . THR A 86 ? 0.5860 0.4749 0.6187 0.0422  -0.0003 0.0154  101 THR A CA   
703 C  C    . THR A 86 ? 0.5491 0.4591 0.5737 0.0309  0.0013  0.0307  101 THR A C    
704 O  O    . THR A 86 ? 0.5291 0.4536 0.5490 0.0346  0.0015  0.0441  101 THR A O    
705 C  CB   . THR A 86 ? 0.5727 0.4260 0.6258 0.0382  -0.0044 0.0173  101 THR A CB   
706 O  OG1  . THR A 86 ? 0.6397 0.4690 0.6976 0.0515  -0.0073 -0.0033 101 THR A OG1  
707 C  CG2  . THR A 86 ? 0.5452 0.3935 0.6101 0.0392  -0.0023 0.0450  101 THR A CG2  
708 N  N    . MET A 87 ? 0.5292 0.4426 0.5517 0.0186  0.0015  0.0265  102 MET A N    
709 C  CA   . MET A 87 ? 0.5388 0.4710 0.5525 0.0111  0.0051  0.0380  102 MET A CA   
710 C  C    . MET A 87 ? 0.5422 0.4954 0.5418 0.0152  0.0049  0.0337  102 MET A C    
711 O  O    . MET A 87 ? 0.5499 0.5146 0.5395 0.0151  0.0049  0.0419  102 MET A O    
712 C  CB   . MET A 87 ? 0.4987 0.4335 0.5189 -0.0005 0.0065  0.0345  102 MET A CB   
713 C  CG   . MET A 87 ? 0.5839 0.5021 0.6271 -0.0088 0.0064  0.0436  102 MET A CG   
714 S  SD   . MET A 87 ? 0.5991 0.5266 0.6625 -0.0236 0.0058  0.0413  102 MET A SD   
715 C  CE   . MET A 87 ? 0.5717 0.5011 0.6265 -0.0212 -0.0055 0.0129  102 MET A CE   
716 N  N    . ILE A 88 ? 0.5512 0.5092 0.5505 0.0194  0.0043  0.0213  103 ILE A N    
717 C  CA   . ILE A 88 ? 0.5338 0.5111 0.5300 0.0221  0.0043  0.0208  103 ILE A CA   
718 C  C    . ILE A 88 ? 0.5443 0.5285 0.5465 0.0292  0.0012  0.0293  103 ILE A C    
719 O  O    . ILE A 88 ? 0.5599 0.5568 0.5606 0.0263  -0.0035 0.0335  103 ILE A O    
720 C  CB   . ILE A 88 ? 0.5282 0.5139 0.5241 0.0263  0.0076  0.0119  103 ILE A CB   
721 C  CG1  . ILE A 88 ? 0.5419 0.5267 0.5319 0.0198  0.0074  0.0054  103 ILE A CG1  
722 C  CG2  . ILE A 88 ? 0.4196 0.4253 0.4225 0.0268  0.0089  0.0174  103 ILE A CG2  
723 C  CD1  . ILE A 88 ? 0.4775 0.4708 0.4605 0.0267  0.0093  -0.0020 103 ILE A CD1  
724 N  N    . TYR A 89 ? 0.5453 0.5204 0.5557 0.0392  0.0022  0.0306  104 TYR A N    
725 C  CA   . TYR A 89 ? 0.5297 0.5151 0.5517 0.0490  -0.0008 0.0403  104 TYR A CA   
726 C  C    . TYR A 89 ? 0.5645 0.5546 0.5813 0.0462  -0.0088 0.0538  104 TYR A C    
727 O  O    . TYR A 89 ? 0.5715 0.5813 0.5953 0.0493  -0.0165 0.0600  104 TYR A O    
728 C  CB   . TYR A 89 ? 0.5453 0.5148 0.5779 0.0632  0.0026  0.0389  104 TYR A CB   
729 C  CG   . TYR A 89 ? 0.6615 0.6436 0.7011 0.0755  0.0100  0.0302  104 TYR A CG   
730 C  CD1  . TYR A 89 ? 0.7463 0.7585 0.8026 0.0815  0.0112  0.0393  104 TYR A CD1  
731 C  CD2  . TYR A 89 ? 0.8279 0.7942 0.8585 0.0826  0.0158  0.0133  104 TYR A CD2  
732 C  CE1  . TYR A 89 ? 0.6961 0.7262 0.7614 0.0950  0.0222  0.0358  104 TYR A CE1  
733 C  CE2  . TYR A 89 ? 0.8971 0.8792 0.9276 0.0982  0.0255  0.0060  104 TYR A CE2  
734 C  CZ   . TYR A 89 ? 0.7688 0.7844 0.8178 0.1046  0.0309  0.0196  104 TYR A CZ   
735 O  OH   . TYR A 89 ? 0.7365 0.7734 0.7878 0.1213  0.0444  0.0168  104 TYR A OH   
736 N  N    . ARG A 90 ? 0.5398 0.5153 0.5451 0.0407  -0.0074 0.0593  105 ARG A N    
737 C  CA   . ARG A 90 ? 0.5645 0.5467 0.5560 0.0405  -0.0122 0.0738  105 ARG A CA   
738 C  C    . ARG A 90 ? 0.5768 0.5781 0.5511 0.0349  -0.0183 0.0665  105 ARG A C    
739 O  O    . ARG A 90 ? 0.6069 0.6191 0.5641 0.0379  -0.0257 0.0741  105 ARG A O    
740 C  CB   . ARG A 90 ? 0.5323 0.4972 0.5202 0.0364  -0.0049 0.0848  105 ARG A CB   
741 C  CG   . ARG A 90 ? 0.6468 0.5881 0.6556 0.0427  -0.0031 0.0945  105 ARG A CG   
742 C  CD   . ARG A 90 ? 0.6879 0.6133 0.7021 0.0365  0.0033  0.1122  105 ARG A CD   
743 N  NE   . ARG A 90 ? 0.6297 0.5251 0.6706 0.0406  0.0035  0.1195  105 ARG A NE   
744 C  CZ   . ARG A 90 ? 0.7101 0.5804 0.7727 0.0310  0.0069  0.1215  105 ARG A CZ   
745 N  NH1  . ARG A 90 ? 0.8033 0.6797 0.8666 0.0166  0.0116  0.1195  105 ARG A NH1  
746 N  NH2  . ARG A 90 ? 0.6643 0.5024 0.7532 0.0362  0.0045  0.1248  105 ARG A NH2  
747 N  N    . ASN A 91 ? 0.5277 0.5314 0.5059 0.0283  -0.0162 0.0515  106 ASN A N    
748 C  CA   . ASN A 91 ? 0.5602 0.5740 0.5285 0.0227  -0.0218 0.0413  106 ASN A CA   
749 C  C    . ASN A 91 ? 0.5255 0.5533 0.5146 0.0207  -0.0308 0.0355  106 ASN A C    
750 O  O    . ASN A 91 ? 0.5393 0.5693 0.5315 0.0139  -0.0343 0.0255  106 ASN A O    
751 C  CB   . ASN A 91 ? 0.5159 0.5208 0.4790 0.0166  -0.0120 0.0331  106 ASN A CB   
752 C  CG   . ASN A 91 ? 0.6024 0.6033 0.5478 0.0171  -0.0048 0.0398  106 ASN A CG   
753 O  OD1  . ASN A 91 ? 0.5248 0.5330 0.4488 0.0205  -0.0075 0.0403  106 ASN A OD1  
754 N  ND2  . ASN A 91 ? 0.5086 0.4996 0.4636 0.0142  0.0041  0.0455  106 ASN A ND2  
755 N  N    . LEU A 92 ? 0.5042 0.5418 0.5127 0.0268  -0.0338 0.0438  107 LEU A N    
756 C  CA   . LEU A 92 ? 0.5102 0.5671 0.5480 0.0247  -0.0395 0.0435  107 LEU A CA   
757 C  C    . LEU A 92 ? 0.5425 0.6160 0.5993 0.0342  -0.0458 0.0554  107 LEU A C    
758 O  O    . LEU A 92 ? 0.5035 0.5687 0.5497 0.0434  -0.0445 0.0635  107 LEU A O    
759 C  CB   . LEU A 92 ? 0.5626 0.6190 0.6146 0.0236  -0.0256 0.0416  107 LEU A CB   
760 C  CG   . LEU A 92 ? 0.5158 0.5623 0.5635 0.0335  -0.0116 0.0426  107 LEU A CG   
761 C  CD1  . LEU A 92 ? 0.5942 0.6549 0.6631 0.0465  -0.0089 0.0508  107 LEU A CD1  
762 C  CD2  . LEU A 92 ? 0.3993 0.4445 0.4449 0.0312  -0.0011 0.0375  107 LEU A CD2  
763 N  N    . VAL A 93 ? 0.5359 0.6341 0.6253 0.0313  -0.0542 0.0583  108 VAL A N    
764 C  CA   . VAL A 93 ? 0.5150 0.6371 0.6331 0.0411  -0.0601 0.0711  108 VAL A CA   
765 C  C    . VAL A 93 ? 0.4971 0.6362 0.6500 0.0449  -0.0451 0.0770  108 VAL A C    
766 O  O    . VAL A 93 ? 0.4521 0.6008 0.6235 0.0337  -0.0433 0.0754  108 VAL A O    
767 C  CB   . VAL A 93 ? 0.5446 0.6905 0.6776 0.0344  -0.0864 0.0718  108 VAL A CB   
768 C  CG1  . VAL A 93 ? 0.4736 0.6524 0.6483 0.0443  -0.0929 0.0877  108 VAL A CG1  
769 C  CG2  . VAL A 93 ? 0.6191 0.7529 0.7086 0.0360  -0.0997 0.0677  108 VAL A CG2  
770 N  N    . VAL A 94 ? 0.4600 0.6038 0.6234 0.0624  -0.0335 0.0850  109 VAL A N    
771 C  CA   . VAL A 94 ? 0.4701 0.6360 0.6631 0.0716  -0.0162 0.0916  109 VAL A CA   
772 C  C    . VAL A 94 ? 0.4693 0.6784 0.7141 0.0699  -0.0261 0.1065  109 VAL A C    
773 O  O    . VAL A 94 ? 0.4780 0.7001 0.7365 0.0745  -0.0422 0.1134  109 VAL A O    
774 C  CB   . VAL A 94 ? 0.4686 0.6199 0.6496 0.0936  0.0015  0.0890  109 VAL A CB   
775 C  CG1  . VAL A 94 ? 0.4041 0.5815 0.6073 0.1065  0.0218  0.0941  109 VAL A CG1  
776 C  CG2  . VAL A 94 ? 0.4527 0.5628 0.5897 0.0898  0.0065  0.0732  109 VAL A CG2  
777 N  N    . VAL A 95 ? 0.4985 0.7317 0.7747 0.0625  -0.0172 0.1136  110 VAL A N    
778 C  CA   . VAL A 95 ? 0.5867 0.8657 0.9248 0.0577  -0.0250 0.1305  110 VAL A CA   
779 C  C    . VAL A 95 ? 0.6209 0.9351 0.9935 0.0767  0.0020  0.1478  110 VAL A C    
780 O  O    . VAL A 95 ? 0.6332 0.9386 0.9826 0.0867  0.0266  0.1455  110 VAL A O    
781 C  CB   . VAL A 95 ? 0.5457 0.8286 0.9068 0.0308  -0.0395 0.1293  110 VAL A CB   
782 C  CG1  . VAL A 95 ? 0.5839 0.8388 0.9120 0.0179  -0.0672 0.1104  110 VAL A CG1  
783 C  CG2  . VAL A 95 ? 0.5168 0.7859 0.8648 0.0259  -0.0193 0.1292  110 VAL A CG2  
784 N  N    . ASN A 96 ? 0.6837 1.0403 1.1096 0.0838  -0.0030 0.1644  111 ASN A N    
785 C  CA   . ASN A 96 ? 0.7353 1.1335 1.2003 0.1057  0.0242  0.1831  111 ASN A CA   
786 C  C    . ASN A 96 ? 0.7543 1.2104 1.2991 0.1003  0.0127  0.2064  111 ASN A C    
787 O  O    . ASN A 96 ? 0.7932 1.2556 1.3545 0.0937  -0.0168 0.2055  111 ASN A O    
788 C  CB   . ASN A 96 ? 0.7495 1.1306 1.1838 0.1383  0.0397  0.1751  111 ASN A CB   
789 C  CG   . ASN A 96 ? 0.7489 1.0994 1.1297 0.1519  0.0659  0.1599  111 ASN A CG   
790 O  OD1  . ASN A 96 ? 0.7870 1.1625 1.1766 0.1578  0.0897  0.1689  111 ASN A OD1  
791 N  ND2  . ASN A 96 ? 0.5071 0.8058 0.8339 0.1567  0.0607  0.1383  111 ASN A ND2  
792 C  C1   . 1I3 B .  ? 0.6996 0.7462 0.5627 0.0497  -0.0941 -0.1182 201 1I3 A C1   
793 C  C2   . 1I3 B .  ? 0.6120 0.6856 0.4879 0.0453  -0.0930 -0.0938 201 1I3 A C2   
794 C  C3   . 1I3 B .  ? 0.6317 0.7120 0.5174 0.0466  -0.0698 -0.0652 201 1I3 A C3   
795 C  C5   . 1I3 B .  ? 0.6472 0.7390 0.5559 0.0454  -0.0424 -0.0231 201 1I3 A C5   
796 C  C6   . 1I3 B .  ? 0.6556 0.7571 0.5851 0.0437  -0.0315 0.0035  201 1I3 A C6   
797 C  C7   . 1I3 B .  ? 0.5521 0.6797 0.4642 0.0575  -0.0306 0.0216  201 1I3 A C7   
798 C  C8   . 1I3 B .  ? 0.5576 0.6577 0.5190 0.0316  -0.0381 0.0048  201 1I3 A C8   
799 O  O9   . 1I3 B .  ? 0.5427 0.6219 0.5196 0.0197  -0.0366 -0.0063 201 1I3 A O9   
800 C  C12  . 1I3 B .  ? 0.6138 0.6798 0.5213 0.0493  -0.0167 -0.0220 201 1I3 A C12  
801 C  C15  . 1I3 B .  ? 0.5044 0.5370 0.4563 0.0225  -0.0271 -0.0327 201 1I3 A C15  
802 C  C16  . 1I3 B .  ? 0.5220 0.5437 0.4995 0.0104  -0.0211 -0.0233 201 1I3 A C16  
803 C  C17  . 1I3 B .  ? 0.5162 0.5291 0.4921 0.0132  -0.0091 -0.0161 201 1I3 A C17  
804 C  C18  . 1I3 B .  ? 0.4632 0.4687 0.4551 0.0042  -0.0043 -0.0077 201 1I3 A C18  
805 C  C19  . 1I3 B .  ? 0.4405 0.4683 0.4091 0.0210  -0.0010 -0.0048 201 1I3 A C19  
806 C  C21  . 1I3 B .  ? 0.6283 0.6929 0.5111 0.0509  -0.0509 -0.0613 201 1I3 A C21  
807 C  C24  . 1I3 B .  ? 0.6446 0.6748 0.5137 0.0638  -0.0352 -0.0807 201 1I3 A C24  
808 C  C27  . 1I3 B .  ? 0.5779 0.5974 0.4537 0.0800  -0.0038 -0.0691 201 1I3 A C27  
809 C  C30  . 1I3 B .  ? 0.5932 0.5958 0.4871 0.0542  -0.0338 -0.0843 201 1I3 A C30  
810 C  C31  . 1I3 B .  ? 0.7269 0.7567 0.5820 0.0483  -0.1195 -0.1536 201 1I3 A C31  
811 C  C34  . 1I3 B .  ? 0.9561 0.9676 0.8104 0.0404  -0.1664 -0.2054 201 1I3 A C34  
812 N  N4   . 1I3 B .  ? 0.5462 0.6440 0.4480 0.0444  -0.0624 -0.0397 201 1I3 A N4   
813 C  C10  . 1I3 B .  ? 0.4727 0.5551 0.4779 0.0087  -0.0443 -0.0084 201 1I3 A C10  
814 N  N11  . 1I3 B .  ? 0.6208 0.6950 0.5187 0.0489  -0.0351 -0.0345 201 1I3 A N11  
815 C  C13  . 1I3 B .  ? 0.6098 0.6974 0.5109 0.0595  -0.0025 0.0014  201 1I3 A C13  
816 C  C14  . 1I3 B .  ? 0.4939 0.5439 0.4333 0.0332  -0.0152 -0.0168 201 1I3 A C14  
817 C  C20  . 1I3 B .  ? 0.5455 0.5856 0.4921 0.0334  -0.0026 -0.0099 201 1I3 A C20  
818 C  C22  . 1I3 B .  ? 0.6769 0.7195 0.5467 0.0564  -0.0533 -0.0846 201 1I3 A C22  
819 N  N23  . 1I3 B .  ? 0.7437 0.7764 0.6033 0.0564  -0.0738 -0.1120 201 1I3 A N23  
820 C  C25  . 1I3 B .  ? 0.6830 0.7335 0.5299 0.0815  -0.0184 -0.0693 201 1I3 A C25  
821 N  N26  . 1I3 B .  ? 0.6571 0.7024 0.5101 0.0884  -0.0027 -0.0638 201 1I3 A N26  
822 C  C28  . 1I3 B .  ? 0.6153 0.6123 0.5100 0.0631  -0.0186 -0.0781 201 1I3 A C28  
823 CL CL29 . 1I3 B .  ? 0.6749 0.6409 0.5987 0.0537  -0.0179 -0.0775 201 1I3 A CL29 
824 N  N32  . 1I3 B .  ? 0.8469 0.8454 0.6950 0.0531  -0.1207 -0.1772 201 1I3 A N32  
825 O  O33  . 1I3 B .  ? 1.0280 1.0132 0.8738 0.0498  -0.1464 -0.2078 201 1I3 A O33  
826 O  O35  . 1I3 B .  ? 1.0086 1.0170 0.8683 0.0330  -0.1968 -0.2315 201 1I3 A O35  
827 N  N36  . 1I3 B .  ? 0.8746 0.9158 0.7349 0.0405  -0.1481 -0.1690 201 1I3 A N36  
# 
